data_2L52
#
_entry.id   2L52
#
_entity_poly.entity_id   1
_entity_poly.type   'polypeptide(L)'
_entity_poly.pdbx_seq_one_letter_code
;GHMAEVKVKLFANLREAAGTPELPLSGEKVIDVLLSLTDKYPALKYVIFEKGDEKSEILILCGSINILINGNNIRHLEGL
ETLLKDSDEIGILPPVSGG
;
_entity_poly.pdbx_strand_id   A
#
# COMPACT_ATOMS: atom_id res chain seq x y z
N GLY A 1 -0.47 -8.98 16.79
CA GLY A 1 -0.40 -10.43 16.61
C GLY A 1 -0.87 -10.84 15.22
N HIS A 2 -0.28 -11.91 14.69
CA HIS A 2 -0.54 -12.42 13.34
C HIS A 2 -0.28 -11.39 12.24
N MET A 3 -0.32 -11.86 10.99
CA MET A 3 -0.23 -11.06 9.79
C MET A 3 -1.09 -11.75 8.74
N ALA A 4 -2.28 -11.17 8.49
CA ALA A 4 -3.24 -11.77 7.59
C ALA A 4 -2.64 -11.85 6.20
N GLU A 5 -2.75 -13.02 5.56
CA GLU A 5 -2.20 -13.22 4.23
C GLU A 5 -3.13 -12.60 3.19
N VAL A 6 -2.57 -11.77 2.31
CA VAL A 6 -3.34 -10.99 1.36
C VAL A 6 -2.66 -10.98 0.00
N LYS A 7 -3.20 -10.16 -0.91
CA LYS A 7 -2.55 -9.88 -2.18
C LYS A 7 -2.46 -8.37 -2.38
N VAL A 8 -1.55 -7.93 -3.23
CA VAL A 8 -1.35 -6.52 -3.54
C VAL A 8 -1.21 -6.37 -5.04
N LYS A 9 -1.96 -5.43 -5.60
CA LYS A 9 -1.92 -5.12 -7.02
C LYS A 9 -1.38 -3.70 -7.23
N LEU A 10 -0.51 -3.53 -8.22
CA LEU A 10 0.03 -2.24 -8.60
C LEU A 10 -0.52 -1.86 -9.96
N PHE A 11 -0.47 -0.58 -10.30
CA PHE A 11 -1.00 -0.08 -11.55
C PHE A 11 -0.13 1.09 -12.04
N ALA A 12 -0.18 1.37 -13.34
CA ALA A 12 0.66 2.39 -13.96
C ALA A 12 2.12 2.23 -13.51
N ASN A 13 2.84 3.35 -13.37
CA ASN A 13 4.26 3.37 -13.00
C ASN A 13 4.56 2.63 -11.69
N LEU A 14 3.56 2.28 -10.89
CA LEU A 14 3.79 1.54 -9.66
C LEU A 14 4.11 0.08 -9.99
N ARG A 15 3.54 -0.44 -11.08
CA ARG A 15 3.82 -1.78 -11.58
C ARG A 15 5.24 -1.84 -12.15
N GLU A 16 5.69 -0.73 -12.72
CA GLU A 16 7.02 -0.63 -13.30
C GLU A 16 8.10 -0.65 -12.23
N ALA A 17 7.80 -0.10 -11.05
CA ALA A 17 8.80 -0.02 -10.02
C ALA A 17 8.81 -1.28 -9.15
N ALA A 18 7.70 -2.02 -9.11
CA ALA A 18 7.62 -3.30 -8.43
C ALA A 18 8.11 -4.43 -9.34
N GLY A 19 8.13 -4.15 -10.64
CA GLY A 19 8.54 -5.13 -11.63
C GLY A 19 7.46 -6.21 -11.82
N THR A 20 6.32 -6.07 -11.14
CA THR A 20 5.23 -7.03 -11.18
C THR A 20 3.89 -6.29 -11.11
N PRO A 21 2.84 -6.83 -11.74
CA PRO A 21 1.51 -6.26 -11.69
C PRO A 21 0.86 -6.54 -10.33
N GLU A 22 1.28 -7.60 -9.65
CA GLU A 22 0.74 -7.96 -8.35
C GLU A 22 1.64 -8.98 -7.66
N LEU A 23 1.47 -9.13 -6.34
CA LEU A 23 2.24 -10.08 -5.54
C LEU A 23 1.51 -10.39 -4.23
N PRO A 24 1.78 -11.55 -3.63
CA PRO A 24 1.26 -11.91 -2.31
C PRO A 24 2.05 -11.17 -1.23
N LEU A 25 1.42 -10.97 -0.07
CA LEU A 25 2.03 -10.33 1.09
C LEU A 25 1.18 -10.64 2.32
N SER A 26 1.52 -10.06 3.47
CA SER A 26 0.74 -10.24 4.68
C SER A 26 0.76 -8.98 5.54
N GLY A 27 -0.21 -8.88 6.44
CA GLY A 27 -0.32 -7.81 7.41
C GLY A 27 -1.68 -7.85 8.09
N GLU A 28 -1.75 -7.47 9.36
CA GLU A 28 -2.99 -7.52 10.11
C GLU A 28 -3.88 -6.34 9.75
N LYS A 29 -3.25 -5.26 9.28
CA LYS A 29 -3.92 -4.06 8.82
C LYS A 29 -3.34 -3.63 7.47
N VAL A 30 -3.98 -2.66 6.82
CA VAL A 30 -3.56 -2.20 5.51
C VAL A 30 -2.09 -1.80 5.56
N ILE A 31 -1.73 -0.98 6.54
CA ILE A 31 -0.38 -0.45 6.65
C ILE A 31 0.66 -1.57 6.81
N ASP A 32 0.31 -2.68 7.47
CA ASP A 32 1.27 -3.75 7.68
C ASP A 32 1.62 -4.45 6.36
N VAL A 33 0.75 -4.33 5.35
CA VAL A 33 1.01 -4.89 4.04
C VAL A 33 1.82 -3.87 3.22
N LEU A 34 1.39 -2.60 3.27
CA LEU A 34 2.06 -1.50 2.61
C LEU A 34 3.53 -1.40 3.01
N LEU A 35 3.82 -1.62 4.29
CA LEU A 35 5.19 -1.50 4.80
C LEU A 35 6.09 -2.64 4.33
N SER A 36 5.51 -3.75 3.87
CA SER A 36 6.30 -4.84 3.33
C SER A 36 6.54 -4.63 1.83
N LEU A 37 5.58 -3.98 1.17
CA LEU A 37 5.68 -3.66 -0.24
C LEU A 37 6.90 -2.75 -0.46
N THR A 38 7.01 -1.70 0.36
CA THR A 38 8.12 -0.75 0.29
C THR A 38 9.42 -1.38 0.79
N ASP A 39 9.35 -2.53 1.49
CA ASP A 39 10.52 -3.15 2.09
C ASP A 39 11.46 -3.72 1.04
N LYS A 40 10.88 -4.37 0.03
CA LYS A 40 11.66 -4.99 -1.03
C LYS A 40 11.68 -4.12 -2.28
N TYR A 41 10.72 -3.20 -2.37
CA TYR A 41 10.61 -2.24 -3.47
C TYR A 41 10.79 -0.83 -2.92
N PRO A 42 12.04 -0.43 -2.60
CA PRO A 42 12.33 0.87 -2.05
C PRO A 42 12.00 1.96 -3.07
N ALA A 43 11.86 1.57 -4.33
CA ALA A 43 11.45 2.45 -5.41
C ALA A 43 9.98 2.85 -5.28
N LEU A 44 9.29 2.36 -4.25
CA LEU A 44 7.91 2.72 -3.96
C LEU A 44 7.77 3.25 -2.53
N LYS A 45 8.86 3.21 -1.75
CA LYS A 45 8.84 3.65 -0.36
C LYS A 45 8.55 5.14 -0.24
N TYR A 46 8.84 5.89 -1.29
CA TYR A 46 8.61 7.33 -1.32
C TYR A 46 7.67 7.67 -2.47
N VAL A 47 6.85 6.69 -2.85
CA VAL A 47 5.81 6.84 -3.87
C VAL A 47 4.48 6.44 -3.25
N ILE A 48 4.52 5.76 -2.09
CA ILE A 48 3.33 5.37 -1.35
C ILE A 48 3.34 6.07 0.01
N PHE A 49 4.50 6.53 0.48
CA PHE A 49 4.60 7.29 1.71
C PHE A 49 5.38 8.58 1.53
N GLU A 50 5.18 9.52 2.44
CA GLU A 50 5.90 10.78 2.46
C GLU A 50 7.29 10.57 3.07
N LYS A 51 8.31 11.17 2.42
CA LYS A 51 9.70 11.11 2.84
C LYS A 51 9.97 12.04 4.02
N GLY A 52 9.20 11.87 5.10
CA GLY A 52 9.32 12.69 6.30
C GLY A 52 9.74 11.84 7.51
N ASP A 53 9.87 12.48 8.68
CA ASP A 53 10.31 11.83 9.91
C ASP A 53 11.52 10.92 9.68
N GLU A 54 12.49 11.43 8.91
CA GLU A 54 13.69 10.70 8.53
C GLU A 54 14.62 10.40 9.72
N LYS A 55 14.12 10.52 10.96
CA LYS A 55 14.89 10.28 12.17
C LYS A 55 14.10 9.37 13.13
N SER A 56 13.04 8.75 12.61
CA SER A 56 12.17 7.87 13.36
C SER A 56 11.59 6.82 12.43
N GLU A 57 10.58 6.11 12.92
CA GLU A 57 9.93 5.07 12.16
C GLU A 57 8.46 5.43 11.91
N ILE A 58 8.11 6.67 12.21
CA ILE A 58 6.81 7.21 11.86
C ILE A 58 6.82 7.48 10.35
N LEU A 59 5.75 7.07 9.67
CA LEU A 59 5.57 7.31 8.25
C LEU A 59 4.14 7.83 8.00
N ILE A 60 3.91 8.33 6.78
CA ILE A 60 2.65 8.92 6.38
C ILE A 60 2.34 8.50 4.96
N LEU A 61 1.11 8.03 4.70
CA LEU A 61 0.72 7.66 3.35
C LEU A 61 0.80 8.90 2.47
N CYS A 62 1.22 8.74 1.20
CA CYS A 62 1.30 9.87 0.29
C CYS A 62 -0.06 10.56 0.16
N GLY A 63 -0.05 11.81 -0.30
CA GLY A 63 -1.24 12.64 -0.41
C GLY A 63 -1.75 12.66 -1.85
N SER A 64 -1.32 11.69 -2.65
CA SER A 64 -1.65 11.62 -4.07
C SER A 64 -1.98 10.20 -4.50
N ILE A 65 -1.84 9.21 -3.61
CA ILE A 65 -2.11 7.82 -3.91
C ILE A 65 -3.55 7.47 -3.60
N ASN A 66 -4.03 6.37 -4.19
CA ASN A 66 -5.30 5.78 -3.85
C ASN A 66 -5.05 4.32 -3.52
N ILE A 67 -5.57 3.89 -2.37
CA ILE A 67 -5.44 2.52 -1.92
C ILE A 67 -6.82 1.88 -1.88
N LEU A 68 -6.90 0.58 -2.22
CA LEU A 68 -8.16 -0.13 -2.28
C LEU A 68 -8.07 -1.41 -1.47
N ILE A 69 -9.23 -1.97 -1.08
CA ILE A 69 -9.30 -3.28 -0.47
C ILE A 69 -10.40 -4.06 -1.18
N ASN A 70 -10.00 -5.06 -1.99
CA ASN A 70 -10.91 -5.75 -2.89
C ASN A 70 -11.64 -4.77 -3.83
N GLY A 71 -11.20 -3.50 -3.86
CA GLY A 71 -11.81 -2.45 -4.65
C GLY A 71 -12.65 -1.49 -3.82
N ASN A 72 -12.77 -1.75 -2.51
CA ASN A 72 -13.64 -1.00 -1.60
C ASN A 72 -13.08 0.37 -1.19
N ASN A 73 -11.88 0.75 -1.66
CA ASN A 73 -11.22 2.02 -1.37
C ASN A 73 -11.16 2.35 0.13
N ILE A 74 -10.00 2.12 0.77
CA ILE A 74 -9.82 2.45 2.19
C ILE A 74 -10.22 3.89 2.50
N ARG A 75 -10.24 4.77 1.49
CA ARG A 75 -10.68 6.15 1.65
C ARG A 75 -12.14 6.26 2.08
N HIS A 76 -12.90 5.16 2.00
CA HIS A 76 -14.28 5.11 2.47
C HIS A 76 -14.43 4.10 3.60
N LEU A 77 -13.31 3.60 4.12
CA LEU A 77 -13.26 2.61 5.17
C LEU A 77 -12.41 3.14 6.33
N GLU A 78 -11.84 2.24 7.14
CA GLU A 78 -11.07 2.62 8.31
C GLU A 78 -9.72 3.25 7.93
N GLY A 79 -9.40 3.31 6.64
CA GLY A 79 -8.13 3.84 6.19
C GLY A 79 -7.03 2.80 6.36
N LEU A 80 -5.85 3.22 6.82
CA LEU A 80 -4.70 2.34 7.02
C LEU A 80 -4.98 1.24 8.06
N GLU A 81 -6.19 1.17 8.59
CA GLU A 81 -6.54 0.23 9.66
C GLU A 81 -7.79 -0.58 9.31
N THR A 82 -8.09 -0.72 8.01
CA THR A 82 -9.24 -1.46 7.51
C THR A 82 -9.20 -2.95 7.87
N LEU A 83 -8.16 -3.41 8.56
CA LEU A 83 -8.04 -4.79 9.04
C LEU A 83 -8.23 -5.83 7.93
N LEU A 84 -7.11 -6.14 7.25
CA LEU A 84 -7.04 -7.15 6.19
C LEU A 84 -7.43 -8.54 6.70
N LYS A 85 -7.50 -9.50 5.77
CA LYS A 85 -7.87 -10.88 6.05
C LYS A 85 -7.03 -11.84 5.23
N ASP A 86 -7.08 -13.12 5.61
CA ASP A 86 -6.27 -14.18 5.04
C ASP A 86 -6.52 -14.47 3.55
N SER A 87 -7.37 -13.67 2.91
CA SER A 87 -7.59 -13.77 1.49
C SER A 87 -8.02 -12.43 0.91
N ASP A 88 -7.82 -11.35 1.66
CA ASP A 88 -8.09 -10.01 1.16
C ASP A 88 -7.10 -9.64 0.05
N GLU A 89 -7.29 -8.44 -0.51
CA GLU A 89 -6.53 -7.94 -1.65
C GLU A 89 -6.45 -6.42 -1.53
N ILE A 90 -5.39 -5.84 -2.08
CA ILE A 90 -5.17 -4.40 -2.04
C ILE A 90 -4.77 -3.95 -3.44
N GLY A 91 -5.03 -2.68 -3.75
CA GLY A 91 -4.60 -2.09 -4.99
C GLY A 91 -4.05 -0.70 -4.70
N ILE A 92 -2.90 -0.37 -5.28
CA ILE A 92 -2.28 0.93 -5.09
C ILE A 92 -2.23 1.65 -6.44
N LEU A 93 -2.70 2.90 -6.47
CA LEU A 93 -2.78 3.67 -7.70
C LEU A 93 -2.22 5.08 -7.49
N PRO A 94 -1.60 5.65 -8.53
CA PRO A 94 -1.05 7.00 -8.53
C PRO A 94 -2.17 8.04 -8.70
N PRO A 95 -1.83 9.33 -8.61
CA PRO A 95 -2.78 10.40 -8.85
C PRO A 95 -3.19 10.45 -10.31
N VAL A 96 -4.22 11.25 -10.62
CA VAL A 96 -4.75 11.40 -11.96
C VAL A 96 -5.05 12.87 -12.24
N SER A 97 -5.18 13.21 -13.53
CA SER A 97 -5.43 14.57 -13.99
C SER A 97 -4.43 15.58 -13.43
N GLY A 98 -3.28 15.12 -12.94
CA GLY A 98 -2.25 15.97 -12.37
C GLY A 98 -1.11 15.12 -11.77
N GLY A 99 -0.10 15.80 -11.24
CA GLY A 99 1.05 15.14 -10.63
C GLY A 99 2.06 16.16 -10.13
N GLY A 1 -1.36 -12.22 18.00
CA GLY A 1 -0.71 -11.51 16.87
C GLY A 1 -0.77 -12.33 15.60
N HIS A 2 -1.01 -11.67 14.46
CA HIS A 2 -1.11 -12.31 13.16
C HIS A 2 -0.74 -11.34 12.06
N MET A 3 -0.59 -11.85 10.84
CA MET A 3 -0.36 -11.06 9.64
C MET A 3 -1.20 -11.70 8.54
N ALA A 4 -2.37 -11.13 8.30
CA ALA A 4 -3.33 -11.69 7.37
C ALA A 4 -2.74 -11.69 5.97
N GLU A 5 -2.85 -12.81 5.27
CA GLU A 5 -2.31 -12.94 3.93
C GLU A 5 -3.24 -12.26 2.94
N VAL A 6 -2.67 -11.45 2.05
CA VAL A 6 -3.43 -10.63 1.12
C VAL A 6 -2.74 -10.60 -0.24
N LYS A 7 -3.27 -9.77 -1.14
CA LYS A 7 -2.66 -9.49 -2.42
C LYS A 7 -2.56 -7.97 -2.59
N VAL A 8 -1.61 -7.51 -3.40
CA VAL A 8 -1.38 -6.09 -3.63
C VAL A 8 -1.14 -5.87 -5.11
N LYS A 9 -1.93 -4.97 -5.69
CA LYS A 9 -1.79 -4.59 -7.09
C LYS A 9 -1.16 -3.21 -7.20
N LEU A 10 -0.49 -2.96 -8.32
CA LEU A 10 0.13 -1.67 -8.60
C LEU A 10 -0.28 -1.25 -10.00
N PHE A 11 -0.24 0.06 -10.28
CA PHE A 11 -0.73 0.61 -11.53
C PHE A 11 0.14 1.77 -11.95
N ALA A 12 0.12 2.11 -13.25
CA ALA A 12 0.99 3.12 -13.81
C ALA A 12 2.44 2.92 -13.35
N ASN A 13 3.19 4.01 -13.17
CA ASN A 13 4.60 3.98 -12.80
C ASN A 13 4.88 3.20 -11.50
N LEU A 14 3.86 2.87 -10.71
CA LEU A 14 4.07 2.10 -9.48
C LEU A 14 4.39 0.64 -9.83
N ARG A 15 3.85 0.14 -10.95
CA ARG A 15 4.14 -1.20 -11.44
C ARG A 15 5.58 -1.27 -11.93
N GLU A 16 6.09 -0.16 -12.44
CA GLU A 16 7.44 -0.06 -12.98
C GLU A 16 8.49 -0.01 -11.88
N ALA A 17 8.08 0.35 -10.66
CA ALA A 17 9.00 0.48 -9.55
C ALA A 17 9.07 -0.82 -8.75
N ALA A 18 8.35 -1.85 -9.19
CA ALA A 18 8.37 -3.17 -8.60
C ALA A 18 8.55 -4.25 -9.66
N GLY A 19 8.47 -3.86 -10.94
CA GLY A 19 8.61 -4.78 -12.05
C GLY A 19 7.45 -5.78 -12.14
N THR A 20 6.39 -5.57 -11.34
CA THR A 20 5.26 -6.49 -11.30
C THR A 20 3.95 -5.71 -11.15
N PRO A 21 2.89 -6.14 -11.83
CA PRO A 21 1.58 -5.51 -11.75
C PRO A 21 0.86 -5.89 -10.47
N GLU A 22 1.32 -6.96 -9.79
CA GLU A 22 0.70 -7.45 -8.57
C GLU A 22 1.64 -8.42 -7.84
N LEU A 23 1.41 -8.61 -6.54
CA LEU A 23 2.19 -9.51 -5.71
C LEU A 23 1.43 -9.88 -4.43
N PRO A 24 1.78 -11.02 -3.81
CA PRO A 24 1.26 -11.39 -2.50
C PRO A 24 2.01 -10.65 -1.40
N LEU A 25 1.34 -10.47 -0.25
CA LEU A 25 1.91 -9.86 0.96
C LEU A 25 1.05 -10.24 2.15
N SER A 26 1.39 -9.69 3.33
CA SER A 26 0.61 -9.94 4.54
C SER A 26 0.64 -8.75 5.49
N GLY A 27 -0.31 -8.73 6.43
CA GLY A 27 -0.37 -7.71 7.47
C GLY A 27 -1.71 -7.78 8.19
N GLU A 28 -1.77 -7.29 9.43
CA GLU A 28 -3.00 -7.31 10.20
C GLU A 28 -3.91 -6.16 9.76
N LYS A 29 -3.30 -5.11 9.20
CA LYS A 29 -3.99 -3.92 8.75
C LYS A 29 -3.39 -3.44 7.43
N VAL A 30 -4.03 -2.45 6.81
CA VAL A 30 -3.58 -1.92 5.53
C VAL A 30 -2.13 -1.47 5.62
N ILE A 31 -1.80 -0.76 6.70
CA ILE A 31 -0.46 -0.22 6.88
C ILE A 31 0.60 -1.33 6.97
N ASP A 32 0.26 -2.48 7.57
CA ASP A 32 1.23 -3.54 7.73
C ASP A 32 1.60 -4.17 6.39
N VAL A 33 0.72 -4.04 5.39
CA VAL A 33 0.97 -4.56 4.06
C VAL A 33 1.70 -3.50 3.23
N LEU A 34 1.30 -2.23 3.38
CA LEU A 34 1.94 -1.14 2.66
C LEU A 34 3.37 -0.93 3.13
N LEU A 35 3.67 -1.19 4.40
CA LEU A 35 5.02 -1.10 4.92
C LEU A 35 5.86 -2.31 4.47
N SER A 36 5.19 -3.40 4.09
CA SER A 36 5.83 -4.59 3.56
C SER A 36 6.05 -4.46 2.06
N LEU A 37 5.23 -3.65 1.38
CA LEU A 37 5.41 -3.33 -0.03
C LEU A 37 6.68 -2.50 -0.21
N THR A 38 6.82 -1.43 0.58
CA THR A 38 8.01 -0.56 0.56
C THR A 38 9.25 -1.27 1.08
N ASP A 39 9.08 -2.43 1.73
CA ASP A 39 10.17 -3.13 2.37
C ASP A 39 11.12 -3.74 1.35
N LYS A 40 10.56 -4.25 0.26
CA LYS A 40 11.35 -4.86 -0.79
C LYS A 40 11.42 -3.98 -2.02
N TYR A 41 10.50 -3.01 -2.11
CA TYR A 41 10.46 -2.03 -3.18
C TYR A 41 10.67 -0.64 -2.58
N PRO A 42 11.91 -0.32 -2.19
CA PRO A 42 12.23 0.96 -1.59
C PRO A 42 11.99 2.10 -2.57
N ALA A 43 11.88 1.75 -3.85
CA ALA A 43 11.55 2.69 -4.92
C ALA A 43 10.09 3.14 -4.85
N LEU A 44 9.34 2.64 -3.85
CA LEU A 44 7.97 3.06 -3.60
C LEU A 44 7.82 3.58 -2.17
N LYS A 45 8.89 3.49 -1.37
CA LYS A 45 8.86 3.90 0.03
C LYS A 45 8.57 5.40 0.18
N TYR A 46 8.86 6.17 -0.85
CA TYR A 46 8.63 7.61 -0.86
C TYR A 46 7.72 7.98 -2.03
N VAL A 47 6.92 7.00 -2.45
CA VAL A 47 5.91 7.15 -3.51
C VAL A 47 4.56 6.70 -2.97
N ILE A 48 4.55 6.10 -1.77
CA ILE A 48 3.35 5.70 -1.06
C ILE A 48 3.32 6.38 0.30
N PHE A 49 4.46 6.84 0.79
CA PHE A 49 4.55 7.55 2.06
C PHE A 49 5.38 8.83 1.92
N GLU A 50 5.22 9.73 2.89
CA GLU A 50 5.96 10.98 2.95
C GLU A 50 7.37 10.72 3.47
N LYS A 51 8.37 11.33 2.82
CA LYS A 51 9.78 11.25 3.18
C LYS A 51 10.08 12.10 4.42
N GLY A 52 9.09 12.25 5.32
CA GLY A 52 9.23 13.10 6.49
C GLY A 52 9.98 12.40 7.63
N ASP A 53 10.42 11.16 7.39
CA ASP A 53 11.19 10.40 8.35
C ASP A 53 12.25 9.60 7.60
N GLU A 54 13.50 9.78 8.02
CA GLU A 54 14.64 9.10 7.42
C GLU A 54 15.55 8.50 8.50
N LYS A 55 15.04 8.38 9.73
CA LYS A 55 15.78 7.82 10.85
C LYS A 55 14.89 6.98 11.78
N SER A 56 13.63 6.79 11.39
CA SER A 56 12.64 6.06 12.17
C SER A 56 11.69 5.32 11.23
N GLU A 57 11.07 4.28 11.77
CA GLU A 57 10.10 3.47 11.04
C GLU A 57 8.74 4.14 11.00
N ILE A 58 8.62 5.33 11.57
CA ILE A 58 7.41 6.11 11.47
C ILE A 58 7.32 6.64 10.05
N LEU A 59 6.15 6.49 9.44
CA LEU A 59 5.86 7.03 8.11
C LEU A 59 4.44 7.59 8.05
N ILE A 60 4.10 8.23 6.93
CA ILE A 60 2.81 8.87 6.73
C ILE A 60 2.37 8.60 5.30
N LEU A 61 1.16 8.08 5.10
CA LEU A 61 0.65 7.79 3.76
C LEU A 61 0.67 9.09 2.95
N CYS A 62 1.18 9.04 1.72
CA CYS A 62 1.31 10.22 0.88
C CYS A 62 -0.04 10.93 0.69
N GLY A 63 0.00 12.19 0.25
CA GLY A 63 -1.17 13.04 0.10
C GLY A 63 -1.62 13.13 -1.35
N SER A 64 -1.18 12.17 -2.18
CA SER A 64 -1.47 12.15 -3.60
C SER A 64 -1.81 10.75 -4.11
N ILE A 65 -1.69 9.74 -3.24
CA ILE A 65 -1.93 8.36 -3.62
C ILE A 65 -3.37 7.96 -3.32
N ASN A 66 -3.83 6.90 -3.98
CA ASN A 66 -5.10 6.28 -3.67
C ASN A 66 -4.83 4.81 -3.38
N ILE A 67 -5.39 4.33 -2.28
CA ILE A 67 -5.27 2.96 -1.84
C ILE A 67 -6.66 2.34 -1.83
N LEU A 68 -6.76 1.06 -2.21
CA LEU A 68 -8.03 0.37 -2.31
C LEU A 68 -7.98 -0.94 -1.52
N ILE A 69 -9.16 -1.48 -1.18
CA ILE A 69 -9.27 -2.81 -0.60
C ILE A 69 -10.36 -3.54 -1.36
N ASN A 70 -9.97 -4.53 -2.18
CA ASN A 70 -10.88 -5.17 -3.13
C ASN A 70 -11.56 -4.15 -4.05
N GLY A 71 -11.10 -2.89 -4.03
CA GLY A 71 -11.67 -1.81 -4.83
C GLY A 71 -12.51 -0.85 -3.97
N ASN A 72 -12.68 -1.15 -2.69
CA ASN A 72 -13.55 -0.41 -1.78
C ASN A 72 -12.97 0.93 -1.30
N ASN A 73 -11.75 1.30 -1.73
CA ASN A 73 -11.08 2.55 -1.36
C ASN A 73 -11.03 2.82 0.14
N ILE A 74 -9.89 2.56 0.80
CA ILE A 74 -9.74 2.82 2.23
C ILE A 74 -10.13 4.26 2.58
N ARG A 75 -10.12 5.17 1.60
CA ARG A 75 -10.53 6.56 1.79
C ARG A 75 -12.01 6.67 2.19
N HIS A 76 -12.77 5.58 2.07
CA HIS A 76 -14.17 5.52 2.49
C HIS A 76 -14.39 4.46 3.57
N LEU A 77 -13.28 3.93 4.10
CA LEU A 77 -13.29 2.90 5.12
C LEU A 77 -12.47 3.37 6.31
N GLU A 78 -11.94 2.43 7.10
CA GLU A 78 -11.19 2.75 8.32
C GLU A 78 -9.85 3.40 8.00
N GLY A 79 -9.48 3.49 6.73
CA GLY A 79 -8.19 4.05 6.34
C GLY A 79 -7.10 3.00 6.53
N LEU A 80 -5.95 3.42 7.05
CA LEU A 80 -4.80 2.56 7.29
C LEU A 80 -5.09 1.41 8.27
N GLU A 81 -6.34 1.30 8.77
CA GLU A 81 -6.71 0.30 9.76
C GLU A 81 -7.96 -0.47 9.33
N THR A 82 -8.20 -0.57 8.01
CA THR A 82 -9.33 -1.30 7.45
C THR A 82 -9.28 -2.80 7.76
N LEU A 83 -8.25 -3.27 8.49
CA LEU A 83 -8.13 -4.65 8.95
C LEU A 83 -8.30 -5.67 7.81
N LEU A 84 -7.20 -5.92 7.11
CA LEU A 84 -7.10 -6.91 6.03
C LEU A 84 -7.47 -8.31 6.55
N LYS A 85 -7.64 -9.25 5.61
CA LYS A 85 -7.99 -10.64 5.88
C LYS A 85 -7.20 -11.57 4.98
N ASP A 86 -7.22 -12.86 5.31
CA ASP A 86 -6.43 -13.89 4.68
C ASP A 86 -6.68 -14.12 3.19
N SER A 87 -7.52 -13.31 2.56
CA SER A 87 -7.75 -13.38 1.13
C SER A 87 -8.18 -12.03 0.59
N ASP A 88 -7.93 -10.96 1.36
CA ASP A 88 -8.18 -9.61 0.90
C ASP A 88 -7.20 -9.21 -0.20
N GLU A 89 -7.38 -8.00 -0.73
CA GLU A 89 -6.59 -7.48 -1.84
C GLU A 89 -6.50 -5.97 -1.71
N ILE A 90 -5.43 -5.40 -2.26
CA ILE A 90 -5.17 -3.97 -2.20
C ILE A 90 -4.75 -3.51 -3.59
N GLY A 91 -4.91 -2.22 -3.87
CA GLY A 91 -4.43 -1.62 -5.09
C GLY A 91 -3.92 -0.22 -4.76
N ILE A 92 -2.74 0.11 -5.30
CA ILE A 92 -2.13 1.41 -5.07
C ILE A 92 -2.08 2.18 -6.39
N LEU A 93 -2.51 3.44 -6.37
CA LEU A 93 -2.58 4.27 -7.55
C LEU A 93 -2.00 5.65 -7.29
N PRO A 94 -1.34 6.25 -8.30
CA PRO A 94 -0.78 7.58 -8.26
C PRO A 94 -1.86 8.64 -8.48
N PRO A 95 -1.54 9.93 -8.30
CA PRO A 95 -2.50 11.02 -8.45
C PRO A 95 -2.99 11.18 -9.89
N VAL A 96 -2.33 10.56 -10.87
CA VAL A 96 -2.75 10.63 -12.26
C VAL A 96 -3.85 9.61 -12.57
N SER A 97 -4.37 8.94 -11.53
CA SER A 97 -5.41 7.94 -11.70
C SER A 97 -6.20 7.77 -10.40
N GLY A 98 -7.23 6.91 -10.41
CA GLY A 98 -8.07 6.66 -9.25
C GLY A 98 -9.37 5.96 -9.61
N GLY A 99 -9.74 5.94 -10.90
CA GLY A 99 -10.95 5.29 -11.36
C GLY A 99 -11.17 5.55 -12.85
N GLY A 1 0.86 -13.80 17.09
CA GLY A 1 -0.17 -13.14 16.28
C GLY A 1 -0.31 -13.80 14.92
N HIS A 2 -0.69 -13.01 13.90
CA HIS A 2 -0.86 -13.50 12.54
C HIS A 2 -0.63 -12.36 11.54
N MET A 3 -0.53 -12.72 10.25
CA MET A 3 -0.42 -11.80 9.15
C MET A 3 -1.28 -12.34 8.02
N ALA A 4 -2.46 -11.75 7.83
CA ALA A 4 -3.43 -12.24 6.87
C ALA A 4 -2.87 -12.11 5.45
N GLU A 5 -2.93 -13.22 4.71
CA GLU A 5 -2.40 -13.26 3.36
C GLU A 5 -3.37 -12.58 2.39
N VAL A 6 -2.83 -11.65 1.59
CA VAL A 6 -3.63 -10.86 0.67
C VAL A 6 -2.90 -10.72 -0.66
N LYS A 7 -3.51 -9.95 -1.57
CA LYS A 7 -2.89 -9.57 -2.83
C LYS A 7 -2.76 -8.06 -2.92
N VAL A 8 -1.80 -7.58 -3.70
CA VAL A 8 -1.55 -6.16 -3.89
C VAL A 8 -1.36 -5.91 -5.38
N LYS A 9 -2.16 -4.98 -5.91
CA LYS A 9 -2.04 -4.56 -7.29
C LYS A 9 -1.59 -3.10 -7.36
N LEU A 10 -0.60 -2.82 -8.22
CA LEU A 10 -0.12 -1.48 -8.46
C LEU A 10 -0.69 -0.99 -9.78
N PHE A 11 -0.67 0.33 -9.98
CA PHE A 11 -1.25 0.94 -11.18
C PHE A 11 -0.42 2.15 -11.58
N ALA A 12 -0.53 2.56 -12.85
CA ALA A 12 0.29 3.63 -13.39
C ALA A 12 1.78 3.43 -13.05
N ASN A 13 2.53 4.52 -12.89
CA ASN A 13 3.96 4.49 -12.62
C ASN A 13 4.33 3.69 -11.36
N LEU A 14 3.37 3.32 -10.52
CA LEU A 14 3.66 2.51 -9.34
C LEU A 14 4.01 1.08 -9.76
N ARG A 15 3.43 0.62 -10.88
CA ARG A 15 3.74 -0.69 -11.46
C ARG A 15 5.15 -0.69 -12.01
N GLU A 16 5.61 0.47 -12.50
CA GLU A 16 6.94 0.61 -13.06
C GLU A 16 8.01 0.59 -11.98
N ALA A 17 7.68 1.09 -10.78
CA ALA A 17 8.64 1.12 -9.70
C ALA A 17 8.66 -0.20 -8.92
N ALA A 18 7.55 -0.94 -8.92
CA ALA A 18 7.51 -2.27 -8.33
C ALA A 18 8.07 -3.30 -9.30
N GLY A 19 8.13 -2.95 -10.59
CA GLY A 19 8.62 -3.85 -11.62
C GLY A 19 7.59 -4.94 -11.92
N THR A 20 6.43 -4.89 -11.27
CA THR A 20 5.36 -5.87 -11.42
C THR A 20 4.00 -5.18 -11.31
N PRO A 21 2.97 -5.71 -11.99
CA PRO A 21 1.63 -5.18 -11.91
C PRO A 21 0.96 -5.56 -10.60
N GLU A 22 1.40 -6.65 -9.96
CA GLU A 22 0.80 -7.14 -8.73
C GLU A 22 1.70 -8.18 -8.07
N LEU A 23 1.43 -8.45 -6.78
CA LEU A 23 2.14 -9.46 -6.01
C LEU A 23 1.34 -9.84 -4.76
N PRO A 24 1.56 -11.05 -4.21
CA PRO A 24 0.99 -11.45 -2.94
C PRO A 24 1.78 -10.82 -1.80
N LEU A 25 1.14 -10.66 -0.64
CA LEU A 25 1.76 -10.13 0.57
C LEU A 25 0.92 -10.53 1.78
N SER A 26 1.28 -10.05 2.98
CA SER A 26 0.53 -10.38 4.18
C SER A 26 0.58 -9.26 5.20
N GLY A 27 -0.38 -9.25 6.13
CA GLY A 27 -0.42 -8.30 7.22
C GLY A 27 -1.71 -8.45 8.01
N GLU A 28 -1.72 -8.03 9.27
CA GLU A 28 -2.92 -8.12 10.10
C GLU A 28 -3.86 -6.98 9.77
N LYS A 29 -3.28 -5.88 9.28
CA LYS A 29 -4.00 -4.68 8.88
C LYS A 29 -3.41 -4.15 7.59
N VAL A 30 -4.15 -3.24 6.95
CA VAL A 30 -3.73 -2.64 5.69
C VAL A 30 -2.26 -2.24 5.73
N ILE A 31 -1.87 -1.43 6.72
CA ILE A 31 -0.52 -0.91 6.82
C ILE A 31 0.55 -2.01 6.87
N ASP A 32 0.24 -3.17 7.47
CA ASP A 32 1.23 -4.23 7.61
C ASP A 32 1.61 -4.80 6.25
N VAL A 33 0.75 -4.62 5.23
CA VAL A 33 1.05 -5.03 3.87
C VAL A 33 1.79 -3.90 3.15
N LEU A 34 1.30 -2.66 3.31
CA LEU A 34 1.92 -1.48 2.74
C LEU A 34 3.39 -1.36 3.13
N LEU A 35 3.72 -1.75 4.38
CA LEU A 35 5.08 -1.64 4.89
C LEU A 35 6.00 -2.71 4.31
N SER A 36 5.44 -3.79 3.76
CA SER A 36 6.25 -4.80 3.09
C SER A 36 6.48 -4.41 1.64
N LEU A 37 5.49 -3.74 1.04
CA LEU A 37 5.58 -3.24 -0.32
C LEU A 37 6.78 -2.31 -0.45
N THR A 38 6.90 -1.34 0.47
CA THR A 38 8.02 -0.41 0.49
C THR A 38 9.34 -1.09 0.87
N ASP A 39 9.28 -2.29 1.46
CA ASP A 39 10.47 -2.96 1.98
C ASP A 39 11.37 -3.46 0.85
N LYS A 40 10.75 -3.94 -0.22
CA LYS A 40 11.48 -4.47 -1.37
C LYS A 40 11.48 -3.46 -2.51
N TYR A 41 10.53 -2.53 -2.48
CA TYR A 41 10.40 -1.48 -3.47
C TYR A 41 10.56 -0.12 -2.77
N PRO A 42 11.79 0.25 -2.40
CA PRO A 42 12.07 1.51 -1.72
C PRO A 42 11.72 2.68 -2.63
N ALA A 43 11.59 2.41 -3.92
CA ALA A 43 11.17 3.37 -4.92
C ALA A 43 9.68 3.70 -4.78
N LEU A 44 9.00 3.13 -3.79
CA LEU A 44 7.60 3.41 -3.49
C LEU A 44 7.42 3.84 -2.04
N LYS A 45 8.49 3.77 -1.23
CA LYS A 45 8.42 4.14 0.18
C LYS A 45 8.09 5.62 0.36
N TYR A 46 8.44 6.43 -0.63
CA TYR A 46 8.17 7.85 -0.63
C TYR A 46 7.24 8.20 -1.80
N VAL A 47 6.44 7.22 -2.22
CA VAL A 47 5.42 7.38 -3.25
C VAL A 47 4.09 6.84 -2.72
N ILE A 48 4.13 6.22 -1.54
CA ILE A 48 2.94 5.75 -0.83
C ILE A 48 2.92 6.37 0.57
N PHE A 49 4.09 6.77 1.09
CA PHE A 49 4.19 7.44 2.38
C PHE A 49 4.98 8.74 2.22
N GLU A 50 4.88 9.61 3.23
CA GLU A 50 5.62 10.86 3.30
C GLU A 50 7.08 10.59 3.66
N LYS A 51 7.91 11.65 3.64
CA LYS A 51 9.33 11.58 3.91
C LYS A 51 9.67 12.45 5.12
N GLY A 52 8.74 12.55 6.07
CA GLY A 52 8.86 13.40 7.24
C GLY A 52 9.59 12.73 8.39
N ASP A 53 10.43 11.73 8.09
CA ASP A 53 11.21 11.03 9.08
C ASP A 53 12.63 10.80 8.56
N GLU A 54 13.62 11.12 9.40
CA GLU A 54 15.02 10.94 9.07
C GLU A 54 15.81 10.42 10.28
N LYS A 55 15.11 10.07 11.37
CA LYS A 55 15.74 9.59 12.60
C LYS A 55 14.92 8.49 13.26
N SER A 56 13.90 7.98 12.57
CA SER A 56 13.01 6.96 13.11
C SER A 56 12.48 6.09 11.98
N GLU A 57 11.45 5.31 12.28
CA GLU A 57 10.82 4.43 11.32
C GLU A 57 9.32 4.71 11.26
N ILE A 58 8.92 5.86 11.82
CA ILE A 58 7.55 6.31 11.73
C ILE A 58 7.30 6.82 10.31
N LEU A 59 6.23 6.33 9.69
CA LEU A 59 5.83 6.74 8.35
C LEU A 59 4.41 7.30 8.39
N ILE A 60 4.01 7.95 7.30
CA ILE A 60 2.72 8.61 7.18
C ILE A 60 2.20 8.38 5.77
N LEU A 61 1.01 7.81 5.62
CA LEU A 61 0.43 7.56 4.31
C LEU A 61 0.33 8.90 3.57
N CYS A 62 0.78 8.95 2.31
CA CYS A 62 0.81 10.19 1.54
C CYS A 62 -0.60 10.81 1.44
N GLY A 63 -0.66 12.09 1.11
CA GLY A 63 -1.91 12.85 1.02
C GLY A 63 -2.36 13.00 -0.42
N SER A 64 -1.82 12.16 -1.31
CA SER A 64 -2.07 12.23 -2.74
C SER A 64 -2.31 10.84 -3.34
N ILE A 65 -2.22 9.78 -2.53
CA ILE A 65 -2.38 8.42 -2.98
C ILE A 65 -3.77 7.91 -2.65
N ASN A 66 -4.21 6.89 -3.39
CA ASN A 66 -5.44 6.19 -3.08
C ASN A 66 -5.10 4.73 -2.85
N ILE A 67 -5.57 4.21 -1.73
CA ILE A 67 -5.38 2.83 -1.33
C ILE A 67 -6.74 2.18 -1.27
N LEU A 68 -6.83 0.94 -1.75
CA LEU A 68 -8.11 0.26 -1.84
C LEU A 68 -8.05 -1.09 -1.14
N ILE A 69 -9.23 -1.63 -0.81
CA ILE A 69 -9.38 -2.97 -0.29
C ILE A 69 -10.50 -3.63 -1.09
N ASN A 70 -10.17 -4.54 -1.98
CA ASN A 70 -11.10 -5.10 -2.96
C ASN A 70 -11.80 -4.00 -3.79
N GLY A 71 -11.35 -2.76 -3.67
CA GLY A 71 -11.93 -1.61 -4.37
C GLY A 71 -12.73 -0.70 -3.44
N ASN A 72 -12.87 -1.08 -2.16
CA ASN A 72 -13.69 -0.39 -1.19
C ASN A 72 -13.08 0.92 -0.67
N ASN A 73 -11.84 1.24 -1.07
CA ASN A 73 -11.08 2.40 -0.62
C ASN A 73 -11.04 2.61 0.90
N ILE A 74 -9.89 2.31 1.52
CA ILE A 74 -9.70 2.55 2.95
C ILE A 74 -10.03 3.99 3.34
N ARG A 75 -10.01 4.93 2.39
CA ARG A 75 -10.33 6.34 2.62
C ARG A 75 -11.80 6.52 2.97
N HIS A 76 -12.60 5.47 2.80
CA HIS A 76 -14.01 5.45 3.18
C HIS A 76 -14.26 4.40 4.26
N LEU A 77 -13.18 3.85 4.81
CA LEU A 77 -13.22 2.81 5.84
C LEU A 77 -12.33 3.22 7.01
N GLU A 78 -11.85 2.25 7.79
CA GLU A 78 -11.06 2.52 8.99
C GLU A 78 -9.69 3.13 8.67
N GLY A 79 -9.32 3.17 7.39
CA GLY A 79 -8.01 3.67 7.00
C GLY A 79 -6.97 2.58 7.09
N LEU A 80 -5.77 2.93 7.58
CA LEU A 80 -4.66 2.00 7.76
C LEU A 80 -4.99 0.84 8.69
N GLU A 81 -6.20 0.79 9.25
CA GLU A 81 -6.60 -0.22 10.22
C GLU A 81 -7.90 -0.90 9.81
N THR A 82 -8.19 -0.91 8.50
CA THR A 82 -9.38 -1.57 7.94
C THR A 82 -9.31 -3.08 8.11
N LEU A 83 -8.20 -3.58 8.71
CA LEU A 83 -7.93 -4.99 8.86
C LEU A 83 -7.87 -5.70 7.50
N LEU A 84 -7.39 -6.94 7.51
CA LEU A 84 -7.24 -7.75 6.30
C LEU A 84 -7.66 -9.20 6.59
N LYS A 85 -7.69 -10.02 5.53
CA LYS A 85 -8.06 -11.42 5.60
C LYS A 85 -7.20 -12.24 4.67
N ASP A 86 -7.25 -13.57 4.84
CA ASP A 86 -6.43 -14.51 4.08
C ASP A 86 -6.78 -14.57 2.60
N SER A 87 -7.66 -13.69 2.13
CA SER A 87 -8.01 -13.62 0.73
C SER A 87 -8.38 -12.18 0.34
N ASP A 88 -8.06 -11.22 1.21
CA ASP A 88 -8.28 -9.82 0.88
C ASP A 88 -7.36 -9.37 -0.25
N GLU A 89 -7.49 -8.10 -0.64
CA GLU A 89 -6.79 -7.55 -1.79
C GLU A 89 -6.59 -6.05 -1.59
N ILE A 90 -5.54 -5.52 -2.20
CA ILE A 90 -5.16 -4.12 -2.04
C ILE A 90 -4.93 -3.54 -3.43
N GLY A 91 -5.11 -2.24 -3.56
CA GLY A 91 -4.78 -1.53 -4.78
C GLY A 91 -4.16 -0.19 -4.39
N ILE A 92 -3.10 0.20 -5.09
CA ILE A 92 -2.42 1.47 -4.83
C ILE A 92 -2.39 2.31 -6.10
N LEU A 93 -2.84 3.57 -5.99
CA LEU A 93 -2.95 4.45 -7.14
C LEU A 93 -2.42 5.85 -6.83
N PRO A 94 -1.79 6.50 -7.81
CA PRO A 94 -1.25 7.85 -7.71
C PRO A 94 -2.36 8.91 -7.88
N PRO A 95 -2.04 10.19 -7.65
CA PRO A 95 -3.00 11.29 -7.81
C PRO A 95 -3.34 11.57 -9.27
N VAL A 96 -2.57 11.04 -10.23
CA VAL A 96 -2.79 11.29 -11.65
C VAL A 96 -2.45 10.05 -12.45
N SER A 97 -3.27 9.76 -13.47
CA SER A 97 -3.06 8.60 -14.34
C SER A 97 -3.65 8.87 -15.72
N GLY A 98 -3.41 7.97 -16.67
CA GLY A 98 -3.90 8.11 -18.04
C GLY A 98 -3.46 6.94 -18.91
N GLY A 99 -3.88 6.95 -20.17
CA GLY A 99 -3.55 5.90 -21.13
C GLY A 99 -4.19 6.19 -22.48
N GLY A 1 -0.34 -13.24 17.83
CA GLY A 1 -0.69 -12.31 16.74
C GLY A 1 -0.82 -13.04 15.40
N HIS A 2 -1.16 -12.29 14.35
CA HIS A 2 -1.35 -12.85 13.01
C HIS A 2 -1.08 -11.78 11.95
N MET A 3 -0.98 -12.20 10.69
CA MET A 3 -0.82 -11.33 9.55
C MET A 3 -1.68 -11.90 8.43
N ALA A 4 -2.82 -11.26 8.16
CA ALA A 4 -3.79 -11.75 7.20
C ALA A 4 -3.18 -11.76 5.81
N GLU A 5 -3.24 -12.92 5.14
CA GLU A 5 -2.66 -13.08 3.82
C GLU A 5 -3.55 -12.42 2.77
N VAL A 6 -2.96 -11.54 1.97
CA VAL A 6 -3.69 -10.79 0.95
C VAL A 6 -2.89 -10.72 -0.34
N LYS A 7 -3.41 -9.94 -1.28
CA LYS A 7 -2.74 -9.62 -2.52
C LYS A 7 -2.60 -8.12 -2.67
N VAL A 8 -1.57 -7.65 -3.40
CA VAL A 8 -1.39 -6.23 -3.66
C VAL A 8 -1.26 -6.05 -5.17
N LYS A 9 -1.99 -5.07 -5.68
CA LYS A 9 -1.92 -4.70 -7.10
C LYS A 9 -1.33 -3.30 -7.24
N LEU A 10 -0.63 -3.08 -8.35
CA LEU A 10 0.00 -1.79 -8.65
C LEU A 10 -0.44 -1.36 -10.04
N PHE A 11 -0.37 -0.07 -10.32
CA PHE A 11 -0.88 0.50 -11.56
C PHE A 11 0.01 1.64 -12.00
N ALA A 12 -0.07 2.00 -13.28
CA ALA A 12 0.79 3.02 -13.88
C ALA A 12 2.25 2.80 -13.47
N ASN A 13 3.01 3.88 -13.28
CA ASN A 13 4.43 3.82 -12.96
C ASN A 13 4.73 3.05 -11.66
N LEU A 14 3.72 2.71 -10.86
CA LEU A 14 3.95 1.93 -9.64
C LEU A 14 4.24 0.48 -10.00
N ARG A 15 3.65 -0.01 -11.11
CA ARG A 15 3.89 -1.35 -11.61
C ARG A 15 5.31 -1.45 -12.16
N GLU A 16 5.79 -0.34 -12.73
CA GLU A 16 7.13 -0.23 -13.29
C GLU A 16 8.19 -0.20 -12.21
N ALA A 17 7.80 0.20 -11.01
CA ALA A 17 8.74 0.36 -9.92
C ALA A 17 8.88 -0.93 -9.11
N ALA A 18 8.18 -1.98 -9.54
CA ALA A 18 8.25 -3.30 -8.93
C ALA A 18 8.43 -4.37 -10.00
N GLY A 19 8.34 -4.00 -11.27
CA GLY A 19 8.48 -4.91 -12.39
C GLY A 19 7.32 -5.91 -12.46
N THR A 20 6.29 -5.73 -11.62
CA THR A 20 5.15 -6.63 -11.57
C THR A 20 3.87 -5.84 -11.33
N PRO A 21 2.74 -6.29 -11.92
CA PRO A 21 1.46 -5.65 -11.74
C PRO A 21 0.81 -6.03 -10.41
N GLU A 22 1.30 -7.10 -9.76
CA GLU A 22 0.71 -7.59 -8.51
C GLU A 22 1.65 -8.55 -7.79
N LEU A 23 1.44 -8.72 -6.48
CA LEU A 23 2.20 -9.63 -5.65
C LEU A 23 1.43 -10.02 -4.38
N PRO A 24 1.72 -11.18 -3.79
CA PRO A 24 1.14 -11.62 -2.53
C PRO A 24 1.87 -10.97 -1.35
N LEU A 25 1.17 -10.79 -0.23
CA LEU A 25 1.72 -10.22 0.99
C LEU A 25 0.82 -10.54 2.17
N SER A 26 1.15 -10.03 3.37
CA SER A 26 0.35 -10.25 4.55
C SER A 26 0.41 -9.07 5.50
N GLY A 27 -0.58 -8.96 6.39
CA GLY A 27 -0.60 -7.95 7.44
C GLY A 27 -1.94 -7.98 8.17
N GLU A 28 -1.97 -7.52 9.43
CA GLU A 28 -3.20 -7.51 10.21
C GLU A 28 -4.10 -6.36 9.76
N LYS A 29 -3.49 -5.29 9.25
CA LYS A 29 -4.17 -4.10 8.78
C LYS A 29 -3.55 -3.64 7.46
N VAL A 30 -4.23 -2.73 6.77
CA VAL A 30 -3.75 -2.20 5.51
C VAL A 30 -2.27 -1.83 5.57
N ILE A 31 -1.89 -1.00 6.55
CA ILE A 31 -0.51 -0.52 6.66
C ILE A 31 0.49 -1.66 6.82
N ASP A 32 0.10 -2.76 7.47
CA ASP A 32 1.04 -3.86 7.70
C ASP A 32 1.43 -4.54 6.40
N VAL A 33 0.62 -4.39 5.35
CA VAL A 33 0.94 -4.91 4.02
C VAL A 33 1.72 -3.85 3.25
N LEU A 34 1.28 -2.59 3.32
CA LEU A 34 1.96 -1.48 2.67
C LEU A 34 3.43 -1.40 3.11
N LEU A 35 3.70 -1.68 4.39
CA LEU A 35 5.05 -1.62 4.94
C LEU A 35 5.91 -2.79 4.46
N SER A 36 5.28 -3.84 3.92
CA SER A 36 6.00 -4.95 3.34
C SER A 36 6.15 -4.74 1.83
N LEU A 37 5.23 -3.98 1.24
CA LEU A 37 5.30 -3.60 -0.16
C LEU A 37 6.55 -2.76 -0.39
N THR A 38 6.76 -1.74 0.47
CA THR A 38 7.93 -0.88 0.41
C THR A 38 9.20 -1.64 0.81
N ASP A 39 9.06 -2.80 1.44
CA ASP A 39 10.20 -3.57 1.91
C ASP A 39 10.97 -4.20 0.76
N LYS A 40 10.25 -4.84 -0.18
CA LYS A 40 10.92 -5.46 -1.30
C LYS A 40 11.00 -4.52 -2.49
N TYR A 41 10.15 -3.50 -2.50
CA TYR A 41 10.14 -2.47 -3.53
C TYR A 41 10.46 -1.11 -2.91
N PRO A 42 11.72 -0.83 -2.61
CA PRO A 42 12.15 0.43 -2.02
C PRO A 42 11.90 1.59 -2.98
N ALA A 43 11.69 1.27 -4.26
CA ALA A 43 11.36 2.24 -5.28
C ALA A 43 9.92 2.74 -5.14
N LEU A 44 9.20 2.27 -4.10
CA LEU A 44 7.85 2.72 -3.78
C LEU A 44 7.77 3.22 -2.33
N LYS A 45 8.85 3.07 -1.56
CA LYS A 45 8.87 3.49 -0.16
C LYS A 45 8.67 4.99 -0.01
N TYR A 46 8.97 5.74 -1.07
CA TYR A 46 8.82 7.19 -1.08
C TYR A 46 7.91 7.61 -2.23
N VAL A 47 7.03 6.69 -2.64
CA VAL A 47 6.02 6.90 -3.68
C VAL A 47 4.65 6.52 -3.13
N ILE A 48 4.63 5.92 -1.93
CA ILE A 48 3.42 5.56 -1.22
C ILE A 48 3.45 6.19 0.17
N PHE A 49 4.63 6.58 0.65
CA PHE A 49 4.78 7.27 1.92
C PHE A 49 5.64 8.51 1.77
N GLU A 50 5.53 9.42 2.74
CA GLU A 50 6.32 10.65 2.78
C GLU A 50 7.70 10.36 3.37
N LYS A 51 8.75 10.87 2.71
CA LYS A 51 10.12 10.79 3.16
C LYS A 51 10.38 11.76 4.30
N GLY A 52 9.49 11.77 5.30
CA GLY A 52 9.55 12.72 6.41
C GLY A 52 10.09 12.09 7.69
N ASP A 53 10.47 10.81 7.64
CA ASP A 53 11.03 10.10 8.78
C ASP A 53 12.51 10.40 8.96
N GLU A 54 12.96 11.57 8.51
CA GLU A 54 14.36 11.97 8.61
C GLU A 54 14.80 12.15 10.06
N LYS A 55 13.89 11.92 11.01
CA LYS A 55 14.16 12.04 12.44
C LYS A 55 13.47 10.93 13.24
N SER A 56 12.95 9.93 12.54
CA SER A 56 12.22 8.83 13.15
C SER A 56 12.37 7.56 12.34
N GLU A 57 11.47 6.61 12.62
CA GLU A 57 11.40 5.34 11.93
C GLU A 57 9.94 5.06 11.60
N ILE A 58 9.16 6.14 11.50
CA ILE A 58 7.73 6.11 11.31
C ILE A 58 7.36 6.79 9.99
N LEU A 59 6.83 6.02 9.05
CA LEU A 59 6.41 6.54 7.76
C LEU A 59 5.06 7.23 7.85
N ILE A 60 4.65 7.90 6.77
CA ILE A 60 3.38 8.61 6.67
C ILE A 60 2.83 8.37 5.28
N LEU A 61 1.59 7.88 5.17
CA LEU A 61 0.99 7.63 3.87
C LEU A 61 0.98 8.93 3.07
N CYS A 62 1.36 8.86 1.79
CA CYS A 62 1.41 10.03 0.93
C CYS A 62 0.04 10.71 0.84
N GLY A 63 0.02 11.94 0.32
CA GLY A 63 -1.18 12.75 0.20
C GLY A 63 -1.59 12.89 -1.27
N SER A 64 -1.10 11.97 -2.10
CA SER A 64 -1.32 11.99 -3.55
C SER A 64 -1.61 10.59 -4.08
N ILE A 65 -1.61 9.58 -3.23
CA ILE A 65 -1.82 8.20 -3.63
C ILE A 65 -3.25 7.77 -3.31
N ASN A 66 -3.78 6.86 -4.13
CA ASN A 66 -5.11 6.32 -3.93
C ASN A 66 -4.96 4.83 -3.70
N ILE A 67 -5.51 4.37 -2.57
CA ILE A 67 -5.40 2.98 -2.17
C ILE A 67 -6.78 2.36 -2.02
N LEU A 68 -6.85 1.07 -2.30
CA LEU A 68 -8.11 0.34 -2.34
C LEU A 68 -8.00 -0.92 -1.51
N ILE A 69 -9.16 -1.49 -1.17
CA ILE A 69 -9.25 -2.81 -0.53
C ILE A 69 -10.37 -3.55 -1.25
N ASN A 70 -10.03 -4.55 -2.06
CA ASN A 70 -10.98 -5.20 -2.95
C ASN A 70 -11.69 -4.19 -3.87
N GLY A 71 -11.22 -2.93 -3.88
CA GLY A 71 -11.81 -1.86 -4.68
C GLY A 71 -12.61 -0.87 -3.82
N ASN A 72 -12.72 -1.13 -2.52
CA ASN A 72 -13.55 -0.34 -1.60
C ASN A 72 -12.95 1.01 -1.19
N ASN A 73 -11.76 1.36 -1.69
CA ASN A 73 -11.08 2.62 -1.41
C ASN A 73 -10.98 2.97 0.08
N ILE A 74 -9.84 2.67 0.72
CA ILE A 74 -9.63 3.00 2.13
C ILE A 74 -9.95 4.47 2.47
N ARG A 75 -9.97 5.36 1.48
CA ARG A 75 -10.33 6.76 1.69
C ARG A 75 -11.78 6.91 2.15
N HIS A 76 -12.60 5.88 1.97
CA HIS A 76 -13.99 5.87 2.42
C HIS A 76 -14.16 4.87 3.57
N LEU A 77 -13.04 4.32 4.06
CA LEU A 77 -13.04 3.34 5.12
C LEU A 77 -12.13 3.83 6.26
N GLU A 78 -11.63 2.92 7.10
CA GLU A 78 -10.84 3.27 8.27
C GLU A 78 -9.44 3.76 7.90
N GLY A 79 -9.09 3.78 6.61
CA GLY A 79 -7.77 4.18 6.18
C GLY A 79 -6.77 3.05 6.42
N LEU A 80 -5.58 3.40 6.92
CA LEU A 80 -4.52 2.45 7.20
C LEU A 80 -4.93 1.37 8.22
N GLU A 81 -6.15 1.44 8.75
CA GLU A 81 -6.60 0.54 9.80
C GLU A 81 -7.90 -0.16 9.42
N THR A 82 -8.20 -0.24 8.12
CA THR A 82 -9.39 -0.90 7.59
C THR A 82 -9.38 -2.41 7.85
N LEU A 83 -8.32 -2.91 8.49
CA LEU A 83 -8.12 -4.34 8.72
C LEU A 83 -8.03 -5.11 7.40
N LEU A 84 -7.54 -6.34 7.47
CA LEU A 84 -7.38 -7.22 6.31
C LEU A 84 -7.80 -8.64 6.66
N LYS A 85 -7.90 -9.47 5.62
CA LYS A 85 -8.31 -10.86 5.73
C LYS A 85 -7.44 -11.76 4.88
N ASP A 86 -7.58 -13.06 5.12
CA ASP A 86 -6.77 -14.09 4.48
C ASP A 86 -7.05 -14.25 2.99
N SER A 87 -7.87 -13.36 2.42
CA SER A 87 -8.16 -13.38 0.99
C SER A 87 -8.50 -11.96 0.52
N ASP A 88 -8.17 -10.96 1.33
CA ASP A 88 -8.34 -9.57 0.93
C ASP A 88 -7.35 -9.21 -0.18
N GLU A 89 -7.41 -7.95 -0.63
CA GLU A 89 -6.63 -7.47 -1.76
C GLU A 89 -6.46 -5.97 -1.63
N ILE A 90 -5.37 -5.46 -2.20
CA ILE A 90 -5.01 -4.06 -2.13
C ILE A 90 -4.76 -3.59 -3.56
N GLY A 91 -4.93 -2.30 -3.82
CA GLY A 91 -4.59 -1.70 -5.08
C GLY A 91 -4.10 -0.30 -4.82
N ILE A 92 -2.91 0.03 -5.34
CA ILE A 92 -2.31 1.34 -5.10
C ILE A 92 -2.11 2.07 -6.43
N LEU A 93 -2.52 3.34 -6.47
CA LEU A 93 -2.50 4.15 -7.68
C LEU A 93 -1.91 5.53 -7.40
N PRO A 94 -1.20 6.10 -8.37
CA PRO A 94 -0.58 7.41 -8.28
C PRO A 94 -1.63 8.52 -8.49
N PRO A 95 -1.27 9.79 -8.30
CA PRO A 95 -2.17 10.92 -8.49
C PRO A 95 -2.59 11.09 -9.96
N VAL A 96 -2.06 10.27 -10.87
CA VAL A 96 -2.43 10.30 -12.29
C VAL A 96 -3.89 9.87 -12.47
N SER A 97 -4.50 9.29 -11.44
CA SER A 97 -5.88 8.88 -11.50
C SER A 97 -6.47 8.78 -10.10
N GLY A 98 -7.77 8.47 -10.00
CA GLY A 98 -8.45 8.35 -8.71
C GLY A 98 -9.98 8.35 -8.84
N GLY A 99 -10.50 8.75 -10.01
CA GLY A 99 -11.93 8.78 -10.25
C GLY A 99 -12.23 9.28 -11.66
N GLY A 1 1.22 -12.48 18.08
CA GLY A 1 0.48 -11.68 17.09
C GLY A 1 0.30 -12.45 15.79
N HIS A 2 -0.15 -11.75 14.74
CA HIS A 2 -0.38 -12.35 13.43
C HIS A 2 -0.22 -11.29 12.34
N MET A 3 -0.15 -11.77 11.08
CA MET A 3 -0.11 -10.93 9.89
C MET A 3 -0.96 -11.64 8.84
N ALA A 4 -2.16 -11.10 8.60
CA ALA A 4 -3.10 -11.72 7.69
C ALA A 4 -2.50 -11.77 6.30
N GLU A 5 -2.57 -12.92 5.65
CA GLU A 5 -2.02 -13.10 4.31
C GLU A 5 -2.97 -12.50 3.28
N VAL A 6 -2.45 -11.66 2.40
CA VAL A 6 -3.25 -10.91 1.45
C VAL A 6 -2.56 -10.89 0.08
N LYS A 7 -3.14 -10.10 -0.84
CA LYS A 7 -2.50 -9.80 -2.11
C LYS A 7 -2.47 -8.29 -2.31
N VAL A 8 -1.55 -7.81 -3.15
CA VAL A 8 -1.36 -6.39 -3.44
C VAL A 8 -1.15 -6.25 -4.93
N LYS A 9 -1.94 -5.36 -5.55
CA LYS A 9 -1.84 -5.07 -6.97
C LYS A 9 -1.37 -3.63 -7.16
N LEU A 10 -0.48 -3.40 -8.13
CA LEU A 10 0.00 -2.08 -8.48
C LEU A 10 -0.55 -1.69 -9.84
N PHE A 11 -0.54 -0.40 -10.14
CA PHE A 11 -1.06 0.13 -11.39
C PHE A 11 -0.23 1.34 -11.81
N ALA A 12 -0.27 1.69 -13.10
CA ALA A 12 0.59 2.72 -13.66
C ALA A 12 2.04 2.49 -13.26
N ASN A 13 2.84 3.57 -13.16
CA ASN A 13 4.26 3.48 -12.83
C ASN A 13 4.54 2.77 -11.51
N LEU A 14 3.51 2.52 -10.68
CA LEU A 14 3.73 1.78 -9.45
C LEU A 14 4.08 0.33 -9.76
N ARG A 15 3.57 -0.20 -10.87
CA ARG A 15 3.88 -1.54 -11.35
C ARG A 15 5.31 -1.59 -11.88
N GLU A 16 5.77 -0.48 -12.47
CA GLU A 16 7.10 -0.39 -13.03
C GLU A 16 8.17 -0.36 -11.94
N ALA A 17 7.84 0.21 -10.79
CA ALA A 17 8.80 0.32 -9.71
C ALA A 17 8.81 -0.94 -8.83
N ALA A 18 7.70 -1.69 -8.82
CA ALA A 18 7.64 -2.96 -8.12
C ALA A 18 8.17 -4.09 -9.00
N GLY A 19 8.25 -3.83 -10.31
CA GLY A 19 8.70 -4.82 -11.28
C GLY A 19 7.65 -5.91 -11.51
N THR A 20 6.48 -5.78 -10.87
CA THR A 20 5.40 -6.75 -10.95
C THR A 20 4.06 -6.04 -10.94
N PRO A 21 3.04 -6.61 -11.59
CA PRO A 21 1.70 -6.06 -11.60
C PRO A 21 0.99 -6.32 -10.26
N GLU A 22 1.40 -7.37 -9.55
CA GLU A 22 0.81 -7.72 -8.26
C GLU A 22 1.70 -8.74 -7.55
N LEU A 23 1.50 -8.91 -6.24
CA LEU A 23 2.28 -9.83 -5.42
C LEU A 23 1.55 -10.17 -4.12
N PRO A 24 1.85 -11.32 -3.51
CA PRO A 24 1.36 -11.66 -2.19
C PRO A 24 2.11 -10.88 -1.12
N LEU A 25 1.48 -10.71 0.05
CA LEU A 25 2.07 -10.04 1.21
C LEU A 25 1.24 -10.39 2.45
N SER A 26 1.58 -9.79 3.60
CA SER A 26 0.81 -10.01 4.82
C SER A 26 0.80 -8.75 5.68
N GLY A 27 -0.18 -8.69 6.59
CA GLY A 27 -0.32 -7.63 7.57
C GLY A 27 -1.69 -7.71 8.23
N GLU A 28 -1.81 -7.27 9.48
CA GLU A 28 -3.07 -7.36 10.21
C GLU A 28 -4.00 -6.22 9.78
N LYS A 29 -3.41 -5.13 9.28
CA LYS A 29 -4.13 -3.97 8.79
C LYS A 29 -3.54 -3.51 7.47
N VAL A 30 -4.20 -2.55 6.82
CA VAL A 30 -3.77 -2.07 5.52
C VAL A 30 -2.33 -1.56 5.60
N ILE A 31 -2.03 -0.79 6.64
CA ILE A 31 -0.70 -0.21 6.81
C ILE A 31 0.37 -1.31 6.98
N ASP A 32 0.05 -2.42 7.63
CA ASP A 32 1.05 -3.46 7.86
C ASP A 32 1.42 -4.15 6.55
N VAL A 33 0.54 -4.08 5.55
CA VAL A 33 0.81 -4.65 4.24
C VAL A 33 1.57 -3.63 3.41
N LEU A 34 1.16 -2.37 3.44
CA LEU A 34 1.79 -1.31 2.67
C LEU A 34 3.23 -1.08 3.12
N LEU A 35 3.51 -1.28 4.41
CA LEU A 35 4.85 -1.08 4.94
C LEU A 35 5.80 -2.21 4.52
N SER A 36 5.25 -3.35 4.09
CA SER A 36 6.07 -4.44 3.59
C SER A 36 6.35 -4.24 2.10
N LEU A 37 5.40 -3.61 1.40
CA LEU A 37 5.54 -3.31 -0.01
C LEU A 37 6.74 -2.39 -0.20
N THR A 38 6.84 -1.34 0.63
CA THR A 38 7.95 -0.39 0.59
C THR A 38 9.25 -1.03 1.10
N ASP A 39 9.17 -2.18 1.78
CA ASP A 39 10.34 -2.79 2.40
C ASP A 39 11.29 -3.36 1.36
N LYS A 40 10.73 -4.01 0.34
CA LYS A 40 11.53 -4.63 -0.71
C LYS A 40 11.55 -3.77 -1.96
N TYR A 41 10.59 -2.85 -2.07
CA TYR A 41 10.48 -1.90 -3.17
C TYR A 41 10.63 -0.48 -2.62
N PRO A 42 11.86 -0.07 -2.26
CA PRO A 42 12.12 1.25 -1.70
C PRO A 42 11.80 2.32 -2.73
N ALA A 43 11.68 1.92 -4.00
CA ALA A 43 11.30 2.79 -5.09
C ALA A 43 9.81 3.18 -4.99
N LEU A 44 9.11 2.70 -3.96
CA LEU A 44 7.71 3.04 -3.70
C LEU A 44 7.55 3.57 -2.27
N LYS A 45 8.62 3.55 -1.48
CA LYS A 45 8.59 4.01 -0.10
C LYS A 45 8.24 5.48 0.01
N TYR A 46 8.49 6.23 -1.05
CA TYR A 46 8.20 7.66 -1.10
C TYR A 46 7.31 7.97 -2.31
N VAL A 47 6.52 6.96 -2.69
CA VAL A 47 5.53 7.07 -3.77
C VAL A 47 4.17 6.59 -3.24
N ILE A 48 4.17 6.00 -2.05
CA ILE A 48 2.96 5.60 -1.34
C ILE A 48 2.91 6.30 0.02
N PHE A 49 4.07 6.80 0.48
CA PHE A 49 4.14 7.55 1.73
C PHE A 49 4.95 8.82 1.56
N GLU A 50 4.79 9.72 2.52
CA GLU A 50 5.55 10.95 2.63
C GLU A 50 6.97 10.63 3.10
N LYS A 51 7.85 11.64 3.03
CA LYS A 51 9.26 11.53 3.35
C LYS A 51 9.60 12.52 4.46
N GLY A 52 8.64 12.75 5.36
CA GLY A 52 8.75 13.74 6.43
C GLY A 52 9.66 13.30 7.57
N ASP A 53 10.17 12.07 7.52
CA ASP A 53 11.15 11.63 8.48
C ASP A 53 12.16 10.70 7.79
N GLU A 54 13.45 10.99 8.01
CA GLU A 54 14.55 10.24 7.43
C GLU A 54 15.50 9.74 8.52
N LYS A 55 15.06 9.78 9.78
CA LYS A 55 15.84 9.33 10.93
C LYS A 55 14.99 8.40 11.82
N SER A 56 13.75 8.16 11.41
CA SER A 56 12.79 7.33 12.14
C SER A 56 11.88 6.61 11.15
N GLU A 57 11.20 5.58 11.67
CA GLU A 57 10.29 4.75 10.90
C GLU A 57 8.90 5.37 10.81
N ILE A 58 8.74 6.58 11.33
CA ILE A 58 7.49 7.31 11.21
C ILE A 58 7.25 7.60 9.73
N LEU A 59 6.06 7.21 9.25
CA LEU A 59 5.62 7.45 7.89
C LEU A 59 4.18 7.93 7.88
N ILE A 60 3.76 8.46 6.73
CA ILE A 60 2.42 9.01 6.51
C ILE A 60 2.02 8.68 5.09
N LEU A 61 0.78 8.28 4.84
CA LEU A 61 0.32 7.99 3.49
C LEU A 61 0.54 9.26 2.65
N CYS A 62 0.89 9.09 1.38
CA CYS A 62 1.23 10.18 0.46
C CYS A 62 0.13 11.22 0.27
N GLY A 63 -1.03 10.99 0.90
CA GLY A 63 -2.17 11.90 0.90
C GLY A 63 -2.78 12.13 -0.49
N SER A 64 -2.32 11.42 -1.52
CA SER A 64 -2.84 11.59 -2.88
C SER A 64 -3.01 10.25 -3.60
N ILE A 65 -2.43 9.17 -3.06
CA ILE A 65 -2.55 7.84 -3.63
C ILE A 65 -3.95 7.31 -3.35
N ASN A 66 -4.45 6.45 -4.24
CA ASN A 66 -5.75 5.83 -4.07
C ASN A 66 -5.50 4.37 -3.79
N ILE A 67 -6.05 3.89 -2.67
CA ILE A 67 -5.87 2.51 -2.27
C ILE A 67 -7.21 1.83 -2.11
N LEU A 68 -7.25 0.53 -2.40
CA LEU A 68 -8.47 -0.24 -2.44
C LEU A 68 -8.31 -1.51 -1.64
N ILE A 69 -9.43 -2.09 -1.20
CA ILE A 69 -9.44 -3.40 -0.58
C ILE A 69 -10.50 -4.22 -1.30
N ASN A 70 -10.07 -5.21 -2.10
CA ASN A 70 -10.95 -5.94 -3.00
C ASN A 70 -11.72 -4.99 -3.94
N GLY A 71 -11.36 -3.70 -3.96
CA GLY A 71 -12.01 -2.69 -4.78
C GLY A 71 -12.85 -1.71 -3.94
N ASN A 72 -12.96 -1.96 -2.64
CA ASN A 72 -13.83 -1.20 -1.74
C ASN A 72 -13.30 0.18 -1.34
N ASN A 73 -12.11 0.59 -1.82
CA ASN A 73 -11.50 1.89 -1.53
C ASN A 73 -11.45 2.23 -0.04
N ILE A 74 -10.29 2.00 0.62
CA ILE A 74 -10.11 2.33 2.03
C ILE A 74 -10.56 3.75 2.36
N ARG A 75 -10.62 4.63 1.36
CA ARG A 75 -11.08 6.01 1.54
C ARG A 75 -12.55 6.08 1.98
N HIS A 76 -13.29 4.98 1.84
CA HIS A 76 -14.68 4.89 2.26
C HIS A 76 -14.84 3.86 3.38
N LEU A 77 -13.71 3.38 3.91
CA LEU A 77 -13.67 2.38 4.97
C LEU A 77 -12.88 2.94 6.14
N GLU A 78 -12.30 2.05 6.95
CA GLU A 78 -11.55 2.41 8.14
C GLU A 78 -10.28 3.18 7.80
N GLY A 79 -9.88 3.17 6.52
CA GLY A 79 -8.63 3.77 6.09
C GLY A 79 -7.50 2.76 6.28
N LEU A 80 -6.36 3.24 6.78
CA LEU A 80 -5.17 2.42 7.02
C LEU A 80 -5.41 1.30 8.05
N GLU A 81 -6.63 1.12 8.54
CA GLU A 81 -6.95 0.16 9.57
C GLU A 81 -8.17 -0.69 9.19
N THR A 82 -8.41 -0.87 7.88
CA THR A 82 -9.52 -1.67 7.37
C THR A 82 -9.42 -3.15 7.77
N LEU A 83 -8.37 -3.53 8.50
CA LEU A 83 -8.20 -4.89 9.01
C LEU A 83 -8.32 -5.96 7.93
N LEU A 84 -7.21 -6.18 7.24
CA LEU A 84 -7.05 -7.18 6.19
C LEU A 84 -7.36 -8.59 6.72
N LYS A 85 -7.44 -9.56 5.80
CA LYS A 85 -7.76 -10.95 6.12
C LYS A 85 -6.91 -11.90 5.27
N ASP A 86 -6.90 -13.17 5.67
CA ASP A 86 -6.07 -14.21 5.10
C ASP A 86 -6.31 -14.51 3.62
N SER A 87 -7.18 -13.74 2.97
CA SER A 87 -7.39 -13.86 1.53
C SER A 87 -7.84 -12.52 0.95
N ASP A 88 -7.68 -11.44 1.72
CA ASP A 88 -7.97 -10.11 1.21
C ASP A 88 -7.02 -9.69 0.09
N GLU A 89 -7.29 -8.53 -0.50
CA GLU A 89 -6.56 -8.01 -1.65
C GLU A 89 -6.53 -6.50 -1.58
N ILE A 90 -5.48 -5.89 -2.15
CA ILE A 90 -5.30 -4.46 -2.14
C ILE A 90 -4.92 -4.01 -3.55
N GLY A 91 -5.18 -2.76 -3.88
CA GLY A 91 -4.76 -2.17 -5.13
C GLY A 91 -4.30 -0.75 -4.85
N ILE A 92 -3.16 -0.36 -5.40
CA ILE A 92 -2.59 0.96 -5.19
C ILE A 92 -2.50 1.70 -6.53
N LEU A 93 -3.01 2.93 -6.57
CA LEU A 93 -3.07 3.72 -7.78
C LEU A 93 -2.62 5.15 -7.51
N PRO A 94 -1.98 5.81 -8.48
CA PRO A 94 -1.53 7.18 -8.38
C PRO A 94 -2.70 8.16 -8.47
N PRO A 95 -2.48 9.45 -8.21
CA PRO A 95 -3.49 10.49 -8.32
C PRO A 95 -3.87 10.81 -9.77
N VAL A 96 -3.25 10.12 -10.74
CA VAL A 96 -3.44 10.32 -12.18
C VAL A 96 -3.56 11.77 -12.63
N SER A 97 -2.97 12.70 -11.88
CA SER A 97 -3.03 14.12 -12.18
C SER A 97 -1.83 14.88 -11.60
N GLY A 98 -0.89 14.14 -10.99
CA GLY A 98 0.29 14.74 -10.39
C GLY A 98 1.31 13.69 -9.92
N GLY A 99 1.20 12.45 -10.43
CA GLY A 99 2.07 11.35 -10.03
C GLY A 99 1.65 10.06 -10.72
N GLY A 1 -1.12 -13.46 17.69
CA GLY A 1 -0.59 -12.67 16.57
C GLY A 1 -0.73 -13.42 15.26
N HIS A 2 -1.01 -12.70 14.18
CA HIS A 2 -1.18 -13.27 12.85
C HIS A 2 -0.84 -12.24 11.78
N MET A 3 -0.77 -12.68 10.53
CA MET A 3 -0.56 -11.84 9.36
C MET A 3 -1.45 -12.40 8.25
N ALA A 4 -2.60 -11.76 8.04
CA ALA A 4 -3.60 -12.24 7.11
C ALA A 4 -3.05 -12.21 5.70
N GLU A 5 -3.17 -13.34 4.99
CA GLU A 5 -2.65 -13.47 3.64
C GLU A 5 -3.59 -12.79 2.65
N VAL A 6 -3.02 -11.94 1.80
CA VAL A 6 -3.79 -11.17 0.82
C VAL A 6 -3.04 -11.10 -0.50
N LYS A 7 -3.61 -10.36 -1.45
CA LYS A 7 -2.92 -10.05 -2.71
C LYS A 7 -2.78 -8.54 -2.84
N VAL A 8 -1.80 -8.09 -3.64
CA VAL A 8 -1.52 -6.67 -3.85
C VAL A 8 -1.31 -6.45 -5.34
N LYS A 9 -2.09 -5.54 -5.90
CA LYS A 9 -1.97 -5.15 -7.30
C LYS A 9 -1.38 -3.75 -7.41
N LEU A 10 -0.69 -3.49 -8.52
CA LEU A 10 -0.06 -2.22 -8.81
C LEU A 10 -0.53 -1.76 -10.18
N PHE A 11 -0.48 -0.45 -10.43
CA PHE A 11 -1.01 0.12 -11.65
C PHE A 11 -0.13 1.28 -12.09
N ALA A 12 -0.19 1.63 -13.40
CA ALA A 12 0.70 2.62 -13.98
C ALA A 12 2.15 2.33 -13.60
N ASN A 13 3.00 3.38 -13.52
CA ASN A 13 4.42 3.25 -13.23
C ASN A 13 4.72 2.50 -11.93
N LEU A 14 3.73 2.25 -11.08
CA LEU A 14 3.95 1.47 -9.86
C LEU A 14 4.23 0.01 -10.20
N ARG A 15 3.64 -0.47 -11.30
CA ARG A 15 3.87 -1.83 -11.80
C ARG A 15 5.30 -1.94 -12.33
N GLU A 16 5.76 -0.88 -12.99
CA GLU A 16 7.09 -0.83 -13.58
C GLU A 16 8.18 -0.80 -12.52
N ALA A 17 7.90 -0.09 -11.42
CA ALA A 17 8.85 0.08 -10.35
C ALA A 17 9.00 -1.17 -9.49
N ALA A 18 8.25 -2.24 -9.84
CA ALA A 18 8.33 -3.53 -9.18
C ALA A 18 8.48 -4.64 -10.22
N GLY A 19 8.39 -4.29 -11.49
CA GLY A 19 8.49 -5.21 -12.62
C GLY A 19 7.36 -6.25 -12.62
N THR A 20 6.33 -6.06 -11.79
CA THR A 20 5.22 -7.01 -11.69
C THR A 20 3.90 -6.25 -11.52
N PRO A 21 2.80 -6.77 -12.10
CA PRO A 21 1.49 -6.16 -12.00
C PRO A 21 0.84 -6.44 -10.66
N GLU A 22 1.24 -7.52 -9.98
CA GLU A 22 0.65 -7.91 -8.71
C GLU A 22 1.49 -8.99 -8.03
N LEU A 23 1.27 -9.18 -6.72
CA LEU A 23 1.97 -10.19 -5.94
C LEU A 23 1.21 -10.49 -4.64
N PRO A 24 1.40 -11.68 -4.05
CA PRO A 24 0.85 -12.03 -2.76
C PRO A 24 1.66 -11.39 -1.65
N LEU A 25 1.03 -11.16 -0.48
CA LEU A 25 1.67 -10.62 0.70
C LEU A 25 0.79 -10.92 1.92
N SER A 26 1.19 -10.44 3.10
CA SER A 26 0.43 -10.67 4.32
C SER A 26 0.55 -9.51 5.29
N GLY A 27 -0.40 -9.42 6.22
CA GLY A 27 -0.39 -8.44 7.29
C GLY A 27 -1.69 -8.48 8.08
N GLU A 28 -1.70 -8.00 9.31
CA GLU A 28 -2.90 -8.01 10.14
C GLU A 28 -3.79 -6.83 9.75
N LYS A 29 -3.18 -5.79 9.20
CA LYS A 29 -3.84 -4.57 8.76
C LYS A 29 -3.24 -4.14 7.43
N VAL A 30 -3.93 -3.22 6.75
CA VAL A 30 -3.49 -2.69 5.46
C VAL A 30 -2.00 -2.34 5.49
N ILE A 31 -1.58 -1.51 6.46
CA ILE A 31 -0.21 -1.03 6.53
C ILE A 31 0.81 -2.17 6.64
N ASP A 32 0.45 -3.29 7.27
CA ASP A 32 1.40 -4.37 7.45
C ASP A 32 1.75 -5.04 6.12
N VAL A 33 0.89 -4.89 5.12
CA VAL A 33 1.15 -5.38 3.77
C VAL A 33 1.94 -4.32 3.00
N LEU A 34 1.51 -3.06 3.08
CA LEU A 34 2.17 -1.94 2.44
C LEU A 34 3.64 -1.86 2.83
N LEU A 35 3.96 -2.18 4.09
CA LEU A 35 5.32 -2.09 4.58
C LEU A 35 6.21 -3.21 4.06
N SER A 36 5.61 -4.28 3.55
CA SER A 36 6.39 -5.36 2.92
C SER A 36 6.60 -5.05 1.44
N LEU A 37 5.61 -4.38 0.83
CA LEU A 37 5.69 -3.97 -0.56
C LEU A 37 6.92 -3.09 -0.76
N THR A 38 7.09 -2.08 0.09
CA THR A 38 8.22 -1.16 0.04
C THR A 38 9.51 -1.83 0.48
N ASP A 39 9.43 -3.00 1.13
CA ASP A 39 10.61 -3.66 1.67
C ASP A 39 11.49 -4.25 0.57
N LYS A 40 10.86 -4.77 -0.48
CA LYS A 40 11.56 -5.39 -1.60
C LYS A 40 11.58 -4.45 -2.80
N TYR A 41 10.66 -3.49 -2.81
CA TYR A 41 10.55 -2.49 -3.85
C TYR A 41 10.78 -1.11 -3.24
N PRO A 42 12.03 -0.77 -2.93
CA PRO A 42 12.38 0.52 -2.33
C PRO A 42 12.05 1.65 -3.30
N ALA A 43 11.89 1.31 -4.58
CA ALA A 43 11.47 2.24 -5.62
C ALA A 43 10.01 2.64 -5.46
N LEU A 44 9.34 2.13 -4.42
CA LEU A 44 7.97 2.50 -4.09
C LEU A 44 7.85 2.98 -2.64
N LYS A 45 8.94 2.90 -1.86
CA LYS A 45 8.93 3.30 -0.47
C LYS A 45 8.64 4.79 -0.29
N TYR A 46 8.92 5.58 -1.33
CA TYR A 46 8.66 7.01 -1.34
C TYR A 46 7.70 7.36 -2.47
N VAL A 47 6.90 6.37 -2.88
CA VAL A 47 5.87 6.50 -3.90
C VAL A 47 4.54 6.01 -3.32
N ILE A 48 4.58 5.44 -2.12
CA ILE A 48 3.39 5.03 -1.38
C ILE A 48 3.39 5.71 -0.01
N PHE A 49 4.56 6.15 0.46
CA PHE A 49 4.68 6.88 1.71
C PHE A 49 5.51 8.14 1.54
N GLU A 50 5.39 9.03 2.51
CA GLU A 50 6.21 10.23 2.60
C GLU A 50 7.62 9.84 3.03
N LYS A 51 8.59 10.71 2.72
CA LYS A 51 10.01 10.45 2.94
C LYS A 51 10.48 10.90 4.32
N GLY A 52 9.55 11.01 5.28
CA GLY A 52 9.89 11.44 6.62
C GLY A 52 8.69 11.72 7.51
N ASP A 53 9.01 12.18 8.72
CA ASP A 53 8.06 12.63 9.71
C ASP A 53 8.70 13.76 10.50
N GLU A 54 7.88 14.72 10.94
CA GLU A 54 8.36 15.91 11.60
C GLU A 54 8.96 15.67 12.99
N LYS A 55 8.82 14.47 13.56
CA LYS A 55 9.31 14.19 14.91
C LYS A 55 9.87 12.77 15.06
N SER A 56 9.83 11.95 14.01
CA SER A 56 10.24 10.56 14.08
C SER A 56 10.63 10.04 12.71
N GLU A 57 10.58 8.72 12.57
CA GLU A 57 10.89 8.04 11.32
C GLU A 57 9.75 7.10 10.95
N ILE A 58 8.62 7.24 11.65
CA ILE A 58 7.41 6.50 11.36
C ILE A 58 6.84 7.03 10.05
N LEU A 59 6.72 6.15 9.06
CA LEU A 59 6.27 6.50 7.73
C LEU A 59 4.83 7.00 7.74
N ILE A 60 4.43 7.64 6.64
CA ILE A 60 3.11 8.25 6.48
C ILE A 60 2.64 7.97 5.06
N LEU A 61 1.42 7.44 4.91
CA LEU A 61 0.87 7.17 3.58
C LEU A 61 0.86 8.48 2.80
N CYS A 62 1.39 8.47 1.57
CA CYS A 62 1.50 9.66 0.75
C CYS A 62 0.16 10.36 0.61
N GLY A 63 0.20 11.68 0.38
CA GLY A 63 -1.00 12.51 0.35
C GLY A 63 -1.60 12.64 -1.05
N SER A 64 -1.18 11.80 -1.99
CA SER A 64 -1.66 11.86 -3.36
C SER A 64 -1.91 10.48 -3.96
N ILE A 65 -1.54 9.42 -3.24
CA ILE A 65 -1.74 8.04 -3.67
C ILE A 65 -3.16 7.59 -3.36
N ASN A 66 -3.61 6.54 -4.05
CA ASN A 66 -4.89 5.92 -3.74
C ASN A 66 -4.64 4.44 -3.45
N ILE A 67 -5.17 3.99 -2.31
CA ILE A 67 -5.04 2.61 -1.88
C ILE A 67 -6.44 2.01 -1.81
N LEU A 68 -6.57 0.71 -2.12
CA LEU A 68 -7.85 0.05 -2.18
C LEU A 68 -7.83 -1.25 -1.38
N ILE A 69 -9.00 -1.77 -1.08
CA ILE A 69 -9.18 -3.09 -0.49
C ILE A 69 -10.31 -3.77 -1.26
N ASN A 70 -9.99 -4.74 -2.11
CA ASN A 70 -10.94 -5.31 -3.06
C ASN A 70 -11.60 -4.23 -3.94
N GLY A 71 -11.10 -2.99 -3.87
CA GLY A 71 -11.64 -1.87 -4.62
C GLY A 71 -12.43 -0.89 -3.74
N ASN A 72 -12.59 -1.22 -2.45
CA ASN A 72 -13.39 -0.45 -1.51
C ASN A 72 -12.76 0.86 -1.05
N ASN A 73 -11.54 1.19 -1.52
CA ASN A 73 -10.81 2.41 -1.18
C ASN A 73 -10.74 2.69 0.32
N ILE A 74 -9.62 2.33 0.97
CA ILE A 74 -9.41 2.61 2.39
C ILE A 74 -9.72 4.05 2.77
N ARG A 75 -9.69 4.98 1.79
CA ARG A 75 -10.03 6.38 2.03
C ARG A 75 -11.50 6.56 2.47
N HIS A 76 -12.33 5.53 2.31
CA HIS A 76 -13.71 5.54 2.78
C HIS A 76 -13.91 4.52 3.90
N LEU A 77 -12.81 3.93 4.36
CA LEU A 77 -12.79 2.93 5.41
C LEU A 77 -11.88 3.40 6.54
N GLU A 78 -11.37 2.47 7.35
CA GLU A 78 -10.56 2.81 8.52
C GLU A 78 -9.17 3.33 8.14
N GLY A 79 -8.84 3.36 6.85
CA GLY A 79 -7.52 3.78 6.41
C GLY A 79 -6.53 2.63 6.57
N LEU A 80 -5.31 2.94 7.01
CA LEU A 80 -4.25 1.98 7.21
C LEU A 80 -4.62 0.89 8.23
N GLU A 81 -5.80 0.96 8.84
CA GLU A 81 -6.23 0.03 9.87
C GLU A 81 -7.56 -0.63 9.50
N THR A 82 -7.87 -0.69 8.20
CA THR A 82 -9.08 -1.33 7.71
C THR A 82 -9.07 -2.83 7.97
N LEU A 83 -7.98 -3.33 8.56
CA LEU A 83 -7.76 -4.74 8.79
C LEU A 83 -7.75 -5.51 7.47
N LEU A 84 -7.32 -6.77 7.52
CA LEU A 84 -7.24 -7.65 6.36
C LEU A 84 -7.72 -9.05 6.73
N LYS A 85 -7.85 -9.91 5.73
CA LYS A 85 -8.25 -11.31 5.89
C LYS A 85 -7.44 -12.19 4.95
N ASP A 86 -7.51 -13.51 5.17
CA ASP A 86 -6.72 -14.50 4.45
C ASP A 86 -7.07 -14.63 2.97
N SER A 87 -7.91 -13.74 2.45
CA SER A 87 -8.26 -13.75 1.03
C SER A 87 -8.59 -12.33 0.58
N ASP A 88 -8.20 -11.33 1.36
CA ASP A 88 -8.38 -9.94 0.99
C ASP A 88 -7.42 -9.58 -0.16
N GLU A 89 -7.48 -8.32 -0.59
CA GLU A 89 -6.75 -7.84 -1.75
C GLU A 89 -6.52 -6.35 -1.61
N ILE A 90 -5.44 -5.85 -2.23
CA ILE A 90 -5.03 -4.47 -2.15
C ILE A 90 -4.78 -3.98 -3.57
N GLY A 91 -4.89 -2.67 -3.78
CA GLY A 91 -4.54 -2.05 -5.04
C GLY A 91 -3.90 -0.70 -4.74
N ILE A 92 -2.82 -0.38 -5.44
CA ILE A 92 -2.11 0.88 -5.24
C ILE A 92 -2.06 1.65 -6.55
N LEU A 93 -2.48 2.92 -6.51
CA LEU A 93 -2.55 3.77 -7.69
C LEU A 93 -1.91 5.13 -7.40
N PRO A 94 -1.26 5.72 -8.40
CA PRO A 94 -0.63 7.03 -8.32
C PRO A 94 -1.68 8.12 -8.55
N PRO A 95 -1.31 9.40 -8.36
CA PRO A 95 -2.16 10.52 -8.70
C PRO A 95 -2.32 10.66 -10.21
N VAL A 96 -3.15 11.62 -10.64
CA VAL A 96 -3.46 11.83 -12.05
C VAL A 96 -3.57 13.33 -12.36
N SER A 97 -3.06 14.17 -11.46
CA SER A 97 -3.17 15.61 -11.61
C SER A 97 -1.99 16.32 -10.93
N GLY A 98 -0.94 15.56 -10.58
CA GLY A 98 0.25 16.10 -9.93
C GLY A 98 1.31 15.03 -9.75
N GLY A 99 2.46 15.41 -9.17
CA GLY A 99 3.57 14.50 -8.93
C GLY A 99 4.77 15.23 -8.34
N GLY A 1 -0.46 -12.37 18.41
CA GLY A 1 -0.99 -11.60 17.27
C GLY A 1 -0.99 -12.42 15.99
N HIS A 2 -1.22 -11.76 14.86
CA HIS A 2 -1.26 -12.41 13.55
C HIS A 2 -0.90 -11.41 12.46
N MET A 3 -0.71 -11.91 11.24
CA MET A 3 -0.47 -11.12 10.04
C MET A 3 -1.24 -11.81 8.92
N ALA A 4 -2.42 -11.27 8.61
CA ALA A 4 -3.32 -11.88 7.64
C ALA A 4 -2.65 -11.88 6.27
N GLU A 5 -2.67 -13.03 5.60
CA GLU A 5 -2.05 -13.17 4.30
C GLU A 5 -2.92 -12.53 3.22
N VAL A 6 -2.31 -11.74 2.35
CA VAL A 6 -3.02 -10.96 1.35
C VAL A 6 -2.23 -10.91 0.05
N LYS A 7 -2.71 -10.08 -0.88
CA LYS A 7 -1.99 -9.76 -2.11
C LYS A 7 -1.97 -8.24 -2.31
N VAL A 8 -1.01 -7.74 -3.07
CA VAL A 8 -0.92 -6.32 -3.41
C VAL A 8 -0.78 -6.21 -4.92
N LYS A 9 -1.50 -5.25 -5.50
CA LYS A 9 -1.41 -4.95 -6.93
C LYS A 9 -0.95 -3.50 -7.11
N LEU A 10 -0.07 -3.29 -8.08
CA LEU A 10 0.42 -1.97 -8.43
C LEU A 10 -0.10 -1.60 -9.81
N PHE A 11 -0.10 -0.31 -10.13
CA PHE A 11 -0.60 0.18 -11.40
C PHE A 11 0.24 1.38 -11.84
N ALA A 12 0.22 1.68 -13.15
CA ALA A 12 1.06 2.72 -13.71
C ALA A 12 2.51 2.61 -13.24
N ASN A 13 3.20 3.74 -13.07
CA ASN A 13 4.60 3.78 -12.67
C ASN A 13 4.87 3.09 -11.32
N LEU A 14 3.84 2.68 -10.58
CA LEU A 14 4.06 1.95 -9.33
C LEU A 14 4.46 0.50 -9.65
N ARG A 15 3.94 -0.04 -10.76
CA ARG A 15 4.30 -1.37 -11.24
C ARG A 15 5.72 -1.37 -11.78
N GLU A 16 6.13 -0.26 -12.35
CA GLU A 16 7.47 -0.09 -12.86
C GLU A 16 8.48 -0.06 -11.73
N ALA A 17 8.07 0.53 -10.60
CA ALA A 17 8.97 0.72 -9.49
C ALA A 17 9.13 -0.56 -8.67
N ALA A 18 8.11 -1.42 -8.67
CA ALA A 18 8.16 -2.71 -7.98
C ALA A 18 8.71 -3.79 -8.91
N GLY A 19 8.70 -3.53 -10.22
CA GLY A 19 9.15 -4.48 -11.21
C GLY A 19 8.15 -5.61 -11.40
N THR A 20 7.00 -5.51 -10.73
CA THR A 20 5.96 -6.54 -10.75
C THR A 20 4.58 -5.89 -10.71
N PRO A 21 3.58 -6.47 -11.39
CA PRO A 21 2.22 -5.97 -11.39
C PRO A 21 1.52 -6.29 -10.06
N GLU A 22 1.97 -7.35 -9.37
CA GLU A 22 1.39 -7.74 -8.10
C GLU A 22 2.31 -8.71 -7.34
N LEU A 23 2.08 -8.85 -6.03
CA LEU A 23 2.87 -9.71 -5.17
C LEU A 23 2.13 -10.08 -3.89
N PRO A 24 2.47 -11.21 -3.26
CA PRO A 24 1.92 -11.65 -1.99
C PRO A 24 2.57 -10.92 -0.82
N LEU A 25 1.82 -10.75 0.27
CA LEU A 25 2.28 -10.12 1.50
C LEU A 25 1.35 -10.50 2.65
N SER A 26 1.59 -9.91 3.82
CA SER A 26 0.75 -10.13 4.99
C SER A 26 0.68 -8.88 5.87
N GLY A 27 -0.31 -8.85 6.76
CA GLY A 27 -0.46 -7.80 7.75
C GLY A 27 -1.81 -7.89 8.44
N GLU A 28 -1.92 -7.39 9.67
CA GLU A 28 -3.16 -7.43 10.42
C GLU A 28 -4.09 -6.33 9.94
N LYS A 29 -3.52 -5.27 9.35
CA LYS A 29 -4.24 -4.13 8.83
C LYS A 29 -3.62 -3.67 7.52
N VAL A 30 -4.28 -2.71 6.86
CA VAL A 30 -3.82 -2.23 5.56
C VAL A 30 -2.37 -1.77 5.68
N ILE A 31 -2.08 -0.95 6.69
CA ILE A 31 -0.76 -0.36 6.86
C ILE A 31 0.32 -1.44 7.07
N ASP A 32 -0.03 -2.57 7.70
CA ASP A 32 0.96 -3.60 7.97
C ASP A 32 1.40 -4.28 6.68
N VAL A 33 0.58 -4.19 5.62
CA VAL A 33 0.91 -4.74 4.32
C VAL A 33 1.65 -3.67 3.51
N LEU A 34 1.19 -2.42 3.59
CA LEU A 34 1.84 -1.28 2.96
C LEU A 34 3.29 -1.13 3.43
N LEU A 35 3.54 -1.34 4.72
CA LEU A 35 4.87 -1.20 5.29
C LEU A 35 5.74 -2.38 4.90
N SER A 36 5.12 -3.47 4.42
CA SER A 36 5.79 -4.65 3.93
C SER A 36 6.00 -4.57 2.42
N LEU A 37 5.18 -3.76 1.74
CA LEU A 37 5.35 -3.46 0.32
C LEU A 37 6.58 -2.59 0.14
N THR A 38 6.65 -1.48 0.89
CA THR A 38 7.79 -0.58 0.86
C THR A 38 9.06 -1.26 1.39
N ASP A 39 8.91 -2.42 2.04
CA ASP A 39 10.04 -3.12 2.64
C ASP A 39 10.97 -3.70 1.59
N LYS A 40 10.39 -4.33 0.55
CA LYS A 40 11.20 -4.92 -0.50
C LYS A 40 11.27 -4.00 -1.70
N TYR A 41 10.36 -3.03 -1.78
CA TYR A 41 10.31 -2.04 -2.83
C TYR A 41 10.50 -0.64 -2.23
N PRO A 42 11.75 -0.28 -1.85
CA PRO A 42 12.05 1.00 -1.26
C PRO A 42 11.77 2.13 -2.24
N ALA A 43 11.66 1.79 -3.53
CA ALA A 43 11.32 2.71 -4.59
C ALA A 43 9.85 3.14 -4.52
N LEU A 44 9.11 2.63 -3.53
CA LEU A 44 7.72 2.99 -3.30
C LEU A 44 7.52 3.53 -1.88
N LYS A 45 8.57 3.48 -1.05
CA LYS A 45 8.50 3.91 0.34
C LYS A 45 8.23 5.41 0.48
N TYR A 46 8.56 6.18 -0.56
CA TYR A 46 8.34 7.61 -0.57
C TYR A 46 7.45 7.99 -1.75
N VAL A 47 6.59 7.04 -2.16
CA VAL A 47 5.60 7.24 -3.20
C VAL A 47 4.23 6.89 -2.63
N ILE A 48 4.17 5.85 -1.79
CA ILE A 48 2.98 5.46 -1.07
C ILE A 48 2.88 6.27 0.22
N PHE A 49 4.01 6.76 0.72
CA PHE A 49 4.08 7.56 1.93
C PHE A 49 4.89 8.82 1.72
N GLU A 50 4.77 9.77 2.66
CA GLU A 50 5.55 10.98 2.66
C GLU A 50 6.85 10.72 3.41
N LYS A 51 7.95 11.33 2.92
CA LYS A 51 9.28 11.24 3.48
C LYS A 51 9.41 12.04 4.78
N GLY A 52 8.37 12.01 5.63
CA GLY A 52 8.31 12.81 6.85
C GLY A 52 9.34 12.40 7.89
N ASP A 53 9.92 11.20 7.77
CA ASP A 53 10.99 10.77 8.66
C ASP A 53 11.92 9.81 7.93
N GLU A 54 13.16 10.24 7.72
CA GLU A 54 14.16 9.48 6.98
C GLU A 54 14.89 8.45 7.85
N LYS A 55 14.52 8.32 9.13
CA LYS A 55 15.27 7.47 10.06
C LYS A 55 14.36 6.66 11.00
N SER A 56 13.04 6.67 10.78
CA SER A 56 12.10 5.99 11.64
C SER A 56 10.97 5.36 10.83
N GLU A 57 10.25 4.45 11.50
CA GLU A 57 9.15 3.70 10.90
C GLU A 57 7.89 4.54 10.80
N ILE A 58 7.96 5.74 11.35
CA ILE A 58 6.87 6.68 11.25
C ILE A 58 6.80 7.22 9.83
N LEU A 59 5.62 7.11 9.24
CA LEU A 59 5.32 7.54 7.89
C LEU A 59 3.91 8.11 7.81
N ILE A 60 3.57 8.66 6.64
CA ILE A 60 2.27 9.29 6.39
C ILE A 60 1.82 8.88 4.99
N LEU A 61 0.64 8.27 4.87
CA LEU A 61 0.13 7.85 3.58
C LEU A 61 0.06 9.08 2.67
N CYS A 62 0.66 8.99 1.47
CA CYS A 62 0.75 10.12 0.57
C CYS A 62 -0.63 10.70 0.26
N GLY A 63 -0.69 12.01 0.04
CA GLY A 63 -1.93 12.75 -0.16
C GLY A 63 -2.34 12.75 -1.63
N SER A 64 -1.76 11.84 -2.42
CA SER A 64 -1.98 11.74 -3.85
C SER A 64 -2.21 10.30 -4.29
N ILE A 65 -2.02 9.34 -3.39
CA ILE A 65 -2.17 7.93 -3.70
C ILE A 65 -3.61 7.49 -3.44
N ASN A 66 -4.01 6.40 -4.10
CA ASN A 66 -5.30 5.78 -3.85
C ASN A 66 -5.05 4.31 -3.55
N ILE A 67 -5.54 3.87 -2.39
CA ILE A 67 -5.42 2.50 -1.94
C ILE A 67 -6.80 1.86 -1.95
N LEU A 68 -6.92 0.63 -2.46
CA LEU A 68 -8.18 -0.08 -2.51
C LEU A 68 -8.04 -1.40 -1.77
N ILE A 69 -9.17 -1.99 -1.38
CA ILE A 69 -9.20 -3.33 -0.81
C ILE A 69 -10.17 -4.18 -1.63
N ASN A 70 -9.67 -5.16 -2.38
CA ASN A 70 -10.47 -5.97 -3.29
C ASN A 70 -11.24 -5.11 -4.31
N GLY A 71 -10.92 -3.81 -4.38
CA GLY A 71 -11.62 -2.87 -5.26
C GLY A 71 -12.42 -1.84 -4.46
N ASN A 72 -12.15 -1.72 -3.16
CA ASN A 72 -12.88 -0.88 -2.23
C ASN A 72 -11.91 0.08 -1.55
N ASN A 73 -11.79 1.27 -2.12
CA ASN A 73 -10.99 2.38 -1.62
C ASN A 73 -11.09 2.50 -0.09
N ILE A 74 -10.00 2.19 0.61
CA ILE A 74 -9.93 2.38 2.07
C ILE A 74 -10.36 3.78 2.47
N ARG A 75 -10.27 4.76 1.56
CA ARG A 75 -10.71 6.13 1.80
C ARG A 75 -12.22 6.21 2.04
N HIS A 76 -12.95 5.10 1.82
CA HIS A 76 -14.37 4.99 2.07
C HIS A 76 -14.66 3.86 3.08
N LEU A 77 -13.59 3.31 3.66
CA LEU A 77 -13.65 2.25 4.66
C LEU A 77 -12.96 2.75 5.92
N GLU A 78 -12.45 1.82 6.73
CA GLU A 78 -11.78 2.12 7.99
C GLU A 78 -10.50 2.93 7.78
N GLY A 79 -10.00 2.98 6.54
CA GLY A 79 -8.75 3.64 6.24
C GLY A 79 -7.60 2.65 6.40
N LEU A 80 -6.45 3.11 6.91
CA LEU A 80 -5.27 2.29 7.15
C LEU A 80 -5.53 1.15 8.14
N GLU A 81 -6.78 0.95 8.59
CA GLU A 81 -7.12 -0.03 9.59
C GLU A 81 -8.30 -0.90 9.17
N THR A 82 -8.50 -1.07 7.85
CA THR A 82 -9.58 -1.88 7.28
C THR A 82 -9.46 -3.36 7.65
N LEU A 83 -8.42 -3.74 8.41
CA LEU A 83 -8.26 -5.09 8.93
C LEU A 83 -8.35 -6.16 7.83
N LEU A 84 -7.24 -6.33 7.11
CA LEU A 84 -7.09 -7.32 6.04
C LEU A 84 -7.38 -8.73 6.54
N LYS A 85 -7.57 -9.66 5.62
CA LYS A 85 -7.89 -11.05 5.90
C LYS A 85 -7.02 -11.96 5.06
N ASP A 86 -7.02 -13.25 5.40
CA ASP A 86 -6.12 -14.26 4.84
C ASP A 86 -6.25 -14.53 3.35
N SER A 87 -7.07 -13.76 2.62
CA SER A 87 -7.16 -13.87 1.18
C SER A 87 -7.62 -12.54 0.57
N ASP A 88 -7.45 -11.46 1.34
CA ASP A 88 -7.75 -10.12 0.86
C ASP A 88 -6.71 -9.70 -0.18
N GLU A 89 -6.91 -8.50 -0.73
CA GLU A 89 -6.11 -7.95 -1.81
C GLU A 89 -6.13 -6.43 -1.70
N ILE A 90 -5.06 -5.80 -2.17
CA ILE A 90 -4.94 -4.35 -2.11
C ILE A 90 -4.48 -3.86 -3.48
N GLY A 91 -4.88 -2.64 -3.84
CA GLY A 91 -4.44 -2.04 -5.08
C GLY A 91 -3.95 -0.63 -4.78
N ILE A 92 -2.76 -0.29 -5.27
CA ILE A 92 -2.15 1.01 -5.05
C ILE A 92 -2.07 1.75 -6.38
N LEU A 93 -2.56 2.98 -6.41
CA LEU A 93 -2.61 3.78 -7.62
C LEU A 93 -2.10 5.21 -7.34
N PRO A 94 -1.45 5.83 -8.34
CA PRO A 94 -0.95 7.19 -8.27
C PRO A 94 -2.08 8.20 -8.50
N PRO A 95 -1.81 9.51 -8.37
CA PRO A 95 -2.77 10.54 -8.67
C PRO A 95 -3.09 10.58 -10.17
N VAL A 96 -4.11 11.36 -10.55
CA VAL A 96 -4.57 11.47 -11.92
C VAL A 96 -4.93 12.92 -12.23
N SER A 97 -4.80 13.31 -13.50
CA SER A 97 -5.10 14.66 -13.94
C SER A 97 -5.49 14.65 -15.41
N GLY A 98 -5.88 15.82 -15.94
CA GLY A 98 -6.29 15.94 -17.34
C GLY A 98 -6.85 17.32 -17.68
N GLY A 99 -7.19 18.14 -16.67
CA GLY A 99 -7.71 19.48 -16.89
C GLY A 99 -8.01 20.16 -15.56
N GLY A 1 0.09 -13.04 17.97
CA GLY A 1 0.03 -12.09 16.84
C GLY A 1 -0.17 -12.82 15.52
N HIS A 2 -0.56 -12.09 14.48
CA HIS A 2 -0.77 -12.64 13.15
C HIS A 2 -0.56 -11.57 12.09
N MET A 3 -0.49 -12.02 10.83
CA MET A 3 -0.39 -11.17 9.66
C MET A 3 -1.27 -11.79 8.58
N ALA A 4 -2.45 -11.22 8.37
CA ALA A 4 -3.43 -11.77 7.45
C ALA A 4 -2.85 -11.79 6.04
N GLU A 5 -2.97 -12.93 5.36
CA GLU A 5 -2.43 -13.07 4.02
C GLU A 5 -3.37 -12.41 3.03
N VAL A 6 -2.81 -11.58 2.15
CA VAL A 6 -3.59 -10.77 1.22
C VAL A 6 -2.92 -10.74 -0.15
N LYS A 7 -3.46 -9.91 -1.03
CA LYS A 7 -2.82 -9.59 -2.30
C LYS A 7 -2.74 -8.08 -2.45
N VAL A 8 -1.82 -7.60 -3.28
CA VAL A 8 -1.61 -6.18 -3.52
C VAL A 8 -1.41 -5.97 -5.00
N LYS A 9 -2.19 -5.05 -5.57
CA LYS A 9 -2.12 -4.70 -6.98
C LYS A 9 -1.51 -3.30 -7.10
N LEU A 10 -0.86 -3.03 -8.24
CA LEU A 10 -0.25 -1.75 -8.52
C LEU A 10 -0.70 -1.30 -9.89
N PHE A 11 -0.65 0.01 -10.14
CA PHE A 11 -1.16 0.60 -11.36
C PHE A 11 -0.30 1.78 -11.79
N ALA A 12 -0.36 2.17 -13.06
CA ALA A 12 0.52 3.19 -13.60
C ALA A 12 1.98 2.95 -13.21
N ASN A 13 2.75 4.02 -13.05
CA ASN A 13 4.17 3.96 -12.69
C ASN A 13 4.44 3.19 -11.39
N LEU A 14 3.43 2.84 -10.61
CA LEU A 14 3.64 2.06 -9.39
C LEU A 14 3.95 0.61 -9.77
N ARG A 15 3.38 0.12 -10.88
CA ARG A 15 3.64 -1.21 -11.40
C ARG A 15 5.07 -1.31 -11.93
N GLU A 16 5.52 -0.21 -12.53
CA GLU A 16 6.84 -0.10 -13.11
C GLU A 16 7.91 -0.12 -12.03
N ALA A 17 7.56 0.45 -10.87
CA ALA A 17 8.50 0.63 -9.78
C ALA A 17 8.71 -0.67 -8.99
N ALA A 18 7.99 -1.73 -9.37
CA ALA A 18 8.10 -3.04 -8.76
C ALA A 18 8.25 -4.13 -9.82
N GLY A 19 8.14 -3.73 -11.10
CA GLY A 19 8.24 -4.63 -12.24
C GLY A 19 7.13 -5.67 -12.27
N THR A 20 6.09 -5.50 -11.44
CA THR A 20 4.97 -6.45 -11.38
C THR A 20 3.66 -5.70 -11.19
N PRO A 21 2.56 -6.20 -11.80
CA PRO A 21 1.25 -5.60 -11.69
C PRO A 21 0.58 -5.95 -10.36
N GLU A 22 1.03 -7.02 -9.70
CA GLU A 22 0.47 -7.46 -8.43
C GLU A 22 1.41 -8.45 -7.74
N LEU A 23 1.21 -8.65 -6.43
CA LEU A 23 2.00 -9.56 -5.64
C LEU A 23 1.25 -9.97 -4.35
N PRO A 24 1.57 -11.13 -3.78
CA PRO A 24 1.07 -11.55 -2.49
C PRO A 24 1.83 -10.84 -1.37
N LEU A 25 1.19 -10.69 -0.21
CA LEU A 25 1.79 -10.08 0.98
C LEU A 25 0.93 -10.43 2.20
N SER A 26 1.28 -9.88 3.37
CA SER A 26 0.52 -10.10 4.59
C SER A 26 0.57 -8.89 5.51
N GLY A 27 -0.38 -8.83 6.44
CA GLY A 27 -0.43 -7.81 7.47
C GLY A 27 -1.76 -7.86 8.22
N GLU A 28 -1.78 -7.35 9.46
CA GLU A 28 -2.99 -7.36 10.27
C GLU A 28 -3.92 -6.22 9.84
N LYS A 29 -3.32 -5.17 9.26
CA LYS A 29 -4.03 -3.99 8.80
C LYS A 29 -3.44 -3.52 7.47
N VAL A 30 -4.09 -2.54 6.84
CA VAL A 30 -3.66 -2.04 5.55
C VAL A 30 -2.21 -1.59 5.62
N ILE A 31 -1.84 -0.88 6.68
CA ILE A 31 -0.49 -0.35 6.82
C ILE A 31 0.54 -1.48 6.96
N ASP A 32 0.18 -2.59 7.62
CA ASP A 32 1.14 -3.67 7.82
C ASP A 32 1.46 -4.34 6.49
N VAL A 33 0.58 -4.20 5.49
CA VAL A 33 0.81 -4.73 4.15
C VAL A 33 1.61 -3.72 3.34
N LEU A 34 1.23 -2.44 3.40
CA LEU A 34 1.90 -1.39 2.66
C LEU A 34 3.35 -1.21 3.12
N LEU A 35 3.65 -1.50 4.38
CA LEU A 35 5.00 -1.39 4.90
C LEU A 35 5.91 -2.52 4.40
N SER A 36 5.32 -3.63 3.93
CA SER A 36 6.10 -4.71 3.36
C SER A 36 6.33 -4.45 1.88
N LEU A 37 5.37 -3.77 1.23
CA LEU A 37 5.45 -3.40 -0.16
C LEU A 37 6.69 -2.51 -0.35
N THR A 38 6.83 -1.50 0.49
CA THR A 38 7.97 -0.58 0.46
C THR A 38 9.25 -1.24 0.93
N ASP A 39 9.18 -2.42 1.57
CA ASP A 39 10.36 -3.07 2.12
C ASP A 39 11.26 -3.63 1.04
N LYS A 40 10.65 -4.17 -0.02
CA LYS A 40 11.40 -4.75 -1.12
C LYS A 40 11.39 -3.86 -2.34
N TYR A 41 10.44 -2.91 -2.36
CA TYR A 41 10.33 -1.91 -3.42
C TYR A 41 10.53 -0.53 -2.81
N PRO A 42 11.78 -0.16 -2.50
CA PRO A 42 12.10 1.12 -1.89
C PRO A 42 11.76 2.26 -2.85
N ALA A 43 11.60 1.93 -4.13
CA ALA A 43 11.17 2.85 -5.16
C ALA A 43 9.70 3.25 -4.99
N LEU A 44 9.03 2.72 -3.96
CA LEU A 44 7.66 3.04 -3.62
C LEU A 44 7.54 3.52 -2.17
N LYS A 45 8.63 3.43 -1.41
CA LYS A 45 8.64 3.85 -0.01
C LYS A 45 8.42 5.35 0.13
N TYR A 46 8.73 6.10 -0.92
CA TYR A 46 8.56 7.55 -0.95
C TYR A 46 7.58 7.95 -2.04
N VAL A 47 6.66 7.03 -2.36
CA VAL A 47 5.60 7.24 -3.34
C VAL A 47 4.26 6.91 -2.68
N ILE A 48 4.24 5.89 -1.81
CA ILE A 48 3.08 5.54 -1.01
C ILE A 48 3.11 6.35 0.28
N PHE A 49 4.30 6.78 0.70
CA PHE A 49 4.48 7.54 1.93
C PHE A 49 5.39 8.74 1.70
N GLU A 50 5.35 9.69 2.63
CA GLU A 50 6.24 10.83 2.64
C GLU A 50 7.60 10.40 3.19
N LYS A 51 8.67 11.04 2.69
CA LYS A 51 10.04 10.85 3.15
C LYS A 51 10.25 11.54 4.50
N GLY A 52 9.23 11.52 5.36
CA GLY A 52 9.23 12.21 6.64
C GLY A 52 9.78 11.34 7.77
N ASP A 53 10.70 10.44 7.45
CA ASP A 53 11.26 9.48 8.40
C ASP A 53 12.79 9.46 8.37
N GLU A 54 13.40 10.52 7.85
CA GLU A 54 14.86 10.61 7.81
C GLU A 54 15.47 10.72 9.21
N LYS A 55 14.62 10.76 10.25
CA LYS A 55 15.05 10.86 11.64
C LYS A 55 14.18 9.99 12.54
N SER A 56 13.31 9.16 11.97
CA SER A 56 12.37 8.34 12.71
C SER A 56 12.19 7.01 11.99
N GLU A 57 11.20 6.24 12.45
CA GLU A 57 10.88 4.94 11.91
C GLU A 57 9.38 4.87 11.64
N ILE A 58 8.78 6.05 11.46
CA ILE A 58 7.35 6.21 11.28
C ILE A 58 7.08 6.95 9.97
N LEU A 59 6.41 6.28 9.04
CA LEU A 59 6.04 6.85 7.75
C LEU A 59 4.74 7.65 7.86
N ILE A 60 4.37 8.31 6.75
CA ILE A 60 3.15 9.10 6.64
C ILE A 60 2.62 8.87 5.23
N LEU A 61 1.32 8.56 5.07
CA LEU A 61 0.78 8.30 3.74
C LEU A 61 1.03 9.53 2.87
N CYS A 62 1.35 9.31 1.59
CA CYS A 62 1.75 10.36 0.65
C CYS A 62 0.71 11.45 0.42
N GLY A 63 -0.45 11.31 1.06
CA GLY A 63 -1.53 12.29 1.02
C GLY A 63 -2.13 12.52 -0.37
N SER A 64 -1.74 11.72 -1.37
CA SER A 64 -2.25 11.85 -2.73
C SER A 64 -2.52 10.50 -3.39
N ILE A 65 -1.99 9.41 -2.81
CA ILE A 65 -2.22 8.07 -3.28
C ILE A 65 -3.65 7.65 -3.00
N ASN A 66 -4.13 6.65 -3.75
CA ASN A 66 -5.42 6.05 -3.48
C ASN A 66 -5.18 4.57 -3.22
N ILE A 67 -5.68 4.10 -2.08
CA ILE A 67 -5.56 2.71 -1.67
C ILE A 67 -6.95 2.10 -1.67
N LEU A 68 -7.06 0.84 -2.08
CA LEU A 68 -8.34 0.15 -2.17
C LEU A 68 -8.28 -1.15 -1.38
N ILE A 69 -9.44 -1.68 -1.01
CA ILE A 69 -9.55 -3.01 -0.42
C ILE A 69 -10.63 -3.76 -1.17
N ASN A 70 -10.25 -4.73 -2.00
CA ASN A 70 -11.17 -5.39 -2.93
C ASN A 70 -11.89 -4.37 -3.84
N GLY A 71 -11.44 -3.11 -3.82
CA GLY A 71 -12.03 -2.03 -4.59
C GLY A 71 -12.85 -1.06 -3.72
N ASN A 72 -12.98 -1.37 -2.42
CA ASN A 72 -13.83 -0.62 -1.50
C ASN A 72 -13.24 0.73 -1.04
N ASN A 73 -12.04 1.09 -1.49
CA ASN A 73 -11.36 2.34 -1.15
C ASN A 73 -11.29 2.62 0.35
N ILE A 74 -10.14 2.36 0.98
CA ILE A 74 -9.96 2.64 2.42
C ILE A 74 -10.35 4.08 2.77
N ARG A 75 -10.36 4.98 1.78
CA ARG A 75 -10.76 6.37 1.98
C ARG A 75 -12.23 6.50 2.40
N HIS A 76 -13.00 5.40 2.30
CA HIS A 76 -14.39 5.36 2.73
C HIS A 76 -14.58 4.30 3.83
N LEU A 77 -13.46 3.77 4.34
CA LEU A 77 -13.44 2.75 5.37
C LEU A 77 -12.60 3.23 6.54
N GLU A 78 -12.04 2.31 7.34
CA GLU A 78 -11.27 2.63 8.52
C GLU A 78 -9.94 3.31 8.17
N GLY A 79 -9.61 3.40 6.87
CA GLY A 79 -8.35 3.97 6.44
C GLY A 79 -7.25 2.93 6.55
N LEU A 80 -6.06 3.35 6.98
CA LEU A 80 -4.90 2.47 7.15
C LEU A 80 -5.13 1.37 8.18
N GLU A 81 -6.34 1.24 8.72
CA GLU A 81 -6.66 0.26 9.75
C GLU A 81 -7.93 -0.54 9.38
N THR A 82 -8.22 -0.65 8.08
CA THR A 82 -9.37 -1.41 7.58
C THR A 82 -9.31 -2.90 7.90
N LEU A 83 -8.27 -3.35 8.62
CA LEU A 83 -8.15 -4.74 9.07
C LEU A 83 -8.34 -5.76 7.94
N LEU A 84 -7.25 -6.02 7.22
CA LEU A 84 -7.17 -7.01 6.14
C LEU A 84 -7.53 -8.41 6.64
N LYS A 85 -7.66 -9.34 5.70
CA LYS A 85 -8.05 -10.73 5.97
C LYS A 85 -7.24 -11.68 5.11
N ASP A 86 -7.31 -12.96 5.45
CA ASP A 86 -6.52 -14.03 4.84
C ASP A 86 -6.80 -14.27 3.36
N SER A 87 -7.65 -13.45 2.75
CA SER A 87 -7.88 -13.52 1.31
C SER A 87 -8.29 -12.16 0.77
N ASP A 88 -8.08 -11.10 1.56
CA ASP A 88 -8.33 -9.76 1.06
C ASP A 88 -7.37 -9.37 -0.05
N GLU A 89 -7.57 -8.17 -0.60
CA GLU A 89 -6.81 -7.64 -1.73
C GLU A 89 -6.72 -6.14 -1.61
N ILE A 90 -5.65 -5.56 -2.16
CA ILE A 90 -5.41 -4.13 -2.10
C ILE A 90 -5.00 -3.65 -3.49
N GLY A 91 -5.19 -2.37 -3.76
CA GLY A 91 -4.72 -1.76 -4.98
C GLY A 91 -4.22 -0.36 -4.67
N ILE A 92 -3.05 -0.03 -5.20
CA ILE A 92 -2.43 1.28 -4.98
C ILE A 92 -2.40 2.07 -6.28
N LEU A 93 -2.86 3.32 -6.25
CA LEU A 93 -2.94 4.15 -7.44
C LEU A 93 -2.44 5.57 -7.14
N PRO A 94 -1.80 6.23 -8.12
CA PRO A 94 -1.31 7.59 -8.01
C PRO A 94 -2.43 8.60 -8.26
N PRO A 95 -2.20 9.87 -7.93
CA PRO A 95 -3.16 10.95 -8.10
C PRO A 95 -3.36 11.36 -9.56
N VAL A 96 -2.74 10.65 -10.51
CA VAL A 96 -2.76 11.01 -11.92
C VAL A 96 -3.20 9.86 -12.82
N SER A 97 -3.79 8.80 -12.22
CA SER A 97 -4.23 7.65 -13.00
C SER A 97 -5.31 6.87 -12.27
N GLY A 98 -5.84 5.82 -12.92
CA GLY A 98 -6.89 4.98 -12.38
C GLY A 98 -6.82 3.56 -12.93
N GLY A 99 -5.74 3.23 -13.65
CA GLY A 99 -5.56 1.92 -14.25
C GLY A 99 -4.33 1.90 -15.15
N GLY A 1 0.03 -13.03 18.02
CA GLY A 1 0.05 -12.11 16.87
C GLY A 1 -0.14 -12.86 15.55
N HIS A 2 -0.52 -12.13 14.51
CA HIS A 2 -0.74 -12.71 13.18
C HIS A 2 -0.51 -11.65 12.10
N MET A 3 -0.46 -12.11 10.85
CA MET A 3 -0.37 -11.27 9.67
C MET A 3 -1.23 -11.91 8.60
N ALA A 4 -2.41 -11.32 8.37
CA ALA A 4 -3.39 -11.89 7.46
C ALA A 4 -2.80 -11.94 6.06
N GLU A 5 -2.91 -13.10 5.40
CA GLU A 5 -2.36 -13.28 4.07
C GLU A 5 -3.27 -12.63 3.05
N VAL A 6 -2.68 -11.85 2.13
CA VAL A 6 -3.43 -11.07 1.17
C VAL A 6 -2.74 -11.06 -0.19
N LYS A 7 -3.28 -10.28 -1.11
CA LYS A 7 -2.66 -10.01 -2.40
C LYS A 7 -2.57 -8.51 -2.61
N VAL A 8 -1.63 -8.07 -3.44
CA VAL A 8 -1.40 -6.67 -3.74
C VAL A 8 -1.15 -6.53 -5.23
N LYS A 9 -1.89 -5.64 -5.86
CA LYS A 9 -1.73 -5.32 -7.27
C LYS A 9 -1.25 -3.88 -7.42
N LEU A 10 -0.31 -3.67 -8.34
CA LEU A 10 0.21 -2.35 -8.65
C LEU A 10 -0.28 -1.94 -10.04
N PHE A 11 -0.23 -0.65 -10.33
CA PHE A 11 -0.70 -0.11 -11.59
C PHE A 11 0.18 1.07 -12.00
N ALA A 12 0.18 1.40 -13.29
CA ALA A 12 1.06 2.44 -13.82
C ALA A 12 2.49 2.26 -13.33
N ASN A 13 3.22 3.37 -13.15
CA ASN A 13 4.61 3.37 -12.73
C ASN A 13 4.87 2.63 -11.41
N LEU A 14 3.83 2.28 -10.65
CA LEU A 14 4.02 1.52 -9.42
C LEU A 14 4.40 0.07 -9.76
N ARG A 15 3.89 -0.43 -10.89
CA ARG A 15 4.24 -1.77 -11.38
C ARG A 15 5.68 -1.80 -11.85
N GLU A 16 6.15 -0.67 -12.40
CA GLU A 16 7.50 -0.54 -12.91
C GLU A 16 8.52 -0.52 -11.78
N ALA A 17 8.13 0.02 -10.62
CA ALA A 17 9.04 0.12 -9.51
C ALA A 17 9.01 -1.13 -8.63
N ALA A 18 7.92 -1.89 -8.66
CA ALA A 18 7.84 -3.18 -7.98
C ALA A 18 8.43 -4.28 -8.85
N GLY A 19 8.53 -4.03 -10.16
CA GLY A 19 9.02 -5.00 -11.11
C GLY A 19 8.00 -6.11 -11.35
N THR A 20 6.81 -5.97 -10.76
CA THR A 20 5.75 -6.96 -10.85
C THR A 20 4.39 -6.26 -10.91
N PRO A 21 3.42 -6.83 -11.64
CA PRO A 21 2.07 -6.29 -11.72
C PRO A 21 1.29 -6.57 -10.44
N GLU A 22 1.66 -7.64 -9.72
CA GLU A 22 0.99 -8.03 -8.49
C GLU A 22 1.85 -9.03 -7.72
N LEU A 23 1.55 -9.24 -6.44
CA LEU A 23 2.27 -10.15 -5.58
C LEU A 23 1.46 -10.50 -4.33
N PRO A 24 1.75 -11.64 -3.69
CA PRO A 24 1.22 -11.97 -2.38
C PRO A 24 1.97 -11.21 -1.29
N LEU A 25 1.32 -11.00 -0.15
CA LEU A 25 1.90 -10.35 1.02
C LEU A 25 1.05 -10.70 2.25
N SER A 26 1.39 -10.14 3.40
CA SER A 26 0.62 -10.36 4.62
C SER A 26 0.65 -9.13 5.53
N GLY A 27 -0.35 -9.04 6.40
CA GLY A 27 -0.45 -8.00 7.42
C GLY A 27 -1.84 -8.03 8.03
N GLU A 28 -1.97 -7.65 9.31
CA GLU A 28 -3.25 -7.70 10.00
C GLU A 28 -4.12 -6.51 9.60
N LYS A 29 -3.45 -5.43 9.17
CA LYS A 29 -4.10 -4.22 8.71
C LYS A 29 -3.46 -3.74 7.41
N VAL A 30 -4.07 -2.74 6.77
CA VAL A 30 -3.58 -2.23 5.49
C VAL A 30 -2.13 -1.82 5.62
N ILE A 31 -1.79 -1.11 6.71
CA ILE A 31 -0.43 -0.62 6.90
C ILE A 31 0.58 -1.75 7.02
N ASP A 32 0.19 -2.88 7.61
CA ASP A 32 1.12 -3.98 7.82
C ASP A 32 1.51 -4.65 6.50
N VAL A 33 0.67 -4.48 5.46
CA VAL A 33 0.96 -5.02 4.13
C VAL A 33 1.71 -3.97 3.31
N LEU A 34 1.33 -2.69 3.43
CA LEU A 34 2.00 -1.63 2.70
C LEU A 34 3.43 -1.46 3.18
N LEU A 35 3.68 -1.69 4.48
CA LEU A 35 5.03 -1.61 5.04
C LEU A 35 5.88 -2.80 4.60
N SER A 36 5.22 -3.88 4.17
CA SER A 36 5.86 -5.07 3.67
C SER A 36 6.10 -4.98 2.16
N LEU A 37 5.27 -4.21 1.46
CA LEU A 37 5.48 -3.91 0.05
C LEU A 37 6.73 -3.04 -0.10
N THR A 38 6.81 -1.95 0.66
CA THR A 38 7.95 -1.04 0.63
C THR A 38 9.21 -1.71 1.20
N ASP A 39 9.06 -2.85 1.87
CA ASP A 39 10.18 -3.53 2.53
C ASP A 39 11.16 -4.09 1.52
N LYS A 40 10.64 -4.65 0.43
CA LYS A 40 11.47 -5.23 -0.60
C LYS A 40 11.52 -4.35 -1.83
N TYR A 41 10.56 -3.42 -1.94
CA TYR A 41 10.48 -2.45 -3.01
C TYR A 41 10.65 -1.05 -2.43
N PRO A 42 11.88 -0.69 -2.03
CA PRO A 42 12.15 0.61 -1.42
C PRO A 42 11.89 1.74 -2.40
N ALA A 43 11.81 1.40 -3.70
CA ALA A 43 11.49 2.32 -4.76
C ALA A 43 10.01 2.75 -4.70
N LEU A 44 9.25 2.21 -3.74
CA LEU A 44 7.86 2.57 -3.50
C LEU A 44 7.66 3.09 -2.08
N LYS A 45 8.73 3.05 -1.26
CA LYS A 45 8.66 3.48 0.13
C LYS A 45 8.38 4.97 0.27
N TYR A 46 8.69 5.75 -0.77
CA TYR A 46 8.47 7.18 -0.78
C TYR A 46 7.58 7.55 -1.97
N VAL A 47 6.72 6.61 -2.36
CA VAL A 47 5.75 6.81 -3.42
C VAL A 47 4.37 6.46 -2.87
N ILE A 48 4.28 5.37 -2.10
CA ILE A 48 3.07 4.99 -1.38
C ILE A 48 2.97 5.81 -0.10
N PHE A 49 4.12 6.29 0.40
CA PHE A 49 4.18 7.07 1.62
C PHE A 49 5.00 8.33 1.37
N GLU A 50 4.93 9.27 2.32
CA GLU A 50 5.70 10.49 2.28
C GLU A 50 7.01 10.28 3.04
N LYS A 51 8.08 10.93 2.60
CA LYS A 51 9.40 10.87 3.20
C LYS A 51 9.46 11.65 4.52
N GLY A 52 8.36 11.63 5.29
CA GLY A 52 8.21 12.36 6.53
C GLY A 52 8.92 11.67 7.70
N ASP A 53 9.97 10.89 7.40
CA ASP A 53 10.70 10.11 8.38
C ASP A 53 12.19 10.37 8.30
N GLU A 54 12.57 11.51 7.73
CA GLU A 54 13.96 11.88 7.63
C GLU A 54 14.60 12.18 8.99
N LYS A 55 13.79 12.16 10.06
CA LYS A 55 14.24 12.35 11.43
C LYS A 55 13.46 11.44 12.40
N SER A 56 12.69 10.49 11.86
CA SER A 56 11.83 9.63 12.65
C SER A 56 11.80 8.24 12.02
N GLU A 57 10.84 7.43 12.47
CA GLU A 57 10.67 6.06 12.00
C GLU A 57 9.22 5.81 11.67
N ILE A 58 8.50 6.90 11.35
CA ILE A 58 7.08 6.88 11.10
C ILE A 58 6.77 7.48 9.73
N LEU A 59 6.21 6.65 8.85
CA LEU A 59 5.81 7.05 7.51
C LEU A 59 4.42 7.70 7.53
N ILE A 60 3.99 8.21 6.37
CA ILE A 60 2.70 8.84 6.19
C ILE A 60 2.16 8.40 4.84
N LEU A 61 0.98 7.79 4.80
CA LEU A 61 0.39 7.33 3.54
C LEU A 61 0.20 8.54 2.62
N CYS A 62 0.79 8.48 1.42
CA CYS A 62 0.73 9.60 0.48
C CYS A 62 -0.72 9.94 0.14
N GLY A 63 -1.06 11.22 0.11
CA GLY A 63 -2.41 11.65 -0.18
C GLY A 63 -2.72 11.60 -1.68
N SER A 64 -1.67 11.48 -2.50
CA SER A 64 -1.80 11.43 -3.95
C SER A 64 -2.12 10.02 -4.44
N ILE A 65 -1.87 9.03 -3.60
CA ILE A 65 -2.06 7.62 -3.93
C ILE A 65 -3.50 7.21 -3.63
N ASN A 66 -4.00 6.22 -4.38
CA ASN A 66 -5.32 5.66 -4.15
C ASN A 66 -5.13 4.20 -3.82
N ILE A 67 -5.68 3.79 -2.68
CA ILE A 67 -5.58 2.40 -2.24
C ILE A 67 -6.96 1.83 -1.99
N LEU A 68 -7.13 0.60 -2.47
CA LEU A 68 -8.39 -0.09 -2.49
C LEU A 68 -8.20 -1.44 -1.80
N ILE A 69 -9.29 -1.97 -1.22
CA ILE A 69 -9.30 -3.30 -0.66
C ILE A 69 -10.43 -4.06 -1.36
N ASN A 70 -10.07 -4.87 -2.34
CA ASN A 70 -11.02 -5.55 -3.22
C ASN A 70 -11.79 -4.53 -4.06
N GLY A 71 -11.49 -3.24 -3.90
CA GLY A 71 -12.16 -2.14 -4.59
C GLY A 71 -12.91 -1.21 -3.64
N ASN A 72 -12.86 -1.49 -2.33
CA ASN A 72 -13.65 -0.77 -1.33
C ASN A 72 -13.09 0.62 -0.98
N ASN A 73 -11.93 1.00 -1.55
CA ASN A 73 -11.24 2.25 -1.29
C ASN A 73 -11.07 2.57 0.19
N ILE A 74 -9.93 2.19 0.78
CA ILE A 74 -9.63 2.51 2.18
C ILE A 74 -9.86 3.99 2.50
N ARG A 75 -9.83 4.85 1.48
CA ARG A 75 -10.00 6.29 1.64
C ARG A 75 -11.42 6.66 2.07
N HIS A 76 -12.35 5.70 2.04
CA HIS A 76 -13.72 5.89 2.52
C HIS A 76 -14.01 4.95 3.69
N LEU A 77 -12.99 4.24 4.16
CA LEU A 77 -13.08 3.26 5.21
C LEU A 77 -12.12 3.62 6.34
N GLU A 78 -11.70 2.62 7.13
CA GLU A 78 -10.84 2.84 8.29
C GLU A 78 -9.44 3.32 7.90
N GLY A 79 -9.14 3.40 6.60
CA GLY A 79 -7.83 3.83 6.15
C GLY A 79 -6.81 2.73 6.43
N LEU A 80 -5.67 3.12 7.00
CA LEU A 80 -4.57 2.22 7.33
C LEU A 80 -4.97 1.09 8.29
N GLU A 81 -6.24 1.04 8.73
CA GLU A 81 -6.69 0.06 9.71
C GLU A 81 -7.95 -0.66 9.24
N THR A 82 -8.17 -0.73 7.91
CA THR A 82 -9.32 -1.41 7.34
C THR A 82 -9.32 -2.92 7.61
N LEU A 83 -8.33 -3.42 8.36
CA LEU A 83 -8.26 -4.81 8.80
C LEU A 83 -8.40 -5.82 7.65
N LEU A 84 -7.27 -6.11 7.00
CA LEU A 84 -7.15 -7.12 5.96
C LEU A 84 -7.51 -8.51 6.51
N LYS A 85 -7.67 -9.49 5.61
CA LYS A 85 -8.02 -10.86 5.94
C LYS A 85 -7.22 -11.83 5.08
N ASP A 86 -7.27 -13.11 5.46
CA ASP A 86 -6.45 -14.16 4.88
C ASP A 86 -6.70 -14.46 3.40
N SER A 87 -7.53 -13.68 2.73
CA SER A 87 -7.74 -13.82 1.30
C SER A 87 -8.16 -12.49 0.68
N ASP A 88 -7.93 -11.40 1.42
CA ASP A 88 -8.19 -10.06 0.90
C ASP A 88 -7.22 -9.71 -0.23
N GLU A 89 -7.41 -8.51 -0.78
CA GLU A 89 -6.68 -8.02 -1.94
C GLU A 89 -6.55 -6.51 -1.83
N ILE A 90 -5.48 -5.96 -2.40
CA ILE A 90 -5.24 -4.53 -2.39
C ILE A 90 -4.83 -4.09 -3.79
N GLY A 91 -5.12 -2.84 -4.12
CA GLY A 91 -4.68 -2.25 -5.37
C GLY A 91 -4.19 -0.85 -5.05
N ILE A 92 -3.01 -0.51 -5.56
CA ILE A 92 -2.41 0.80 -5.32
C ILE A 92 -2.24 1.53 -6.65
N LEU A 93 -2.67 2.79 -6.71
CA LEU A 93 -2.64 3.59 -7.93
C LEU A 93 -2.08 4.99 -7.64
N PRO A 94 -1.39 5.59 -8.61
CA PRO A 94 -0.82 6.92 -8.51
C PRO A 94 -1.91 7.98 -8.71
N PRO A 95 -1.58 9.27 -8.52
CA PRO A 95 -2.49 10.37 -8.80
C PRO A 95 -2.74 10.47 -10.31
N VAL A 96 -3.84 11.14 -10.68
CA VAL A 96 -4.26 11.28 -12.06
C VAL A 96 -4.73 12.71 -12.37
N SER A 97 -4.55 13.63 -11.42
CA SER A 97 -4.98 15.00 -11.60
C SER A 97 -4.23 15.93 -10.65
N GLY A 98 -4.46 17.24 -10.78
CA GLY A 98 -3.79 18.25 -9.96
C GLY A 98 -4.03 19.67 -10.46
N GLY A 99 -4.50 19.84 -11.70
CA GLY A 99 -4.79 21.14 -12.28
C GLY A 99 -5.38 21.01 -13.67
N GLY A 1 -0.81 -12.52 18.45
CA GLY A 1 -0.66 -11.65 17.28
C GLY A 1 -0.74 -12.44 15.98
N HIS A 2 -1.08 -11.75 14.88
CA HIS A 2 -1.21 -12.37 13.58
C HIS A 2 -0.93 -11.34 12.48
N MET A 3 -0.82 -11.83 11.24
CA MET A 3 -0.65 -11.02 10.05
C MET A 3 -1.47 -11.65 8.94
N ALA A 4 -2.63 -11.07 8.65
CA ALA A 4 -3.59 -11.63 7.72
C ALA A 4 -2.97 -11.66 6.32
N GLU A 5 -3.01 -12.84 5.70
CA GLU A 5 -2.44 -13.04 4.38
C GLU A 5 -3.36 -12.47 3.30
N VAL A 6 -2.83 -11.60 2.45
CA VAL A 6 -3.60 -10.94 1.40
C VAL A 6 -2.83 -10.91 0.10
N LYS A 7 -3.40 -10.24 -0.90
CA LYS A 7 -2.73 -9.96 -2.15
C LYS A 7 -2.62 -8.44 -2.32
N VAL A 8 -1.63 -7.97 -3.08
CA VAL A 8 -1.40 -6.57 -3.33
C VAL A 8 -1.17 -6.38 -4.83
N LYS A 9 -2.03 -5.58 -5.45
CA LYS A 9 -1.95 -5.28 -6.87
C LYS A 9 -1.32 -3.91 -7.07
N LEU A 10 -0.65 -3.72 -8.20
CA LEU A 10 -0.01 -2.46 -8.54
C LEU A 10 -0.44 -2.08 -9.96
N PHE A 11 -0.39 -0.78 -10.27
CA PHE A 11 -0.89 -0.27 -11.54
C PHE A 11 0.01 0.87 -12.01
N ALA A 12 -0.01 1.15 -13.32
CA ALA A 12 0.91 2.12 -13.91
C ALA A 12 2.36 1.84 -13.45
N ASN A 13 3.20 2.88 -13.42
CA ASN A 13 4.61 2.75 -13.05
C ASN A 13 4.83 2.05 -11.71
N LEU A 14 3.80 1.90 -10.87
CA LEU A 14 3.96 1.22 -9.60
C LEU A 14 4.24 -0.26 -9.85
N ARG A 15 3.71 -0.81 -10.95
CA ARG A 15 3.95 -2.18 -11.36
C ARG A 15 5.38 -2.35 -11.84
N GLU A 16 5.89 -1.34 -12.53
CA GLU A 16 7.22 -1.34 -13.10
C GLU A 16 8.30 -1.30 -12.02
N ALA A 17 8.04 -0.52 -10.98
CA ALA A 17 8.99 -0.32 -9.89
C ALA A 17 9.09 -1.54 -8.97
N ALA A 18 8.30 -2.58 -9.25
CA ALA A 18 8.33 -3.84 -8.53
C ALA A 18 8.47 -5.01 -9.51
N GLY A 19 8.39 -4.72 -10.80
CA GLY A 19 8.49 -5.70 -11.88
C GLY A 19 7.36 -6.72 -11.86
N THR A 20 6.29 -6.46 -11.08
CA THR A 20 5.17 -7.38 -10.96
C THR A 20 3.85 -6.61 -10.88
N PRO A 21 2.79 -7.13 -11.50
CA PRO A 21 1.47 -6.52 -11.48
C PRO A 21 0.77 -6.78 -10.14
N GLU A 22 1.21 -7.82 -9.41
CA GLU A 22 0.64 -8.15 -8.12
C GLU A 22 1.60 -9.08 -7.36
N LEU A 23 1.41 -9.18 -6.04
CA LEU A 23 2.21 -10.04 -5.18
C LEU A 23 1.46 -10.37 -3.88
N PRO A 24 1.78 -11.49 -3.23
CA PRO A 24 1.25 -11.84 -1.92
C PRO A 24 1.99 -11.05 -0.84
N LEU A 25 1.31 -10.82 0.29
CA LEU A 25 1.87 -10.15 1.46
C LEU A 25 0.96 -10.41 2.66
N SER A 26 1.31 -9.88 3.83
CA SER A 26 0.50 -10.08 5.03
C SER A 26 0.55 -8.87 5.97
N GLY A 27 -0.45 -8.76 6.83
CA GLY A 27 -0.51 -7.73 7.86
C GLY A 27 -1.87 -7.77 8.56
N GLU A 28 -1.94 -7.25 9.78
CA GLU A 28 -3.19 -7.24 10.53
C GLU A 28 -4.10 -6.13 10.01
N LYS A 29 -3.49 -5.08 9.46
CA LYS A 29 -4.19 -3.92 8.91
C LYS A 29 -3.56 -3.51 7.59
N VAL A 30 -4.26 -2.66 6.85
CA VAL A 30 -3.79 -2.16 5.57
C VAL A 30 -2.33 -1.71 5.63
N ILE A 31 -1.98 -0.89 6.63
CA ILE A 31 -0.62 -0.36 6.74
C ILE A 31 0.42 -1.46 6.94
N ASP A 32 0.09 -2.55 7.65
CA ASP A 32 1.05 -3.60 7.93
C ASP A 32 1.45 -4.34 6.65
N VAL A 33 0.61 -4.26 5.61
CA VAL A 33 0.93 -4.83 4.31
C VAL A 33 1.68 -3.79 3.47
N LEU A 34 1.21 -2.55 3.46
CA LEU A 34 1.83 -1.50 2.66
C LEU A 34 3.26 -1.21 3.13
N LEU A 35 3.57 -1.51 4.40
CA LEU A 35 4.91 -1.31 4.93
C LEU A 35 5.86 -2.43 4.53
N SER A 36 5.34 -3.58 4.10
CA SER A 36 6.17 -4.67 3.59
C SER A 36 6.43 -4.48 2.11
N LEU A 37 5.47 -3.84 1.42
CA LEU A 37 5.58 -3.53 0.01
C LEU A 37 6.83 -2.68 -0.23
N THR A 38 7.01 -1.63 0.57
CA THR A 38 8.17 -0.74 0.47
C THR A 38 9.45 -1.41 0.98
N ASP A 39 9.32 -2.51 1.73
CA ASP A 39 10.48 -3.16 2.35
C ASP A 39 11.38 -3.81 1.32
N LYS A 40 10.76 -4.44 0.31
CA LYS A 40 11.51 -5.10 -0.75
C LYS A 40 11.54 -4.27 -2.01
N TYR A 41 10.62 -3.30 -2.11
CA TYR A 41 10.54 -2.38 -3.23
C TYR A 41 10.76 -0.96 -2.71
N PRO A 42 12.02 -0.60 -2.39
CA PRO A 42 12.36 0.71 -1.87
C PRO A 42 12.08 1.78 -2.92
N ALA A 43 11.95 1.36 -4.18
CA ALA A 43 11.59 2.22 -5.30
C ALA A 43 10.11 2.65 -5.21
N LEU A 44 9.40 2.22 -4.16
CA LEU A 44 8.02 2.59 -3.92
C LEU A 44 7.83 3.19 -2.53
N LYS A 45 8.88 3.17 -1.70
CA LYS A 45 8.79 3.70 -0.35
C LYS A 45 8.51 5.19 -0.32
N TYR A 46 8.95 5.89 -1.37
CA TYR A 46 8.72 7.32 -1.51
C TYR A 46 7.83 7.61 -2.73
N VAL A 47 7.00 6.62 -3.07
CA VAL A 47 6.01 6.72 -4.14
C VAL A 47 4.64 6.30 -3.60
N ILE A 48 4.62 5.70 -2.40
CA ILE A 48 3.40 5.31 -1.72
C ILE A 48 3.33 5.99 -0.35
N PHE A 49 4.47 6.44 0.17
CA PHE A 49 4.52 7.19 1.41
C PHE A 49 5.37 8.45 1.23
N GLU A 50 5.21 9.40 2.17
CA GLU A 50 5.95 10.64 2.16
C GLU A 50 7.34 10.44 2.78
N LYS A 51 8.35 11.04 2.18
CA LYS A 51 9.73 11.05 2.65
C LYS A 51 9.91 11.99 3.84
N GLY A 52 8.89 12.08 4.69
CA GLY A 52 8.82 13.02 5.80
C GLY A 52 9.51 12.49 7.05
N ASP A 53 10.48 11.60 6.90
CA ASP A 53 11.22 11.02 8.00
C ASP A 53 12.71 10.94 7.65
N GLU A 54 13.54 11.41 8.57
CA GLU A 54 15.00 11.38 8.42
C GLU A 54 15.68 11.00 9.74
N LYS A 55 14.90 10.68 10.78
CA LYS A 55 15.42 10.31 12.09
C LYS A 55 14.60 9.20 12.72
N SER A 56 13.62 8.65 11.99
CA SER A 56 12.72 7.63 12.48
C SER A 56 12.36 6.70 11.34
N GLU A 57 11.42 5.79 11.62
CA GLU A 57 10.94 4.80 10.66
C GLU A 57 9.44 4.96 10.47
N ILE A 58 8.91 6.10 10.94
CA ILE A 58 7.50 6.41 10.77
C ILE A 58 7.29 6.92 9.34
N LEU A 59 6.34 6.33 8.63
CA LEU A 59 5.99 6.74 7.29
C LEU A 59 4.57 7.32 7.27
N ILE A 60 4.20 7.94 6.14
CA ILE A 60 2.91 8.61 5.98
C ILE A 60 2.40 8.33 4.57
N LEU A 61 1.21 7.74 4.43
CA LEU A 61 0.65 7.41 3.12
C LEU A 61 0.59 8.70 2.30
N CYS A 62 1.10 8.65 1.07
CA CYS A 62 1.17 9.82 0.19
C CYS A 62 -0.21 10.45 -0.01
N GLY A 63 -0.23 11.74 -0.32
CA GLY A 63 -1.46 12.51 -0.50
C GLY A 63 -1.91 12.53 -1.96
N SER A 64 -1.37 11.62 -2.76
CA SER A 64 -1.62 11.55 -4.20
C SER A 64 -1.92 10.13 -4.65
N ILE A 65 -1.78 9.14 -3.76
CA ILE A 65 -1.99 7.74 -4.07
C ILE A 65 -3.42 7.35 -3.75
N ASN A 66 -3.89 6.26 -4.36
CA ASN A 66 -5.18 5.68 -4.06
C ASN A 66 -4.98 4.23 -3.70
N ILE A 67 -5.43 3.86 -2.51
CA ILE A 67 -5.32 2.51 -1.99
C ILE A 67 -6.71 1.89 -1.99
N LEU A 68 -6.79 0.58 -2.26
CA LEU A 68 -8.05 -0.12 -2.34
C LEU A 68 -8.02 -1.38 -1.48
N ILE A 69 -9.20 -1.91 -1.17
CA ILE A 69 -9.35 -3.21 -0.51
C ILE A 69 -10.42 -3.96 -1.28
N ASN A 70 -10.02 -4.96 -2.08
CA ASN A 70 -10.92 -5.63 -3.03
C ASN A 70 -11.58 -4.62 -3.98
N GLY A 71 -11.15 -3.35 -3.95
CA GLY A 71 -11.70 -2.29 -4.78
C GLY A 71 -12.52 -1.29 -3.96
N ASN A 72 -12.71 -1.55 -2.67
CA ASN A 72 -13.56 -0.76 -1.80
C ASN A 72 -12.98 0.61 -1.42
N ASN A 73 -11.76 0.94 -1.88
CA ASN A 73 -11.08 2.21 -1.61
C ASN A 73 -11.08 2.61 -0.13
N ILE A 74 -9.99 2.32 0.59
CA ILE A 74 -9.87 2.70 2.00
C ILE A 74 -10.20 4.18 2.25
N ARG A 75 -10.15 5.02 1.21
CA ARG A 75 -10.52 6.42 1.32
C ARG A 75 -12.00 6.61 1.69
N HIS A 76 -12.80 5.55 1.57
CA HIS A 76 -14.20 5.56 1.97
C HIS A 76 -14.42 4.63 3.17
N LEU A 77 -13.33 4.11 3.73
CA LEU A 77 -13.35 3.19 4.86
C LEU A 77 -12.48 3.76 5.99
N GLU A 78 -12.00 2.89 6.86
CA GLU A 78 -11.23 3.26 8.05
C GLU A 78 -9.88 3.87 7.68
N GLY A 79 -9.43 3.71 6.44
CA GLY A 79 -8.11 4.15 6.03
C GLY A 79 -7.09 3.05 6.27
N LEU A 80 -5.90 3.43 6.75
CA LEU A 80 -4.80 2.51 7.03
C LEU A 80 -5.17 1.46 8.09
N GLU A 81 -6.38 1.51 8.65
CA GLU A 81 -6.78 0.62 9.73
C GLU A 81 -8.09 -0.10 9.39
N THR A 82 -8.38 -0.26 8.09
CA THR A 82 -9.56 -0.98 7.61
C THR A 82 -9.50 -2.46 7.95
N LEU A 83 -8.39 -2.89 8.58
CA LEU A 83 -8.12 -4.28 8.89
C LEU A 83 -8.06 -5.11 7.60
N LEU A 84 -7.53 -6.34 7.72
CA LEU A 84 -7.38 -7.26 6.59
C LEU A 84 -7.79 -8.67 7.00
N LYS A 85 -7.78 -9.58 6.03
CA LYS A 85 -8.15 -10.97 6.23
C LYS A 85 -7.25 -11.89 5.43
N ASP A 86 -7.33 -13.19 5.72
CA ASP A 86 -6.49 -14.20 5.10
C ASP A 86 -6.80 -14.44 3.63
N SER A 87 -7.67 -13.62 3.04
CA SER A 87 -8.01 -13.71 1.64
C SER A 87 -8.38 -12.33 1.10
N ASP A 88 -8.08 -11.27 1.86
CA ASP A 88 -8.31 -9.92 1.38
C ASP A 88 -7.34 -9.58 0.24
N GLU A 89 -7.44 -8.35 -0.27
CA GLU A 89 -6.68 -7.90 -1.42
C GLU A 89 -6.51 -6.39 -1.32
N ILE A 90 -5.44 -5.89 -1.93
CA ILE A 90 -5.09 -4.48 -1.90
C ILE A 90 -4.79 -4.06 -3.33
N GLY A 91 -4.89 -2.76 -3.61
CA GLY A 91 -4.46 -2.22 -4.88
C GLY A 91 -3.90 -0.83 -4.62
N ILE A 92 -2.82 -0.49 -5.31
CA ILE A 92 -2.17 0.81 -5.17
C ILE A 92 -2.10 1.51 -6.52
N LEU A 93 -2.60 2.76 -6.58
CA LEU A 93 -2.66 3.50 -7.83
C LEU A 93 -2.10 4.92 -7.63
N PRO A 94 -1.47 5.47 -8.68
CA PRO A 94 -0.92 6.83 -8.69
C PRO A 94 -2.04 7.86 -8.85
N PRO A 95 -1.72 9.15 -8.76
CA PRO A 95 -2.65 10.23 -9.03
C PRO A 95 -3.03 10.27 -10.51
N VAL A 96 -4.08 11.02 -10.85
CA VAL A 96 -4.53 11.13 -12.24
C VAL A 96 -5.11 12.50 -12.58
N SER A 97 -5.36 13.36 -11.58
CA SER A 97 -5.93 14.66 -11.87
C SER A 97 -5.69 15.68 -10.74
N GLY A 98 -4.93 15.31 -9.72
CA GLY A 98 -4.65 16.20 -8.60
C GLY A 98 -3.79 15.51 -7.54
N GLY A 99 -3.46 16.25 -6.48
CA GLY A 99 -2.64 15.75 -5.38
C GLY A 99 -2.40 16.83 -4.34
N GLY A 1 -0.26 -13.49 17.49
CA GLY A 1 -0.67 -12.58 16.40
C GLY A 1 -0.75 -13.29 15.06
N HIS A 2 -1.03 -12.55 13.99
CA HIS A 2 -1.11 -13.08 12.65
C HIS A 2 -0.81 -12.00 11.62
N MET A 3 -0.63 -12.42 10.36
CA MET A 3 -0.45 -11.55 9.22
C MET A 3 -1.24 -12.14 8.08
N ALA A 4 -2.42 -11.56 7.82
CA ALA A 4 -3.34 -12.09 6.83
C ALA A 4 -2.68 -12.03 5.46
N GLU A 5 -2.76 -13.13 4.71
CA GLU A 5 -2.15 -13.21 3.40
C GLU A 5 -3.06 -12.53 2.38
N VAL A 6 -2.47 -11.66 1.57
CA VAL A 6 -3.22 -10.82 0.65
C VAL A 6 -2.49 -10.69 -0.68
N LYS A 7 -3.02 -9.85 -1.56
CA LYS A 7 -2.35 -9.45 -2.78
C LYS A 7 -2.31 -7.92 -2.87
N VAL A 8 -1.37 -7.39 -3.65
CA VAL A 8 -1.21 -5.97 -3.86
C VAL A 8 -1.02 -5.71 -5.34
N LYS A 9 -1.77 -4.76 -5.87
CA LYS A 9 -1.67 -4.35 -7.27
C LYS A 9 -1.19 -2.90 -7.34
N LEU A 10 -0.29 -2.63 -8.27
CA LEU A 10 0.22 -1.29 -8.51
C LEU A 10 -0.31 -0.80 -9.85
N PHE A 11 -0.29 0.53 -10.04
CA PHE A 11 -0.80 1.15 -11.26
C PHE A 11 0.05 2.36 -11.59
N ALA A 12 0.01 2.80 -12.86
CA ALA A 12 0.90 3.85 -13.33
C ALA A 12 2.34 3.58 -12.93
N ASN A 13 3.16 4.63 -12.78
CA ASN A 13 4.58 4.52 -12.42
C ASN A 13 4.82 3.70 -11.14
N LEU A 14 3.80 3.42 -10.34
CA LEU A 14 3.98 2.60 -9.14
C LEU A 14 4.33 1.16 -9.55
N ARG A 15 3.81 0.72 -10.70
CA ARG A 15 4.10 -0.59 -11.26
C ARG A 15 5.54 -0.64 -11.76
N GLU A 16 6.01 0.48 -12.30
CA GLU A 16 7.36 0.58 -12.83
C GLU A 16 8.39 0.53 -11.71
N ALA A 17 8.08 1.20 -10.60
CA ALA A 17 9.01 1.25 -9.48
C ALA A 17 9.02 -0.07 -8.70
N ALA A 18 7.91 -0.81 -8.72
CA ALA A 18 7.86 -2.14 -8.10
C ALA A 18 8.42 -3.19 -9.06
N GLY A 19 8.50 -2.86 -10.35
CA GLY A 19 8.97 -3.76 -11.38
C GLY A 19 7.93 -4.83 -11.70
N THR A 20 6.75 -4.76 -11.07
CA THR A 20 5.69 -5.73 -11.22
C THR A 20 4.33 -5.04 -11.16
N PRO A 21 3.32 -5.57 -11.85
CA PRO A 21 1.96 -5.04 -11.80
C PRO A 21 1.27 -5.46 -10.49
N GLU A 22 1.71 -6.56 -9.87
CA GLU A 22 1.14 -7.04 -8.63
C GLU A 22 2.05 -8.06 -7.96
N LEU A 23 1.81 -8.32 -6.67
CA LEU A 23 2.58 -9.29 -5.89
C LEU A 23 1.79 -9.71 -4.64
N PRO A 24 2.08 -10.90 -4.09
CA PRO A 24 1.52 -11.35 -2.83
C PRO A 24 2.25 -10.68 -1.67
N LEU A 25 1.57 -10.55 -0.52
CA LEU A 25 2.12 -9.99 0.69
C LEU A 25 1.25 -10.41 1.88
N SER A 26 1.53 -9.90 3.08
CA SER A 26 0.73 -10.22 4.26
C SER A 26 0.69 -9.05 5.24
N GLY A 27 -0.30 -9.06 6.13
CA GLY A 27 -0.42 -8.10 7.20
C GLY A 27 -1.79 -8.21 7.87
N GLU A 28 -1.89 -7.77 9.12
CA GLU A 28 -3.15 -7.83 9.86
C GLU A 28 -4.07 -6.68 9.43
N LYS A 29 -3.44 -5.61 8.92
CA LYS A 29 -4.14 -4.40 8.48
C LYS A 29 -3.48 -3.86 7.22
N VAL A 30 -4.11 -2.84 6.62
CA VAL A 30 -3.62 -2.26 5.37
C VAL A 30 -2.17 -1.80 5.54
N ILE A 31 -1.88 -1.16 6.67
CA ILE A 31 -0.54 -0.64 6.92
C ILE A 31 0.50 -1.75 7.01
N ASP A 32 0.14 -2.91 7.57
CA ASP A 32 1.10 -3.99 7.73
C ASP A 32 1.50 -4.58 6.38
N VAL A 33 0.65 -4.39 5.36
CA VAL A 33 0.94 -4.85 4.00
C VAL A 33 1.74 -3.78 3.27
N LEU A 34 1.30 -2.52 3.37
CA LEU A 34 1.96 -1.42 2.69
C LEU A 34 3.38 -1.19 3.20
N LEU A 35 3.64 -1.52 4.47
CA LEU A 35 4.97 -1.38 5.05
C LEU A 35 5.94 -2.46 4.57
N SER A 36 5.41 -3.54 4.00
CA SER A 36 6.24 -4.59 3.43
C SER A 36 6.54 -4.27 1.97
N LEU A 37 5.60 -3.60 1.30
CA LEU A 37 5.74 -3.18 -0.08
C LEU A 37 6.94 -2.24 -0.18
N THR A 38 7.02 -1.25 0.70
CA THR A 38 8.12 -0.30 0.74
C THR A 38 9.42 -0.95 1.23
N ASP A 39 9.34 -2.14 1.83
CA ASP A 39 10.51 -2.77 2.42
C ASP A 39 11.48 -3.27 1.36
N LYS A 40 10.94 -3.80 0.26
CA LYS A 40 11.75 -4.33 -0.82
C LYS A 40 11.75 -3.38 -2.01
N TYR A 41 10.78 -2.47 -2.05
CA TYR A 41 10.68 -1.45 -3.07
C TYR A 41 10.80 -0.07 -2.41
N PRO A 42 12.03 0.33 -2.03
CA PRO A 42 12.28 1.60 -1.36
C PRO A 42 11.93 2.77 -2.28
N ALA A 43 11.82 2.49 -3.59
CA ALA A 43 11.42 3.46 -4.58
C ALA A 43 9.94 3.82 -4.46
N LEU A 44 9.24 3.21 -3.49
CA LEU A 44 7.83 3.49 -3.21
C LEU A 44 7.64 3.90 -1.75
N LYS A 45 8.71 3.84 -0.96
CA LYS A 45 8.67 4.18 0.46
C LYS A 45 8.31 5.64 0.70
N TYR A 46 8.59 6.49 -0.28
CA TYR A 46 8.29 7.91 -0.19
C TYR A 46 7.41 8.33 -1.36
N VAL A 47 6.57 7.37 -1.80
CA VAL A 47 5.57 7.61 -2.83
C VAL A 47 4.21 7.18 -2.29
N ILE A 48 4.16 6.05 -1.57
CA ILE A 48 2.97 5.59 -0.88
C ILE A 48 2.84 6.31 0.46
N PHE A 49 3.96 6.80 0.99
CA PHE A 49 4.00 7.49 2.27
C PHE A 49 4.75 8.80 2.17
N GLU A 50 4.56 9.64 3.18
CA GLU A 50 5.29 10.89 3.35
C GLU A 50 6.73 10.59 3.81
N LYS A 51 7.57 11.61 3.86
CA LYS A 51 8.97 11.51 4.22
C LYS A 51 9.24 12.41 5.43
N GLY A 52 8.25 12.50 6.32
CA GLY A 52 8.33 13.37 7.50
C GLY A 52 9.31 12.84 8.54
N ASP A 53 9.83 11.63 8.35
CA ASP A 53 10.88 11.11 9.20
C ASP A 53 11.80 10.23 8.36
N GLU A 54 13.10 10.49 8.47
CA GLU A 54 14.13 9.77 7.73
C GLU A 54 15.16 9.14 8.67
N LYS A 55 14.82 9.03 9.96
CA LYS A 55 15.68 8.42 10.97
C LYS A 55 14.87 7.47 11.86
N SER A 56 13.60 7.24 11.51
CA SER A 56 12.68 6.37 12.23
C SER A 56 11.70 5.72 11.27
N GLU A 57 11.02 4.68 11.77
CA GLU A 57 10.06 3.92 10.99
C GLU A 57 8.69 4.59 10.98
N ILE A 58 8.59 5.77 11.59
CA ILE A 58 7.35 6.54 11.55
C ILE A 58 7.11 6.98 10.11
N LEU A 59 5.92 6.69 9.61
CA LEU A 59 5.48 7.06 8.27
C LEU A 59 4.01 7.50 8.29
N ILE A 60 3.55 8.07 7.17
CA ILE A 60 2.20 8.58 7.00
C ILE A 60 1.78 8.31 5.57
N LEU A 61 0.58 7.78 5.35
CA LEU A 61 0.08 7.51 4.00
C LEU A 61 0.08 8.84 3.24
N CYS A 62 0.69 8.86 2.05
CA CYS A 62 0.83 10.08 1.28
C CYS A 62 -0.54 10.75 1.04
N GLY A 63 -0.56 12.07 1.05
CA GLY A 63 -1.76 12.88 0.92
C GLY A 63 -2.21 13.01 -0.53
N SER A 64 -1.67 12.16 -1.42
CA SER A 64 -1.95 12.20 -2.84
C SER A 64 -2.21 10.81 -3.41
N ILE A 65 -1.98 9.76 -2.62
CA ILE A 65 -2.17 8.38 -3.06
C ILE A 65 -3.60 7.95 -2.83
N ASN A 66 -4.02 6.90 -3.54
CA ASN A 66 -5.30 6.26 -3.30
C ASN A 66 -5.06 4.78 -3.12
N ILE A 67 -5.56 4.23 -2.02
CA ILE A 67 -5.43 2.82 -1.70
C ILE A 67 -6.80 2.18 -1.77
N LEU A 68 -6.88 0.93 -2.22
CA LEU A 68 -8.13 0.22 -2.39
C LEU A 68 -8.04 -1.13 -1.70
N ILE A 69 -9.20 -1.72 -1.39
CA ILE A 69 -9.28 -3.09 -0.90
C ILE A 69 -10.34 -3.80 -1.73
N ASN A 70 -9.91 -4.71 -2.61
CA ASN A 70 -10.78 -5.33 -3.60
C ASN A 70 -11.49 -4.28 -4.47
N GLY A 71 -11.07 -3.01 -4.37
CA GLY A 71 -11.66 -1.89 -5.10
C GLY A 71 -12.54 -1.01 -4.21
N ASN A 72 -12.70 -1.37 -2.94
CA ASN A 72 -13.61 -0.71 -2.01
C ASN A 72 -13.07 0.58 -1.38
N ASN A 73 -11.86 1.02 -1.76
CA ASN A 73 -11.23 2.25 -1.27
C ASN A 73 -11.20 2.39 0.26
N ILE A 74 -10.05 2.11 0.88
CA ILE A 74 -9.91 2.24 2.33
C ILE A 74 -10.38 3.60 2.83
N ARG A 75 -10.32 4.62 1.97
CA ARG A 75 -10.80 5.97 2.30
C ARG A 75 -12.28 6.02 2.64
N HIS A 76 -13.02 4.93 2.39
CA HIS A 76 -14.43 4.82 2.71
C HIS A 76 -14.70 3.61 3.62
N LEU A 77 -13.64 3.05 4.19
CA LEU A 77 -13.75 1.88 5.06
C LEU A 77 -13.17 2.19 6.44
N GLU A 78 -11.86 2.06 6.63
CA GLU A 78 -11.23 2.35 7.91
C GLU A 78 -9.84 2.95 7.74
N GLY A 79 -9.40 3.18 6.49
CA GLY A 79 -8.06 3.70 6.24
C GLY A 79 -7.03 2.61 6.47
N LEU A 80 -5.89 2.99 7.06
CA LEU A 80 -4.79 2.07 7.35
C LEU A 80 -5.18 0.91 8.25
N GLU A 81 -6.44 0.80 8.66
CA GLU A 81 -6.90 -0.23 9.59
C GLU A 81 -8.11 -0.97 9.06
N THR A 82 -8.29 -1.02 7.74
CA THR A 82 -9.40 -1.71 7.08
C THR A 82 -9.38 -3.22 7.31
N LEU A 83 -8.39 -3.72 8.08
CA LEU A 83 -8.30 -5.13 8.47
C LEU A 83 -8.40 -6.10 7.29
N LEU A 84 -7.26 -6.33 6.65
CA LEU A 84 -7.09 -7.28 5.55
C LEU A 84 -7.46 -8.71 5.97
N LYS A 85 -7.53 -9.60 4.98
CA LYS A 85 -7.89 -11.00 5.16
C LYS A 85 -7.03 -11.92 4.31
N ASP A 86 -7.12 -13.22 4.61
CA ASP A 86 -6.28 -14.25 4.02
C ASP A 86 -6.47 -14.46 2.52
N SER A 87 -7.30 -13.63 1.87
CA SER A 87 -7.46 -13.65 0.43
C SER A 87 -7.88 -12.29 -0.08
N ASP A 88 -7.72 -11.25 0.76
CA ASP A 88 -8.00 -9.90 0.32
C ASP A 88 -6.99 -9.44 -0.74
N GLU A 89 -7.20 -8.21 -1.23
CA GLU A 89 -6.43 -7.62 -2.31
C GLU A 89 -6.37 -6.12 -2.09
N ILE A 90 -5.29 -5.49 -2.55
CA ILE A 90 -5.09 -4.06 -2.40
C ILE A 90 -4.70 -3.49 -3.76
N GLY A 91 -5.00 -2.21 -3.97
CA GLY A 91 -4.59 -1.50 -5.16
C GLY A 91 -4.03 -0.15 -4.74
N ILE A 92 -2.88 0.22 -5.29
CA ILE A 92 -2.23 1.48 -4.97
C ILE A 92 -2.15 2.34 -6.22
N LEU A 93 -2.61 3.59 -6.12
CA LEU A 93 -2.67 4.50 -7.26
C LEU A 93 -2.15 5.88 -6.88
N PRO A 94 -1.53 6.59 -7.84
CA PRO A 94 -1.03 7.95 -7.69
C PRO A 94 -2.17 8.96 -7.82
N PRO A 95 -1.90 10.26 -7.59
CA PRO A 95 -2.88 11.32 -7.77
C PRO A 95 -3.20 11.51 -9.25
N VAL A 96 -4.21 12.36 -9.52
CA VAL A 96 -4.68 12.73 -10.86
C VAL A 96 -4.79 11.53 -11.81
N SER A 97 -5.11 10.35 -11.26
CA SER A 97 -5.23 9.14 -12.04
C SER A 97 -6.16 8.15 -11.36
N GLY A 98 -6.45 7.03 -12.03
CA GLY A 98 -7.33 5.99 -11.53
C GLY A 98 -7.17 4.67 -12.28
N GLY A 99 -6.07 4.52 -13.04
CA GLY A 99 -5.82 3.31 -13.82
C GLY A 99 -4.61 3.50 -14.72
N GLY A 1 -0.85 -12.49 18.44
CA GLY A 1 -0.72 -11.61 17.27
C GLY A 1 -0.87 -12.38 15.97
N HIS A 2 -1.19 -11.67 14.88
CA HIS A 2 -1.37 -12.27 13.57
C HIS A 2 -1.08 -11.25 12.47
N MET A 3 -0.99 -11.73 11.23
CA MET A 3 -0.85 -10.93 10.04
C MET A 3 -1.67 -11.61 8.95
N ALA A 4 -2.83 -11.03 8.65
CA ALA A 4 -3.76 -11.61 7.70
C ALA A 4 -3.09 -11.71 6.34
N GLU A 5 -3.17 -12.88 5.71
CA GLU A 5 -2.55 -13.08 4.41
C GLU A 5 -3.39 -12.43 3.33
N VAL A 6 -2.74 -11.68 2.45
CA VAL A 6 -3.39 -10.89 1.43
C VAL A 6 -2.58 -10.90 0.14
N LYS A 7 -3.01 -10.09 -0.83
CA LYS A 7 -2.25 -9.83 -2.04
C LYS A 7 -2.13 -8.33 -2.24
N VAL A 8 -1.12 -7.88 -2.99
CA VAL A 8 -0.96 -6.48 -3.32
C VAL A 8 -0.77 -6.36 -4.83
N LYS A 9 -1.41 -5.37 -5.43
CA LYS A 9 -1.25 -5.07 -6.84
C LYS A 9 -0.71 -3.66 -7.01
N LEU A 10 0.01 -3.44 -8.10
CA LEU A 10 0.61 -2.16 -8.44
C LEU A 10 0.21 -1.80 -9.87
N PHE A 11 0.21 -0.51 -10.18
CA PHE A 11 -0.25 -0.03 -11.46
C PHE A 11 0.60 1.15 -11.92
N ALA A 12 0.59 1.44 -13.22
CA ALA A 12 1.45 2.45 -13.81
C ALA A 12 2.89 2.31 -13.32
N ASN A 13 3.61 3.43 -13.16
CA ASN A 13 5.00 3.45 -12.75
C ASN A 13 5.26 2.75 -11.41
N LEU A 14 4.23 2.38 -10.65
CA LEU A 14 4.42 1.66 -9.40
C LEU A 14 4.80 0.21 -9.68
N ARG A 15 4.29 -0.34 -10.80
CA ARG A 15 4.63 -1.70 -11.23
C ARG A 15 6.07 -1.74 -11.71
N GLU A 16 6.53 -0.64 -12.29
CA GLU A 16 7.89 -0.49 -12.79
C GLU A 16 8.89 -0.38 -11.67
N ALA A 17 8.41 0.04 -10.48
CA ALA A 17 9.28 0.28 -9.36
C ALA A 17 9.44 -0.98 -8.49
N ALA A 18 8.81 -2.08 -8.92
CA ALA A 18 8.90 -3.36 -8.25
C ALA A 18 9.16 -4.48 -9.26
N GLY A 19 9.09 -4.16 -10.56
CA GLY A 19 9.29 -5.11 -11.63
C GLY A 19 8.19 -6.17 -11.67
N THR A 20 7.12 -6.00 -10.89
CA THR A 20 6.02 -6.95 -10.84
C THR A 20 4.69 -6.22 -10.74
N PRO A 21 3.63 -6.77 -11.36
CA PRO A 21 2.30 -6.17 -11.34
C PRO A 21 1.58 -6.44 -10.02
N GLU A 22 1.99 -7.50 -9.30
CA GLU A 22 1.34 -7.88 -8.05
C GLU A 22 2.19 -8.89 -7.29
N LEU A 23 1.94 -9.03 -5.98
CA LEU A 23 2.68 -9.93 -5.10
C LEU A 23 1.88 -10.29 -3.85
N PRO A 24 2.15 -11.44 -3.23
CA PRO A 24 1.54 -11.86 -1.97
C PRO A 24 2.20 -11.16 -0.79
N LEU A 25 1.45 -10.98 0.30
CA LEU A 25 1.94 -10.33 1.51
C LEU A 25 1.01 -10.63 2.68
N SER A 26 1.25 -10.00 3.83
CA SER A 26 0.41 -10.16 5.01
C SER A 26 0.38 -8.89 5.84
N GLY A 27 -0.64 -8.77 6.69
CA GLY A 27 -0.79 -7.67 7.64
C GLY A 27 -2.18 -7.69 8.24
N GLU A 28 -2.33 -7.24 9.49
CA GLU A 28 -3.61 -7.26 10.17
C GLU A 28 -4.47 -6.07 9.73
N LYS A 29 -3.80 -5.01 9.30
CA LYS A 29 -4.44 -3.80 8.78
C LYS A 29 -3.76 -3.41 7.47
N VAL A 30 -4.35 -2.43 6.78
CA VAL A 30 -3.86 -2.01 5.48
C VAL A 30 -2.39 -1.62 5.61
N ILE A 31 -2.08 -0.79 6.60
CA ILE A 31 -0.73 -0.28 6.79
C ILE A 31 0.28 -1.41 7.03
N ASP A 32 -0.13 -2.50 7.68
CA ASP A 32 0.80 -3.58 7.98
C ASP A 32 1.22 -4.30 6.69
N VAL A 33 0.41 -4.19 5.63
CA VAL A 33 0.72 -4.77 4.33
C VAL A 33 1.58 -3.79 3.56
N LEU A 34 1.20 -2.50 3.56
CA LEU A 34 1.93 -1.42 2.93
C LEU A 34 3.37 -1.34 3.42
N LEU A 35 3.57 -1.56 4.73
CA LEU A 35 4.90 -1.47 5.32
C LEU A 35 5.77 -2.66 4.96
N SER A 36 5.17 -3.74 4.43
CA SER A 36 5.91 -4.88 3.93
C SER A 36 6.14 -4.73 2.43
N LEU A 37 5.25 -4.01 1.75
CA LEU A 37 5.40 -3.71 0.33
C LEU A 37 6.66 -2.86 0.14
N THR A 38 6.79 -1.79 0.93
CA THR A 38 7.95 -0.91 0.88
C THR A 38 9.21 -1.62 1.39
N ASP A 39 9.05 -2.77 2.07
CA ASP A 39 10.19 -3.49 2.64
C ASP A 39 11.05 -4.11 1.56
N LYS A 40 10.42 -4.76 0.57
CA LYS A 40 11.17 -5.40 -0.50
C LYS A 40 11.28 -4.48 -1.71
N TYR A 41 10.42 -3.47 -1.78
CA TYR A 41 10.41 -2.48 -2.84
C TYR A 41 10.67 -1.09 -2.26
N PRO A 42 11.92 -0.78 -1.90
CA PRO A 42 12.29 0.49 -1.30
C PRO A 42 12.06 1.64 -2.28
N ALA A 43 11.93 1.31 -3.58
CA ALA A 43 11.63 2.27 -4.62
C ALA A 43 10.16 2.73 -4.55
N LEU A 44 9.41 2.23 -3.57
CA LEU A 44 8.02 2.62 -3.33
C LEU A 44 7.85 3.15 -1.91
N LYS A 45 8.88 3.07 -1.08
CA LYS A 45 8.82 3.52 0.31
C LYS A 45 8.61 5.02 0.42
N TYR A 46 8.99 5.77 -0.61
CA TYR A 46 8.83 7.21 -0.65
C TYR A 46 7.97 7.62 -1.84
N VAL A 47 7.06 6.71 -2.24
CA VAL A 47 6.08 6.93 -3.29
C VAL A 47 4.69 6.63 -2.73
N ILE A 48 4.60 5.61 -1.87
CA ILE A 48 3.39 5.26 -1.16
C ILE A 48 3.30 6.09 0.12
N PHE A 49 4.45 6.53 0.64
CA PHE A 49 4.52 7.35 1.84
C PHE A 49 5.39 8.57 1.61
N GLU A 50 5.23 9.57 2.48
CA GLU A 50 6.05 10.77 2.46
C GLU A 50 7.34 10.51 3.23
N LYS A 51 8.46 11.04 2.71
CA LYS A 51 9.78 10.95 3.31
C LYS A 51 9.89 11.87 4.52
N GLY A 52 8.86 11.88 5.38
CA GLY A 52 8.80 12.78 6.53
C GLY A 52 9.88 12.48 7.56
N ASP A 53 10.43 11.27 7.56
CA ASP A 53 11.52 10.93 8.45
C ASP A 53 12.39 9.84 7.81
N GLU A 54 13.65 10.21 7.57
CA GLU A 54 14.62 9.37 6.91
C GLU A 54 15.38 8.46 7.90
N LYS A 55 15.07 8.53 9.19
CA LYS A 55 15.84 7.81 10.22
C LYS A 55 14.94 7.16 11.27
N SER A 56 13.62 7.17 11.06
CA SER A 56 12.67 6.59 12.00
C SER A 56 11.50 5.93 11.27
N GLU A 57 10.74 5.13 12.01
CA GLU A 57 9.63 4.35 11.47
C GLU A 57 8.41 5.17 11.14
N ILE A 58 8.48 6.47 11.40
CA ILE A 58 7.34 7.32 11.17
C ILE A 58 7.22 7.61 9.68
N LEU A 59 6.03 7.34 9.15
CA LEU A 59 5.71 7.56 7.75
C LEU A 59 4.30 8.15 7.64
N ILE A 60 3.96 8.62 6.44
CA ILE A 60 2.67 9.26 6.16
C ILE A 60 2.22 8.83 4.76
N LEU A 61 1.04 8.22 4.64
CA LEU A 61 0.53 7.79 3.36
C LEU A 61 0.50 9.00 2.41
N CYS A 62 1.14 8.88 1.25
CA CYS A 62 1.30 10.00 0.32
C CYS A 62 -0.05 10.64 0.00
N GLY A 63 -0.04 11.95 -0.21
CA GLY A 63 -1.23 12.75 -0.44
C GLY A 63 -1.62 12.76 -1.92
N SER A 64 -1.07 11.81 -2.69
CA SER A 64 -1.28 11.71 -4.12
C SER A 64 -1.59 10.28 -4.55
N ILE A 65 -1.42 9.31 -3.65
CA ILE A 65 -1.65 7.91 -3.95
C ILE A 65 -3.11 7.55 -3.70
N ASN A 66 -3.55 6.44 -4.29
CA ASN A 66 -4.85 5.87 -4.03
C ASN A 66 -4.65 4.40 -3.70
N ILE A 67 -5.20 3.99 -2.56
CA ILE A 67 -5.12 2.62 -2.09
C ILE A 67 -6.51 1.99 -2.17
N LEU A 68 -6.57 0.69 -2.48
CA LEU A 68 -7.82 -0.03 -2.62
C LEU A 68 -7.78 -1.29 -1.78
N ILE A 69 -8.97 -1.84 -1.50
CA ILE A 69 -9.10 -3.14 -0.85
C ILE A 69 -10.10 -3.94 -1.67
N ASN A 70 -9.62 -4.93 -2.44
CA ASN A 70 -10.45 -5.63 -3.42
C ASN A 70 -11.11 -4.66 -4.42
N GLY A 71 -10.73 -3.38 -4.38
CA GLY A 71 -11.29 -2.33 -5.22
C GLY A 71 -12.17 -1.36 -4.44
N ASN A 72 -12.39 -1.62 -3.15
CA ASN A 72 -13.31 -0.86 -2.30
C ASN A 72 -12.78 0.50 -1.85
N ASN A 73 -11.56 0.89 -2.25
CA ASN A 73 -10.94 2.18 -1.93
C ASN A 73 -10.99 2.54 -0.45
N ILE A 74 -9.90 2.32 0.29
CA ILE A 74 -9.84 2.70 1.71
C ILE A 74 -10.25 4.16 1.94
N ARG A 75 -10.19 5.01 0.90
CA ARG A 75 -10.64 6.39 0.99
C ARG A 75 -12.13 6.49 1.33
N HIS A 76 -12.87 5.37 1.24
CA HIS A 76 -14.28 5.30 1.61
C HIS A 76 -14.52 4.31 2.75
N LEU A 77 -13.43 3.82 3.35
CA LEU A 77 -13.46 2.84 4.42
C LEU A 77 -12.69 3.37 5.62
N GLU A 78 -12.21 2.48 6.49
CA GLU A 78 -11.53 2.86 7.72
C GLU A 78 -10.16 3.51 7.45
N GLY A 79 -9.73 3.53 6.19
CA GLY A 79 -8.43 4.08 5.84
C GLY A 79 -7.35 3.03 6.10
N LEU A 80 -6.21 3.46 6.64
CA LEU A 80 -5.08 2.59 6.94
C LEU A 80 -5.41 1.49 7.96
N GLU A 81 -6.68 1.40 8.41
CA GLU A 81 -7.09 0.47 9.44
C GLU A 81 -8.32 -0.33 9.01
N THR A 82 -8.52 -0.50 7.69
CA THR A 82 -9.64 -1.26 7.13
C THR A 82 -9.62 -2.75 7.53
N LEU A 83 -8.62 -3.17 8.31
CA LEU A 83 -8.53 -4.53 8.84
C LEU A 83 -8.68 -5.60 7.76
N LEU A 84 -7.56 -5.90 7.11
CA LEU A 84 -7.44 -6.93 6.07
C LEU A 84 -7.82 -8.32 6.58
N LYS A 85 -7.93 -9.27 5.66
CA LYS A 85 -8.29 -10.65 5.94
C LYS A 85 -7.43 -11.61 5.13
N ASP A 86 -7.50 -12.89 5.49
CA ASP A 86 -6.64 -13.95 4.96
C ASP A 86 -6.80 -14.24 3.46
N SER A 87 -7.58 -13.44 2.74
CA SER A 87 -7.70 -13.58 1.30
C SER A 87 -8.05 -12.24 0.66
N ASP A 88 -7.84 -11.15 1.41
CA ASP A 88 -8.05 -9.81 0.88
C ASP A 88 -6.94 -9.44 -0.12
N GLU A 89 -7.03 -8.22 -0.65
CA GLU A 89 -6.17 -7.74 -1.72
C GLU A 89 -6.05 -6.24 -1.65
N ILE A 90 -4.95 -5.71 -2.18
CA ILE A 90 -4.65 -4.29 -2.19
C ILE A 90 -4.39 -3.87 -3.62
N GLY A 91 -4.59 -2.58 -3.91
CA GLY A 91 -4.25 -2.00 -5.20
C GLY A 91 -3.74 -0.60 -4.95
N ILE A 92 -2.50 -0.33 -5.36
CA ILE A 92 -1.87 0.96 -5.15
C ILE A 92 -1.76 1.69 -6.49
N LEU A 93 -2.20 2.94 -6.53
CA LEU A 93 -2.20 3.73 -7.76
C LEU A 93 -1.65 5.13 -7.50
N PRO A 94 -1.00 5.72 -8.51
CA PRO A 94 -0.44 7.07 -8.47
C PRO A 94 -1.56 8.10 -8.67
N PRO A 95 -1.26 9.40 -8.55
CA PRO A 95 -2.23 10.46 -8.79
C PRO A 95 -2.69 10.48 -10.24
N VAL A 96 -3.88 11.05 -10.48
CA VAL A 96 -4.50 11.16 -11.77
C VAL A 96 -5.22 12.50 -11.91
N SER A 97 -5.72 12.78 -13.12
CA SER A 97 -6.40 14.03 -13.40
C SER A 97 -7.58 13.80 -14.35
N GLY A 98 -8.46 14.79 -14.46
CA GLY A 98 -9.63 14.71 -15.33
C GLY A 98 -10.71 15.72 -14.97
N GLY A 99 -10.62 16.32 -13.77
CA GLY A 99 -11.57 17.33 -13.32
C GLY A 99 -11.23 17.79 -11.91
N GLY A 1 -1.25 -12.12 18.47
CA GLY A 1 -0.82 -11.31 17.31
C GLY A 1 -0.82 -12.15 16.03
N HIS A 2 -1.11 -11.51 14.90
CA HIS A 2 -1.16 -12.17 13.60
C HIS A 2 -0.84 -11.16 12.49
N MET A 3 -0.64 -11.67 11.28
CA MET A 3 -0.44 -10.90 10.08
C MET A 3 -1.21 -11.59 8.96
N ALA A 4 -2.39 -11.07 8.65
CA ALA A 4 -3.29 -11.68 7.70
C ALA A 4 -2.63 -11.72 6.32
N GLU A 5 -2.67 -12.88 5.68
CA GLU A 5 -2.04 -13.05 4.37
C GLU A 5 -2.94 -12.45 3.29
N VAL A 6 -2.35 -11.62 2.44
CA VAL A 6 -3.09 -10.86 1.44
C VAL A 6 -2.32 -10.80 0.13
N LYS A 7 -2.84 -10.00 -0.80
CA LYS A 7 -2.14 -9.68 -2.04
C LYS A 7 -2.14 -8.17 -2.26
N VAL A 8 -1.17 -7.67 -3.03
CA VAL A 8 -1.08 -6.25 -3.37
C VAL A 8 -0.94 -6.14 -4.88
N LYS A 9 -1.70 -5.22 -5.47
CA LYS A 9 -1.62 -4.92 -6.89
C LYS A 9 -1.13 -3.49 -7.10
N LEU A 10 -0.26 -3.29 -8.07
CA LEU A 10 0.25 -1.99 -8.43
C LEU A 10 -0.31 -1.61 -9.80
N PHE A 11 -0.28 -0.31 -10.09
CA PHE A 11 -0.82 0.22 -11.34
C PHE A 11 0.03 1.40 -11.78
N ALA A 12 -0.04 1.76 -13.06
CA ALA A 12 0.80 2.79 -13.64
C ALA A 12 2.26 2.59 -13.24
N ASN A 13 3.02 3.68 -13.07
CA ASN A 13 4.43 3.66 -12.74
C ASN A 13 4.75 2.90 -11.44
N LEU A 14 3.75 2.55 -10.63
CA LEU A 14 3.99 1.80 -9.41
C LEU A 14 4.33 0.34 -9.75
N ARG A 15 3.76 -0.17 -10.86
CA ARG A 15 4.06 -1.50 -11.34
C ARG A 15 5.48 -1.54 -11.91
N GLU A 16 5.92 -0.43 -12.50
CA GLU A 16 7.24 -0.30 -13.07
C GLU A 16 8.31 -0.28 -11.99
N ALA A 17 7.98 0.29 -10.82
CA ALA A 17 8.96 0.42 -9.77
C ALA A 17 9.02 -0.84 -8.91
N ALA A 18 7.92 -1.61 -8.86
CA ALA A 18 7.90 -2.89 -8.16
C ALA A 18 8.44 -4.00 -9.06
N GLY A 19 8.45 -3.75 -10.38
CA GLY A 19 8.90 -4.73 -11.35
C GLY A 19 7.87 -5.83 -11.54
N THR A 20 6.71 -5.72 -10.86
CA THR A 20 5.65 -6.71 -10.90
C THR A 20 4.30 -6.00 -10.83
N PRO A 21 3.26 -6.57 -11.46
CA PRO A 21 1.91 -6.04 -11.41
C PRO A 21 1.26 -6.33 -10.06
N GLU A 22 1.73 -7.37 -9.36
CA GLU A 22 1.18 -7.74 -8.06
C GLU A 22 2.13 -8.67 -7.31
N LEU A 23 1.92 -8.80 -5.99
CA LEU A 23 2.73 -9.64 -5.13
C LEU A 23 1.97 -10.04 -3.86
N PRO A 24 2.33 -11.17 -3.25
CA PRO A 24 1.77 -11.61 -1.97
C PRO A 24 2.43 -10.88 -0.81
N LEU A 25 1.69 -10.71 0.28
CA LEU A 25 2.19 -10.05 1.48
C LEU A 25 1.31 -10.40 2.68
N SER A 26 1.58 -9.79 3.84
CA SER A 26 0.75 -10.00 5.03
C SER A 26 0.71 -8.74 5.89
N GLY A 27 -0.28 -8.69 6.77
CA GLY A 27 -0.41 -7.62 7.77
C GLY A 27 -1.78 -7.69 8.45
N GLU A 28 -1.87 -7.22 9.69
CA GLU A 28 -3.12 -7.25 10.44
C GLU A 28 -4.07 -6.17 9.92
N LYS A 29 -3.51 -5.10 9.34
CA LYS A 29 -4.26 -3.97 8.82
C LYS A 29 -3.64 -3.50 7.52
N VAL A 30 -4.28 -2.54 6.85
CA VAL A 30 -3.82 -2.05 5.56
C VAL A 30 -2.39 -1.54 5.68
N ILE A 31 -2.10 -0.77 6.73
CA ILE A 31 -0.77 -0.20 6.91
C ILE A 31 0.29 -1.28 7.12
N ASP A 32 -0.05 -2.39 7.78
CA ASP A 32 0.92 -3.43 8.04
C ASP A 32 1.34 -4.13 6.74
N VAL A 33 0.49 -4.06 5.71
CA VAL A 33 0.80 -4.61 4.41
C VAL A 33 1.59 -3.59 3.59
N LEU A 34 1.16 -2.33 3.60
CA LEU A 34 1.82 -1.27 2.84
C LEU A 34 3.24 -1.03 3.35
N LEU A 35 3.49 -1.25 4.65
CA LEU A 35 4.82 -1.09 5.20
C LEU A 35 5.74 -2.24 4.79
N SER A 36 5.17 -3.35 4.33
CA SER A 36 5.96 -4.47 3.81
C SER A 36 6.16 -4.32 2.30
N LEU A 37 5.24 -3.61 1.65
CA LEU A 37 5.35 -3.30 0.22
C LEU A 37 6.60 -2.45 0.00
N THR A 38 6.76 -1.39 0.80
CA THR A 38 7.92 -0.52 0.73
C THR A 38 9.19 -1.23 1.20
N ASP A 39 9.06 -2.36 1.90
CA ASP A 39 10.21 -3.07 2.44
C ASP A 39 11.03 -3.72 1.34
N LYS A 40 10.38 -4.40 0.40
CA LYS A 40 11.09 -5.06 -0.68
C LYS A 40 11.17 -4.15 -1.91
N TYR A 41 10.29 -3.15 -1.97
CA TYR A 41 10.26 -2.17 -3.05
C TYR A 41 10.55 -0.77 -2.48
N PRO A 42 11.83 -0.47 -2.19
CA PRO A 42 12.22 0.82 -1.65
C PRO A 42 11.96 1.93 -2.67
N ALA A 43 11.77 1.54 -3.94
CA ALA A 43 11.43 2.45 -5.02
C ALA A 43 9.99 2.93 -4.91
N LEU A 44 9.27 2.50 -3.86
CA LEU A 44 7.90 2.91 -3.60
C LEU A 44 7.76 3.46 -2.17
N LYS A 45 8.83 3.41 -1.38
CA LYS A 45 8.81 3.86 0.02
C LYS A 45 8.48 5.33 0.15
N TYR A 46 8.76 6.11 -0.89
CA TYR A 46 8.48 7.54 -0.91
C TYR A 46 7.60 7.87 -2.12
N VAL A 47 6.78 6.88 -2.51
CA VAL A 47 5.79 7.00 -3.57
C VAL A 47 4.43 6.57 -3.03
N ILE A 48 4.41 5.97 -1.83
CA ILE A 48 3.20 5.59 -1.13
C ILE A 48 3.17 6.29 0.24
N PHE A 49 4.31 6.77 0.71
CA PHE A 49 4.41 7.51 1.96
C PHE A 49 5.24 8.77 1.79
N GLU A 50 5.08 9.71 2.73
CA GLU A 50 5.85 10.92 2.79
C GLU A 50 7.31 10.62 3.17
N LYS A 51 8.18 11.62 3.03
CA LYS A 51 9.61 11.50 3.29
C LYS A 51 10.02 12.36 4.48
N GLY A 52 9.07 12.59 5.40
CA GLY A 52 9.28 13.42 6.58
C GLY A 52 10.00 12.64 7.69
N ASP A 53 10.38 11.39 7.42
CA ASP A 53 11.10 10.57 8.35
C ASP A 53 12.14 9.76 7.59
N GLU A 54 13.40 9.88 8.01
CA GLU A 54 14.53 9.19 7.38
C GLU A 54 15.44 8.57 8.44
N LYS A 55 14.97 8.52 9.70
CA LYS A 55 15.73 7.97 10.81
C LYS A 55 14.84 7.14 11.74
N SER A 56 13.58 6.91 11.36
CA SER A 56 12.62 6.17 12.14
C SER A 56 11.66 5.42 11.22
N GLU A 57 11.02 4.40 11.77
CA GLU A 57 10.06 3.58 11.05
C GLU A 57 8.69 4.25 10.99
N ILE A 58 8.59 5.45 11.55
CA ILE A 58 7.38 6.25 11.43
C ILE A 58 7.27 6.72 9.99
N LEU A 59 6.08 6.55 9.41
CA LEU A 59 5.78 7.04 8.07
C LEU A 59 4.37 7.61 8.03
N ILE A 60 4.02 8.23 6.90
CA ILE A 60 2.73 8.90 6.69
C ILE A 60 2.31 8.62 5.26
N LEU A 61 1.04 8.27 5.02
CA LEU A 61 0.57 8.01 3.67
C LEU A 61 0.80 9.28 2.84
N CYS A 62 1.17 9.11 1.57
CA CYS A 62 1.56 10.21 0.68
C CYS A 62 0.48 11.28 0.47
N GLY A 63 -0.70 11.06 1.06
CA GLY A 63 -1.82 11.99 1.05
C GLY A 63 -2.40 12.26 -0.34
N SER A 64 -1.91 11.57 -1.39
CA SER A 64 -2.39 11.76 -2.75
C SER A 64 -2.56 10.43 -3.49
N ILE A 65 -2.18 9.32 -2.84
CA ILE A 65 -2.31 7.98 -3.39
C ILE A 65 -3.73 7.49 -3.18
N ASN A 66 -4.14 6.50 -3.97
CA ASN A 66 -5.42 5.83 -3.78
C ASN A 66 -5.14 4.37 -3.49
N ILE A 67 -5.70 3.90 -2.38
CA ILE A 67 -5.53 2.53 -1.93
C ILE A 67 -6.90 1.86 -1.95
N LEU A 68 -6.93 0.57 -2.30
CA LEU A 68 -8.16 -0.18 -2.43
C LEU A 68 -8.07 -1.46 -1.63
N ILE A 69 -9.23 -2.05 -1.29
CA ILE A 69 -9.29 -3.37 -0.69
C ILE A 69 -10.31 -4.18 -1.47
N ASN A 70 -9.85 -5.15 -2.27
CA ASN A 70 -10.67 -5.86 -3.22
C ASN A 70 -11.38 -4.91 -4.18
N GLY A 71 -11.02 -3.62 -4.18
CA GLY A 71 -11.62 -2.59 -5.00
C GLY A 71 -12.51 -1.64 -4.20
N ASN A 72 -12.68 -1.91 -2.90
CA ASN A 72 -13.60 -1.18 -2.03
C ASN A 72 -13.10 0.19 -1.58
N ASN A 73 -11.90 0.61 -1.98
CA ASN A 73 -11.29 1.91 -1.64
C ASN A 73 -11.31 2.21 -0.12
N ILE A 74 -10.17 2.01 0.56
CA ILE A 74 -10.08 2.33 1.99
C ILE A 74 -10.56 3.74 2.32
N ARG A 75 -10.58 4.64 1.32
CA ARG A 75 -11.08 6.00 1.50
C ARG A 75 -12.57 6.04 1.83
N HIS A 76 -13.27 4.91 1.68
CA HIS A 76 -14.67 4.77 2.04
C HIS A 76 -14.84 3.74 3.16
N LEU A 77 -13.72 3.29 3.73
CA LEU A 77 -13.68 2.30 4.79
C LEU A 77 -12.90 2.86 5.98
N GLU A 78 -12.33 1.99 6.81
CA GLU A 78 -11.64 2.40 8.02
C GLU A 78 -10.31 3.10 7.71
N GLY A 79 -9.92 3.19 6.44
CA GLY A 79 -8.65 3.78 6.06
C GLY A 79 -7.52 2.77 6.27
N LEU A 80 -6.37 3.24 6.77
CA LEU A 80 -5.20 2.41 7.02
C LEU A 80 -5.46 1.30 8.05
N GLU A 81 -6.71 1.16 8.53
CA GLU A 81 -7.06 0.22 9.59
C GLU A 81 -8.25 -0.66 9.19
N THR A 82 -8.49 -0.80 7.88
CA THR A 82 -9.59 -1.59 7.31
C THR A 82 -9.51 -3.08 7.66
N LEU A 83 -8.49 -3.49 8.43
CA LEU A 83 -8.34 -4.86 8.92
C LEU A 83 -8.43 -5.90 7.79
N LEU A 84 -7.29 -6.15 7.14
CA LEU A 84 -7.12 -7.14 6.09
C LEU A 84 -7.46 -8.55 6.59
N LYS A 85 -7.50 -9.50 5.66
CA LYS A 85 -7.84 -10.90 5.93
C LYS A 85 -6.95 -11.84 5.14
N ASP A 86 -6.98 -13.12 5.52
CA ASP A 86 -6.10 -14.16 4.99
C ASP A 86 -6.28 -14.45 3.49
N SER A 87 -7.12 -13.68 2.80
CA SER A 87 -7.24 -13.78 1.37
C SER A 87 -7.69 -12.46 0.77
N ASP A 88 -7.56 -11.37 1.54
CA ASP A 88 -7.86 -10.04 1.01
C ASP A 88 -6.84 -9.64 -0.06
N GLU A 89 -7.07 -8.46 -0.63
CA GLU A 89 -6.29 -7.92 -1.73
C GLU A 89 -6.27 -6.40 -1.62
N ILE A 90 -5.21 -5.77 -2.12
CA ILE A 90 -5.05 -4.33 -2.08
C ILE A 90 -4.65 -3.86 -3.46
N GLY A 91 -4.96 -2.61 -3.78
CA GLY A 91 -4.54 -2.00 -5.03
C GLY A 91 -4.03 -0.60 -4.73
N ILE A 92 -2.87 -0.26 -5.27
CA ILE A 92 -2.26 1.04 -5.06
C ILE A 92 -2.19 1.80 -6.38
N LEU A 93 -2.68 3.05 -6.38
CA LEU A 93 -2.72 3.87 -7.57
C LEU A 93 -2.23 5.29 -7.26
N PRO A 94 -1.52 5.92 -8.21
CA PRO A 94 -0.97 7.25 -8.08
C PRO A 94 -2.04 8.32 -8.32
N PRO A 95 -1.72 9.59 -8.01
CA PRO A 95 -2.57 10.73 -8.31
C PRO A 95 -2.56 11.04 -9.81
N VAL A 96 -3.30 12.08 -10.21
CA VAL A 96 -3.40 12.51 -11.61
C VAL A 96 -3.55 14.01 -11.67
N SER A 97 -3.14 14.61 -12.79
CA SER A 97 -3.17 16.05 -12.98
C SER A 97 -3.42 16.43 -14.43
N GLY A 98 -3.93 15.49 -15.24
CA GLY A 98 -4.17 15.72 -16.66
C GLY A 98 -5.26 14.80 -17.21
N GLY A 99 -6.06 14.19 -16.33
CA GLY A 99 -7.12 13.28 -16.72
C GLY A 99 -7.91 12.79 -15.50
N GLY A 1 -0.50 -12.85 18.32
CA GLY A 1 -0.42 -11.94 17.17
C GLY A 1 -0.48 -12.70 15.85
N HIS A 2 -0.82 -11.99 14.77
CA HIS A 2 -0.93 -12.58 13.44
C HIS A 2 -0.67 -11.52 12.36
N MET A 3 -0.52 -11.97 11.12
CA MET A 3 -0.38 -11.13 9.94
C MET A 3 -1.17 -11.77 8.82
N ALA A 4 -2.33 -11.19 8.52
CA ALA A 4 -3.25 -11.76 7.55
C ALA A 4 -2.60 -11.76 6.17
N GLU A 5 -2.59 -12.93 5.53
CA GLU A 5 -1.99 -13.09 4.21
C GLU A 5 -2.89 -12.49 3.15
N VAL A 6 -2.33 -11.62 2.31
CA VAL A 6 -3.09 -10.94 1.27
C VAL A 6 -2.27 -10.84 -0.01
N LYS A 7 -2.81 -10.09 -0.97
CA LYS A 7 -2.10 -9.75 -2.19
C LYS A 7 -2.07 -8.23 -2.37
N VAL A 8 -1.06 -7.72 -3.08
CA VAL A 8 -0.97 -6.30 -3.39
C VAL A 8 -0.85 -6.16 -4.90
N LYS A 9 -1.65 -5.25 -5.47
CA LYS A 9 -1.59 -4.94 -6.89
C LYS A 9 -1.11 -3.51 -7.09
N LEU A 10 -0.20 -3.31 -8.05
CA LEU A 10 0.28 -2.00 -8.41
C LEU A 10 -0.30 -1.64 -9.77
N PHE A 11 -0.30 -0.35 -10.10
CA PHE A 11 -0.86 0.14 -11.34
C PHE A 11 -0.04 1.33 -11.84
N ALA A 12 -0.15 1.63 -13.14
CA ALA A 12 0.68 2.65 -13.77
C ALA A 12 2.15 2.48 -13.38
N ASN A 13 2.89 3.60 -13.25
CA ASN A 13 4.31 3.59 -12.93
C ASN A 13 4.64 2.89 -11.61
N LEU A 14 3.65 2.56 -10.77
CA LEU A 14 3.91 1.85 -9.52
C LEU A 14 4.27 0.40 -9.83
N ARG A 15 3.75 -0.15 -10.94
CA ARG A 15 4.08 -1.49 -11.39
C ARG A 15 5.51 -1.51 -11.90
N GLU A 16 5.97 -0.39 -12.45
CA GLU A 16 7.32 -0.25 -12.95
C GLU A 16 8.33 -0.14 -11.80
N ALA A 17 7.84 0.29 -10.64
CA ALA A 17 8.68 0.48 -9.47
C ALA A 17 8.73 -0.77 -8.59
N ALA A 18 7.92 -1.80 -8.93
CA ALA A 18 7.97 -3.09 -8.27
C ALA A 18 8.43 -4.16 -9.26
N GLY A 19 8.47 -3.83 -10.55
CA GLY A 19 8.85 -4.76 -11.59
C GLY A 19 7.79 -5.85 -11.79
N THR A 20 6.68 -5.76 -11.06
CA THR A 20 5.61 -6.73 -11.11
C THR A 20 4.27 -6.02 -10.97
N PRO A 21 3.21 -6.56 -11.57
CA PRO A 21 1.86 -6.01 -11.47
C PRO A 21 1.25 -6.31 -10.10
N GLU A 22 1.73 -7.35 -9.42
CA GLU A 22 1.22 -7.73 -8.11
C GLU A 22 2.17 -8.69 -7.39
N LEU A 23 1.97 -8.84 -6.07
CA LEU A 23 2.79 -9.71 -5.23
C LEU A 23 2.04 -10.09 -3.94
N PRO A 24 2.36 -11.23 -3.33
CA PRO A 24 1.80 -11.67 -2.06
C PRO A 24 2.50 -10.98 -0.90
N LEU A 25 1.78 -10.79 0.20
CA LEU A 25 2.30 -10.17 1.41
C LEU A 25 1.40 -10.49 2.60
N SER A 26 1.69 -9.92 3.78
CA SER A 26 0.87 -10.14 4.96
C SER A 26 0.87 -8.93 5.87
N GLY A 27 -0.14 -8.85 6.74
CA GLY A 27 -0.26 -7.81 7.75
C GLY A 27 -1.61 -7.88 8.44
N GLU A 28 -1.70 -7.40 9.68
CA GLU A 28 -2.96 -7.43 10.41
C GLU A 28 -3.89 -6.32 9.90
N LYS A 29 -3.28 -5.25 9.37
CA LYS A 29 -3.99 -4.11 8.84
C LYS A 29 -3.34 -3.66 7.53
N VAL A 30 -4.05 -2.81 6.78
CA VAL A 30 -3.58 -2.31 5.50
C VAL A 30 -2.12 -1.87 5.61
N ILE A 31 -1.82 -1.02 6.60
CA ILE A 31 -0.48 -0.45 6.73
C ILE A 31 0.59 -1.53 6.95
N ASP A 32 0.26 -2.63 7.63
CA ASP A 32 1.24 -3.66 7.91
C ASP A 32 1.68 -4.36 6.63
N VAL A 33 0.87 -4.29 5.57
CA VAL A 33 1.23 -4.82 4.26
C VAL A 33 1.98 -3.76 3.48
N LEU A 34 1.48 -2.52 3.49
CA LEU A 34 2.13 -1.39 2.84
C LEU A 34 3.57 -1.21 3.31
N LEU A 35 3.83 -1.45 4.59
CA LEU A 35 5.17 -1.31 5.15
C LEU A 35 6.10 -2.44 4.72
N SER A 36 5.53 -3.55 4.23
CA SER A 36 6.33 -4.64 3.69
C SER A 36 6.49 -4.47 2.18
N LEU A 37 5.53 -3.79 1.57
CA LEU A 37 5.58 -3.47 0.14
C LEU A 37 6.79 -2.57 -0.11
N THR A 38 6.93 -1.50 0.68
CA THR A 38 8.05 -0.58 0.59
C THR A 38 9.36 -1.24 1.02
N ASP A 39 9.27 -2.39 1.71
CA ASP A 39 10.46 -3.05 2.21
C ASP A 39 11.29 -3.66 1.09
N LYS A 40 10.62 -4.35 0.15
CA LYS A 40 11.33 -4.95 -0.96
C LYS A 40 11.35 -4.03 -2.17
N TYR A 41 10.45 -3.06 -2.20
CA TYR A 41 10.35 -2.07 -3.25
C TYR A 41 10.59 -0.67 -2.69
N PRO A 42 11.86 -0.31 -2.43
CA PRO A 42 12.20 0.99 -1.87
C PRO A 42 11.86 2.11 -2.84
N ALA A 43 11.65 1.76 -4.11
CA ALA A 43 11.24 2.69 -5.14
C ALA A 43 9.76 3.10 -4.98
N LEU A 44 9.10 2.60 -3.93
CA LEU A 44 7.72 2.93 -3.60
C LEU A 44 7.61 3.46 -2.18
N LYS A 45 8.72 3.43 -1.42
CA LYS A 45 8.72 3.87 -0.03
C LYS A 45 8.45 5.36 0.12
N TYR A 46 8.71 6.13 -0.94
CA TYR A 46 8.49 7.56 -0.94
C TYR A 46 7.57 7.94 -2.11
N VAL A 47 6.71 6.99 -2.49
CA VAL A 47 5.69 7.18 -3.51
C VAL A 47 4.34 6.84 -2.89
N ILE A 48 4.30 5.78 -2.07
CA ILE A 48 3.12 5.39 -1.33
C ILE A 48 3.04 6.24 -0.05
N PHE A 49 4.19 6.68 0.47
CA PHE A 49 4.26 7.46 1.69
C PHE A 49 5.06 8.73 1.47
N GLU A 50 4.91 9.66 2.40
CA GLU A 50 5.70 10.87 2.47
C GLU A 50 7.11 10.54 2.95
N LYS A 51 8.01 11.52 2.91
CA LYS A 51 9.39 11.39 3.30
C LYS A 51 9.70 12.46 4.36
N GLY A 52 9.04 12.34 5.52
CA GLY A 52 9.19 13.28 6.62
C GLY A 52 9.45 12.59 7.94
N ASP A 53 9.75 11.29 7.90
CA ASP A 53 10.02 10.53 9.10
C ASP A 53 11.28 11.04 9.80
N GLU A 54 11.24 11.02 11.13
CA GLU A 54 12.34 11.35 12.02
C GLU A 54 13.40 10.24 12.02
N LYS A 55 13.76 9.73 10.84
CA LYS A 55 14.63 8.57 10.70
C LYS A 55 14.05 7.38 11.46
N SER A 56 12.76 7.13 11.25
CA SER A 56 11.98 6.12 11.93
C SER A 56 11.02 5.41 10.98
N GLU A 57 10.49 4.29 11.44
CA GLU A 57 9.58 3.46 10.65
C GLU A 57 8.17 4.05 10.63
N ILE A 58 7.97 5.15 11.35
CA ILE A 58 6.73 5.90 11.28
C ILE A 58 6.69 6.61 9.92
N LEU A 59 5.58 6.45 9.20
CA LEU A 59 5.39 7.06 7.90
C LEU A 59 3.98 7.67 7.79
N ILE A 60 3.71 8.32 6.67
CA ILE A 60 2.45 8.99 6.40
C ILE A 60 2.07 8.68 4.96
N LEU A 61 0.86 8.16 4.73
CA LEU A 61 0.42 7.83 3.38
C LEU A 61 0.49 9.09 2.52
N CYS A 62 1.01 8.97 1.30
CA CYS A 62 1.18 10.11 0.42
C CYS A 62 -0.16 10.79 0.16
N GLY A 63 -0.12 12.10 -0.10
CA GLY A 63 -1.32 12.92 -0.26
C GLY A 63 -1.84 12.89 -1.69
N SER A 64 -1.42 11.90 -2.48
CA SER A 64 -1.78 11.78 -3.88
C SER A 64 -2.11 10.34 -4.28
N ILE A 65 -1.85 9.38 -3.40
CA ILE A 65 -2.05 7.96 -3.67
C ILE A 65 -3.50 7.56 -3.38
N ASN A 66 -3.93 6.47 -4.01
CA ASN A 66 -5.22 5.87 -3.73
C ASN A 66 -5.01 4.39 -3.44
N ILE A 67 -5.46 3.97 -2.27
CA ILE A 67 -5.35 2.58 -1.83
C ILE A 67 -6.74 1.94 -1.84
N LEU A 68 -6.82 0.66 -2.15
CA LEU A 68 -8.07 -0.08 -2.26
C LEU A 68 -7.94 -1.41 -1.52
N ILE A 69 -9.07 -2.01 -1.15
CA ILE A 69 -9.10 -3.37 -0.62
C ILE A 69 -10.17 -4.11 -1.40
N ASN A 70 -9.74 -5.05 -2.26
CA ASN A 70 -10.61 -5.69 -3.24
C ASN A 70 -11.33 -4.66 -4.13
N GLY A 71 -10.99 -3.36 -3.99
CA GLY A 71 -11.60 -2.28 -4.75
C GLY A 71 -12.40 -1.32 -3.87
N ASN A 72 -12.50 -1.60 -2.56
CA ASN A 72 -13.37 -0.87 -1.65
C ASN A 72 -12.89 0.54 -1.25
N ASN A 73 -11.70 0.95 -1.71
CA ASN A 73 -11.07 2.21 -1.35
C ASN A 73 -11.07 2.50 0.15
N ILE A 74 -9.98 2.11 0.84
CA ILE A 74 -9.83 2.38 2.27
C ILE A 74 -10.16 3.83 2.64
N ARG A 75 -10.08 4.76 1.68
CA ARG A 75 -10.38 6.17 1.90
C ARG A 75 -11.85 6.40 2.29
N HIS A 76 -12.74 5.45 2.00
CA HIS A 76 -14.14 5.53 2.39
C HIS A 76 -14.39 4.62 3.60
N LEU A 77 -13.32 4.00 4.09
CA LEU A 77 -13.36 3.04 5.18
C LEU A 77 -12.45 3.51 6.31
N GLU A 78 -11.95 2.56 7.11
CA GLU A 78 -11.13 2.83 8.29
C GLU A 78 -9.80 3.49 7.92
N GLY A 79 -9.43 3.44 6.64
CA GLY A 79 -8.14 3.94 6.20
C GLY A 79 -7.09 2.83 6.37
N LEU A 80 -5.90 3.22 6.85
CA LEU A 80 -4.78 2.31 7.08
C LEU A 80 -5.10 1.20 8.07
N GLU A 81 -6.33 1.14 8.60
CA GLU A 81 -6.70 0.18 9.63
C GLU A 81 -7.99 -0.57 9.26
N THR A 82 -8.28 -0.68 7.96
CA THR A 82 -9.47 -1.37 7.46
C THR A 82 -9.49 -2.85 7.81
N LEU A 83 -8.38 -3.35 8.37
CA LEU A 83 -8.22 -4.75 8.76
C LEU A 83 -8.33 -5.71 7.58
N LEU A 84 -7.29 -6.54 7.42
CA LEU A 84 -7.13 -7.48 6.31
C LEU A 84 -7.54 -8.89 6.74
N LYS A 85 -7.54 -9.83 5.79
CA LYS A 85 -7.85 -11.23 6.01
C LYS A 85 -6.92 -12.10 5.17
N ASP A 86 -6.91 -13.40 5.44
CA ASP A 86 -5.99 -14.35 4.84
C ASP A 86 -6.21 -14.59 3.34
N SER A 87 -7.07 -13.81 2.70
CA SER A 87 -7.28 -13.91 1.27
C SER A 87 -7.73 -12.55 0.72
N ASP A 88 -7.50 -11.49 1.49
CA ASP A 88 -7.79 -10.14 1.03
C ASP A 88 -6.83 -9.72 -0.07
N GLU A 89 -7.03 -8.51 -0.60
CA GLU A 89 -6.29 -7.98 -1.73
C GLU A 89 -6.25 -6.47 -1.58
N ILE A 90 -5.19 -5.84 -2.09
CA ILE A 90 -5.01 -4.41 -2.01
C ILE A 90 -4.59 -3.91 -3.37
N GLY A 91 -4.94 -2.65 -3.68
CA GLY A 91 -4.52 -2.02 -4.91
C GLY A 91 -3.97 -0.65 -4.58
N ILE A 92 -2.82 -0.31 -5.18
CA ILE A 92 -2.17 0.97 -4.97
C ILE A 92 -2.10 1.71 -6.31
N LEU A 93 -2.57 2.97 -6.32
CA LEU A 93 -2.63 3.77 -7.52
C LEU A 93 -2.09 5.18 -7.26
N PRO A 94 -1.47 5.79 -8.29
CA PRO A 94 -0.96 7.15 -8.25
C PRO A 94 -2.10 8.15 -8.47
N PRO A 95 -1.83 9.46 -8.36
CA PRO A 95 -2.81 10.49 -8.66
C PRO A 95 -3.16 10.50 -10.14
N VAL A 96 -4.22 11.25 -10.50
CA VAL A 96 -4.71 11.37 -11.86
C VAL A 96 -5.17 12.81 -12.10
N SER A 97 -5.04 13.28 -13.35
CA SER A 97 -5.45 14.63 -13.70
C SER A 97 -5.86 14.69 -15.18
N GLY A 98 -6.43 15.82 -15.59
CA GLY A 98 -6.88 16.02 -16.96
C GLY A 98 -7.53 17.39 -17.14
N GLY A 99 -8.00 17.68 -18.36
CA GLY A 99 -8.64 18.95 -18.68
C GLY A 99 -9.10 18.97 -20.14
N GLY A 1 -0.07 -11.61 18.60
CA GLY A 1 -0.82 -10.91 17.53
C GLY A 1 -0.90 -11.76 16.28
N HIS A 2 -1.19 -11.13 15.13
CA HIS A 2 -1.29 -11.80 13.86
C HIS A 2 -0.99 -10.83 12.72
N MET A 3 -0.84 -11.38 11.51
CA MET A 3 -0.66 -10.63 10.29
C MET A 3 -1.46 -11.35 9.21
N ALA A 4 -2.64 -10.79 8.90
CA ALA A 4 -3.57 -11.42 7.98
C ALA A 4 -2.93 -11.50 6.61
N GLU A 5 -3.03 -12.67 5.98
CA GLU A 5 -2.41 -12.88 4.67
C GLU A 5 -3.30 -12.27 3.59
N VAL A 6 -2.70 -11.45 2.74
CA VAL A 6 -3.43 -10.66 1.75
C VAL A 6 -2.68 -10.66 0.42
N LYS A 7 -3.19 -9.84 -0.51
CA LYS A 7 -2.54 -9.61 -1.79
C LYS A 7 -2.42 -8.10 -2.04
N VAL A 8 -1.45 -7.69 -2.84
CA VAL A 8 -1.30 -6.29 -3.23
C VAL A 8 -1.18 -6.23 -4.74
N LYS A 9 -1.89 -5.26 -5.33
CA LYS A 9 -1.84 -4.99 -6.76
C LYS A 9 -1.32 -3.57 -7.00
N LEU A 10 -0.45 -3.42 -7.99
CA LEU A 10 0.10 -2.13 -8.38
C LEU A 10 -0.47 -1.74 -9.73
N PHE A 11 -0.41 -0.45 -10.06
CA PHE A 11 -0.95 0.07 -11.30
C PHE A 11 -0.09 1.23 -11.79
N ALA A 12 -0.17 1.55 -13.08
CA ALA A 12 0.69 2.56 -13.69
C ALA A 12 2.16 2.34 -13.31
N ASN A 13 2.94 3.41 -13.18
CA ASN A 13 4.36 3.36 -12.86
C ASN A 13 4.66 2.63 -11.55
N LEU A 14 3.66 2.31 -10.72
CA LEU A 14 3.90 1.56 -9.49
C LEU A 14 4.21 0.10 -9.81
N ARG A 15 3.62 -0.42 -10.91
CA ARG A 15 3.88 -1.77 -11.38
C ARG A 15 5.29 -1.84 -11.97
N GLU A 16 5.74 -0.74 -12.57
CA GLU A 16 7.07 -0.65 -13.17
C GLU A 16 8.15 -0.65 -12.10
N ALA A 17 7.85 -0.11 -10.92
CA ALA A 17 8.86 0.00 -9.89
C ALA A 17 8.90 -1.26 -9.01
N ALA A 18 7.80 -2.00 -8.94
CA ALA A 18 7.75 -3.27 -8.24
C ALA A 18 8.23 -4.39 -9.15
N GLY A 19 8.24 -4.15 -10.46
CA GLY A 19 8.63 -5.13 -11.45
C GLY A 19 7.56 -6.20 -11.62
N THR A 20 6.44 -6.07 -10.90
CA THR A 20 5.35 -7.03 -10.93
C THR A 20 4.02 -6.28 -10.82
N PRO A 21 2.95 -6.81 -11.42
CA PRO A 21 1.62 -6.21 -11.32
C PRO A 21 0.98 -6.49 -9.97
N GLU A 22 1.44 -7.53 -9.24
CA GLU A 22 0.87 -7.89 -7.96
C GLU A 22 1.79 -8.85 -7.19
N LEU A 23 1.56 -8.97 -5.88
CA LEU A 23 2.34 -9.84 -5.00
C LEU A 23 1.55 -10.18 -3.73
N PRO A 24 1.87 -11.32 -3.09
CA PRO A 24 1.31 -11.70 -1.80
C PRO A 24 2.02 -10.99 -0.66
N LEU A 25 1.31 -10.78 0.46
CA LEU A 25 1.86 -10.12 1.64
C LEU A 25 0.98 -10.42 2.86
N SER A 26 1.27 -9.77 3.99
CA SER A 26 0.46 -9.92 5.19
C SER A 26 0.44 -8.62 6.01
N GLY A 27 -0.53 -8.52 6.91
CA GLY A 27 -0.65 -7.42 7.85
C GLY A 27 -2.03 -7.42 8.51
N GLU A 28 -2.13 -6.86 9.72
CA GLU A 28 -3.40 -6.80 10.44
C GLU A 28 -4.26 -5.66 9.90
N LYS A 29 -3.59 -4.60 9.44
CA LYS A 29 -4.23 -3.40 8.91
C LYS A 29 -3.57 -3.02 7.59
N VAL A 30 -4.15 -2.03 6.90
CA VAL A 30 -3.67 -1.62 5.60
C VAL A 30 -2.20 -1.22 5.69
N ILE A 31 -1.85 -0.47 6.73
CA ILE A 31 -0.49 0.02 6.90
C ILE A 31 0.51 -1.13 7.11
N ASP A 32 0.09 -2.20 7.79
CA ASP A 32 0.99 -3.31 8.06
C ASP A 32 1.35 -4.05 6.78
N VAL A 33 0.52 -3.91 5.74
CA VAL A 33 0.78 -4.51 4.45
C VAL A 33 1.62 -3.55 3.60
N LEU A 34 1.26 -2.27 3.60
CA LEU A 34 1.98 -1.26 2.82
C LEU A 34 3.42 -1.10 3.31
N LEU A 35 3.67 -1.33 4.60
CA LEU A 35 5.01 -1.24 5.15
C LEU A 35 5.85 -2.45 4.77
N SER A 36 5.21 -3.51 4.27
CA SER A 36 5.93 -4.67 3.77
C SER A 36 6.10 -4.57 2.26
N LEU A 37 5.22 -3.80 1.62
CA LEU A 37 5.31 -3.53 0.19
C LEU A 37 6.61 -2.75 -0.07
N THR A 38 6.85 -1.70 0.71
CA THR A 38 8.06 -0.89 0.59
C THR A 38 9.30 -1.68 1.03
N ASP A 39 9.11 -2.78 1.77
CA ASP A 39 10.23 -3.55 2.32
C ASP A 39 11.00 -4.26 1.21
N LYS A 40 10.30 -4.88 0.27
CA LYS A 40 10.96 -5.57 -0.82
C LYS A 40 11.05 -4.67 -2.05
N TYR A 41 10.21 -3.64 -2.10
CA TYR A 41 10.20 -2.66 -3.18
C TYR A 41 10.54 -1.27 -2.62
N PRO A 42 11.81 -1.00 -2.31
CA PRO A 42 12.24 0.27 -1.78
C PRO A 42 12.02 1.38 -2.80
N ALA A 43 11.82 0.99 -4.07
CA ALA A 43 11.51 1.90 -5.16
C ALA A 43 10.07 2.43 -5.06
N LEU A 44 9.34 2.04 -4.01
CA LEU A 44 7.99 2.51 -3.75
C LEU A 44 7.86 3.10 -2.34
N LYS A 45 8.93 3.03 -1.55
CA LYS A 45 8.91 3.53 -0.19
C LYS A 45 8.73 5.04 -0.14
N TYR A 46 9.16 5.71 -1.20
CA TYR A 46 9.03 7.17 -1.33
C TYR A 46 8.08 7.50 -2.49
N VAL A 47 7.17 6.56 -2.77
CA VAL A 47 6.14 6.71 -3.79
C VAL A 47 4.78 6.37 -3.18
N ILE A 48 4.78 5.79 -1.98
CA ILE A 48 3.57 5.49 -1.22
C ILE A 48 3.62 6.22 0.11
N PHE A 49 4.82 6.63 0.55
CA PHE A 49 4.98 7.39 1.78
C PHE A 49 5.90 8.58 1.55
N GLU A 50 5.82 9.57 2.44
CA GLU A 50 6.67 10.74 2.42
C GLU A 50 8.10 10.36 2.81
N LYS A 51 9.07 11.15 2.35
CA LYS A 51 10.49 10.90 2.59
C LYS A 51 10.96 11.51 3.90
N GLY A 52 10.07 11.60 4.89
CA GLY A 52 10.38 12.18 6.18
C GLY A 52 10.89 11.11 7.15
N ASP A 53 11.24 11.54 8.38
CA ASP A 53 11.74 10.66 9.43
C ASP A 53 12.79 9.68 8.91
N GLU A 54 13.77 10.20 8.18
CA GLU A 54 14.82 9.44 7.53
C GLU A 54 15.75 8.72 8.53
N LYS A 55 15.37 8.62 9.81
CA LYS A 55 16.18 8.00 10.85
C LYS A 55 15.33 7.07 11.72
N SER A 56 14.08 6.84 11.34
CA SER A 56 13.16 5.99 12.09
C SER A 56 12.20 5.27 11.14
N GLU A 57 11.50 4.28 11.68
CA GLU A 57 10.54 3.49 10.93
C GLU A 57 9.20 4.18 10.84
N ILE A 58 9.10 5.39 11.41
CA ILE A 58 7.92 6.20 11.25
C ILE A 58 7.85 6.68 9.81
N LEU A 59 6.67 6.53 9.19
CA LEU A 59 6.40 7.01 7.85
C LEU A 59 5.02 7.68 7.81
N ILE A 60 4.73 8.33 6.67
CA ILE A 60 3.50 9.08 6.46
C ILE A 60 3.03 8.78 5.04
N LEU A 61 1.74 8.49 4.84
CA LEU A 61 1.23 8.22 3.51
C LEU A 61 1.53 9.43 2.61
N CYS A 62 1.85 9.18 1.34
CA CYS A 62 2.24 10.21 0.38
C CYS A 62 1.21 11.33 0.17
N GLY A 63 0.07 11.22 0.83
CA GLY A 63 -1.00 12.22 0.79
C GLY A 63 -1.62 12.46 -0.59
N SER A 64 -1.22 11.70 -1.60
CA SER A 64 -1.73 11.87 -2.96
C SER A 64 -2.00 10.52 -3.65
N ILE A 65 -1.64 9.42 -2.99
CA ILE A 65 -1.87 8.08 -3.51
C ILE A 65 -3.31 7.67 -3.25
N ASN A 66 -3.79 6.67 -4.01
CA ASN A 66 -5.08 6.09 -3.77
C ASN A 66 -4.88 4.62 -3.46
N ILE A 67 -5.44 4.18 -2.33
CA ILE A 67 -5.34 2.81 -1.89
C ILE A 67 -6.73 2.20 -1.89
N LEU A 68 -6.84 0.90 -2.18
CA LEU A 68 -8.11 0.20 -2.27
C LEU A 68 -8.06 -1.06 -1.43
N ILE A 69 -9.23 -1.61 -1.11
CA ILE A 69 -9.35 -2.92 -0.49
C ILE A 69 -10.41 -3.69 -1.25
N ASN A 70 -9.99 -4.69 -2.02
CA ASN A 70 -10.86 -5.39 -2.97
C ASN A 70 -11.54 -4.40 -3.94
N GLY A 71 -11.12 -3.14 -3.94
CA GLY A 71 -11.68 -2.08 -4.78
C GLY A 71 -12.54 -1.09 -3.98
N ASN A 72 -12.70 -1.33 -2.67
CA ASN A 72 -13.60 -0.56 -1.81
C ASN A 72 -13.04 0.79 -1.35
N ASN A 73 -11.83 1.17 -1.78
CA ASN A 73 -11.17 2.43 -1.42
C ASN A 73 -11.15 2.74 0.09
N ILE A 74 -10.02 2.47 0.75
CA ILE A 74 -9.87 2.76 2.17
C ILE A 74 -10.29 4.21 2.51
N ARG A 75 -10.21 5.11 1.53
CA ARG A 75 -10.61 6.51 1.70
C ARG A 75 -12.10 6.65 2.02
N HIS A 76 -12.88 5.57 1.90
CA HIS A 76 -14.30 5.55 2.24
C HIS A 76 -14.59 4.51 3.30
N LEU A 77 -13.55 3.97 3.94
CA LEU A 77 -13.70 2.92 4.94
C LEU A 77 -13.10 3.37 6.28
N GLU A 78 -11.79 3.22 6.48
CA GLU A 78 -11.14 3.65 7.71
C GLU A 78 -9.74 4.20 7.45
N GLY A 79 -9.33 4.28 6.18
CA GLY A 79 -7.98 4.70 5.85
C GLY A 79 -7.00 3.59 6.17
N LEU A 80 -5.81 3.96 6.66
CA LEU A 80 -4.74 3.03 6.99
C LEU A 80 -5.12 2.01 8.08
N GLU A 81 -6.37 1.99 8.52
CA GLU A 81 -6.83 1.13 9.60
C GLU A 81 -8.09 0.34 9.19
N THR A 82 -8.33 0.22 7.89
CA THR A 82 -9.50 -0.47 7.33
C THR A 82 -9.55 -1.96 7.70
N LEU A 83 -8.49 -2.47 8.33
CA LEU A 83 -8.35 -3.86 8.73
C LEU A 83 -8.39 -4.82 7.53
N LEU A 84 -7.43 -5.76 7.50
CA LEU A 84 -7.28 -6.73 6.42
C LEU A 84 -7.70 -8.13 6.90
N LYS A 85 -7.67 -9.10 6.00
CA LYS A 85 -8.09 -10.48 6.26
C LYS A 85 -7.22 -11.45 5.50
N ASP A 86 -7.33 -12.73 5.87
CA ASP A 86 -6.51 -13.81 5.34
C ASP A 86 -6.73 -14.10 3.86
N SER A 87 -7.53 -13.29 3.18
CA SER A 87 -7.70 -13.39 1.74
C SER A 87 -8.10 -12.04 1.15
N ASP A 88 -7.90 -10.97 1.92
CA ASP A 88 -8.14 -9.62 1.39
C ASP A 88 -7.14 -9.27 0.30
N GLU A 89 -7.32 -8.09 -0.29
CA GLU A 89 -6.54 -7.60 -1.41
C GLU A 89 -6.46 -6.09 -1.31
N ILE A 90 -5.36 -5.52 -1.82
CA ILE A 90 -5.13 -4.09 -1.80
C ILE A 90 -4.71 -3.66 -3.20
N GLY A 91 -5.02 -2.42 -3.57
CA GLY A 91 -4.59 -1.86 -4.84
C GLY A 91 -4.01 -0.48 -4.57
N ILE A 92 -2.85 -0.21 -5.16
CA ILE A 92 -2.17 1.08 -4.98
C ILE A 92 -2.11 1.81 -6.33
N LEU A 93 -2.55 3.07 -6.35
CA LEU A 93 -2.61 3.86 -7.57
C LEU A 93 -2.04 5.26 -7.31
N PRO A 94 -1.38 5.85 -8.31
CA PRO A 94 -0.80 7.18 -8.23
C PRO A 94 -1.89 8.24 -8.42
N PRO A 95 -1.58 9.53 -8.19
CA PRO A 95 -2.49 10.63 -8.42
C PRO A 95 -2.75 10.88 -9.91
N VAL A 96 -2.01 10.19 -10.79
CA VAL A 96 -2.18 10.32 -12.22
C VAL A 96 -3.56 9.82 -12.64
N SER A 97 -4.13 10.45 -13.68
CA SER A 97 -5.44 10.08 -14.19
C SER A 97 -5.54 10.46 -15.67
N GLY A 98 -6.62 10.03 -16.33
CA GLY A 98 -6.85 10.29 -17.74
C GLY A 98 -8.29 10.01 -18.17
N GLY A 99 -9.21 9.87 -17.20
CA GLY A 99 -10.60 9.57 -17.48
C GLY A 99 -11.40 9.46 -16.20
N GLY A 1 -4.22 -10.35 16.01
CA GLY A 1 -4.32 -10.94 14.66
C GLY A 1 -3.18 -11.93 14.43
N HIS A 2 -2.78 -12.12 13.16
CA HIS A 2 -1.76 -13.10 12.83
C HIS A 2 -1.04 -12.78 11.52
N MET A 3 -1.09 -11.52 11.10
CA MET A 3 -0.65 -11.09 9.78
C MET A 3 -1.36 -11.89 8.69
N ALA A 4 -2.55 -11.41 8.32
CA ALA A 4 -3.42 -12.10 7.38
C ALA A 4 -2.79 -12.10 5.99
N GLU A 5 -2.96 -13.19 5.26
CA GLU A 5 -2.40 -13.31 3.92
C GLU A 5 -3.32 -12.62 2.91
N VAL A 6 -2.73 -11.84 2.02
CA VAL A 6 -3.47 -11.01 1.09
C VAL A 6 -2.76 -10.95 -0.27
N LYS A 7 -3.30 -10.15 -1.18
CA LYS A 7 -2.63 -9.82 -2.43
C LYS A 7 -2.56 -8.30 -2.59
N VAL A 8 -1.60 -7.81 -3.37
CA VAL A 8 -1.38 -6.39 -3.59
C VAL A 8 -1.10 -6.15 -5.06
N LYS A 9 -1.98 -5.38 -5.70
CA LYS A 9 -1.81 -4.97 -7.08
C LYS A 9 -1.08 -3.64 -7.15
N LEU A 10 -0.48 -3.35 -8.30
CA LEU A 10 0.15 -2.09 -8.60
C LEU A 10 -0.30 -1.68 -10.00
N PHE A 11 -0.34 -0.38 -10.26
CA PHE A 11 -0.85 0.14 -11.53
C PHE A 11 0.00 1.32 -11.98
N ALA A 12 -0.04 1.63 -13.28
CA ALA A 12 0.82 2.63 -13.87
C ALA A 12 2.28 2.43 -13.43
N ASN A 13 3.05 3.51 -13.30
CA ASN A 13 4.47 3.45 -12.94
C ASN A 13 4.75 2.69 -11.63
N LEU A 14 3.73 2.42 -10.81
CA LEU A 14 3.95 1.68 -9.58
C LEU A 14 4.30 0.23 -9.89
N ARG A 15 3.77 -0.29 -11.02
CA ARG A 15 4.08 -1.64 -11.49
C ARG A 15 5.53 -1.71 -11.96
N GLU A 16 6.04 -0.58 -12.47
CA GLU A 16 7.40 -0.46 -12.98
C GLU A 16 8.40 -0.36 -11.85
N ALA A 17 7.93 -0.01 -10.66
CA ALA A 17 8.80 0.18 -9.50
C ALA A 17 8.88 -1.12 -8.68
N ALA A 18 8.23 -2.18 -9.16
CA ALA A 18 8.28 -3.49 -8.55
C ALA A 18 8.49 -4.59 -9.61
N GLY A 19 8.48 -4.19 -10.89
CA GLY A 19 8.65 -5.12 -11.99
C GLY A 19 7.52 -6.15 -12.09
N THR A 20 6.44 -5.96 -11.32
CA THR A 20 5.32 -6.89 -11.29
C THR A 20 4.00 -6.12 -11.16
N PRO A 21 2.93 -6.61 -11.80
CA PRO A 21 1.63 -6.00 -11.74
C PRO A 21 0.92 -6.29 -10.42
N GLU A 22 1.36 -7.34 -9.71
CA GLU A 22 0.79 -7.71 -8.43
C GLU A 22 1.70 -8.70 -7.71
N LEU A 23 1.52 -8.84 -6.40
CA LEU A 23 2.31 -9.77 -5.59
C LEU A 23 1.54 -10.18 -4.33
N PRO A 24 1.82 -11.37 -3.78
CA PRO A 24 1.28 -11.81 -2.50
C PRO A 24 2.02 -11.12 -1.37
N LEU A 25 1.35 -10.94 -0.23
CA LEU A 25 1.92 -10.34 0.96
C LEU A 25 1.05 -10.70 2.16
N SER A 26 1.36 -10.14 3.34
CA SER A 26 0.55 -10.36 4.53
C SER A 26 0.56 -9.12 5.42
N GLY A 27 -0.41 -9.05 6.33
CA GLY A 27 -0.50 -7.99 7.32
C GLY A 27 -1.80 -8.10 8.10
N GLU A 28 -1.79 -7.61 9.35
CA GLU A 28 -2.98 -7.65 10.20
C GLU A 28 -3.93 -6.52 9.80
N LYS A 29 -3.37 -5.47 9.20
CA LYS A 29 -4.10 -4.30 8.74
C LYS A 29 -3.51 -3.84 7.41
N VAL A 30 -4.14 -2.86 6.78
CA VAL A 30 -3.69 -2.37 5.48
C VAL A 30 -2.23 -1.96 5.56
N ILE A 31 -1.89 -1.13 6.54
CA ILE A 31 -0.53 -0.62 6.68
C ILE A 31 0.50 -1.74 6.85
N ASP A 32 0.14 -2.85 7.51
CA ASP A 32 1.10 -3.92 7.73
C ASP A 32 1.47 -4.60 6.40
N VAL A 33 0.63 -4.44 5.38
CA VAL A 33 0.90 -4.96 4.05
C VAL A 33 1.72 -3.94 3.27
N LEU A 34 1.32 -2.67 3.35
CA LEU A 34 2.00 -1.55 2.71
C LEU A 34 3.46 -1.47 3.17
N LEU A 35 3.73 -1.74 4.45
CA LEU A 35 5.07 -1.64 4.99
C LEU A 35 5.99 -2.77 4.52
N SER A 36 5.41 -3.85 4.00
CA SER A 36 6.20 -4.92 3.43
C SER A 36 6.48 -4.66 1.95
N LEU A 37 5.53 -3.99 1.28
CA LEU A 37 5.69 -3.60 -0.10
C LEU A 37 6.89 -2.67 -0.26
N THR A 38 6.99 -1.68 0.63
CA THR A 38 8.10 -0.74 0.63
C THR A 38 9.39 -1.37 1.13
N ASP A 39 9.31 -2.56 1.74
CA ASP A 39 10.48 -3.20 2.33
C ASP A 39 11.42 -3.76 1.27
N LYS A 40 10.85 -4.40 0.24
CA LYS A 40 11.64 -5.00 -0.82
C LYS A 40 11.67 -4.11 -2.05
N TYR A 41 10.71 -3.19 -2.14
CA TYR A 41 10.63 -2.23 -3.23
C TYR A 41 10.76 -0.82 -2.65
N PRO A 42 11.99 -0.39 -2.33
CA PRO A 42 12.25 0.92 -1.76
C PRO A 42 11.86 2.01 -2.77
N ALA A 43 11.70 1.62 -4.03
CA ALA A 43 11.25 2.49 -5.11
C ALA A 43 9.77 2.83 -4.97
N LEU A 44 9.12 2.37 -3.90
CA LEU A 44 7.75 2.71 -3.57
C LEU A 44 7.64 3.29 -2.17
N LYS A 45 8.74 3.21 -1.39
CA LYS A 45 8.75 3.66 0.00
C LYS A 45 8.46 5.14 0.12
N TYR A 46 8.76 5.92 -0.92
CA TYR A 46 8.52 7.36 -0.95
C TYR A 46 7.63 7.71 -2.14
N VAL A 47 6.81 6.74 -2.57
CA VAL A 47 5.82 6.90 -3.62
C VAL A 47 4.45 6.51 -3.07
N ILE A 48 4.44 5.90 -1.87
CA ILE A 48 3.21 5.55 -1.16
C ILE A 48 3.20 6.24 0.20
N PHE A 49 4.37 6.65 0.69
CA PHE A 49 4.49 7.35 1.97
C PHE A 49 5.30 8.64 1.80
N GLU A 50 5.12 9.56 2.74
CA GLU A 50 5.87 10.80 2.80
C GLU A 50 7.24 10.54 3.41
N LYS A 51 8.28 11.13 2.82
CA LYS A 51 9.65 11.07 3.29
C LYS A 51 9.84 11.94 4.54
N GLY A 52 8.79 12.05 5.35
CA GLY A 52 8.76 12.94 6.52
C GLY A 52 9.24 12.23 7.78
N ASP A 53 10.17 11.29 7.63
CA ASP A 53 10.68 10.48 8.73
C ASP A 53 12.20 10.56 8.83
N GLU A 54 12.81 11.58 8.19
CA GLU A 54 14.25 11.77 8.26
C GLU A 54 14.69 12.22 9.66
N LYS A 55 13.75 12.31 10.61
CA LYS A 55 14.00 12.72 11.99
C LYS A 55 13.21 11.87 12.97
N SER A 56 12.49 10.86 12.46
CA SER A 56 11.65 10.00 13.25
C SER A 56 11.75 8.56 12.74
N GLU A 57 10.83 7.72 13.20
CA GLU A 57 10.76 6.33 12.84
C GLU A 57 9.32 5.98 12.46
N ILE A 58 8.57 7.01 12.07
CA ILE A 58 7.15 6.92 11.77
C ILE A 58 6.87 7.47 10.37
N LEU A 59 6.42 6.59 9.48
CA LEU A 59 6.02 6.96 8.12
C LEU A 59 4.62 7.57 8.12
N ILE A 60 4.23 8.12 6.96
CA ILE A 60 2.93 8.75 6.77
C ILE A 60 2.47 8.43 5.36
N LEU A 61 1.22 8.02 5.18
CA LEU A 61 0.73 7.72 3.84
C LEU A 61 0.78 8.99 2.98
N CYS A 62 1.08 8.84 1.69
CA CYS A 62 1.14 9.97 0.78
C CYS A 62 -0.22 10.65 0.68
N GLY A 63 -0.25 11.82 0.03
CA GLY A 63 -1.44 12.64 -0.13
C GLY A 63 -1.83 12.72 -1.60
N SER A 64 -1.34 11.77 -2.39
CA SER A 64 -1.54 11.73 -3.84
C SER A 64 -1.86 10.32 -4.33
N ILE A 65 -1.90 9.33 -3.43
CA ILE A 65 -2.13 7.95 -3.78
C ILE A 65 -3.57 7.55 -3.46
N ASN A 66 -4.08 6.58 -4.22
CA ASN A 66 -5.40 6.03 -3.97
C ASN A 66 -5.22 4.54 -3.75
N ILE A 67 -5.79 4.04 -2.65
CA ILE A 67 -5.64 2.64 -2.29
C ILE A 67 -7.00 1.98 -2.11
N LEU A 68 -7.06 0.70 -2.43
CA LEU A 68 -8.31 -0.05 -2.45
C LEU A 68 -8.16 -1.34 -1.64
N ILE A 69 -9.30 -1.90 -1.23
CA ILE A 69 -9.37 -3.23 -0.63
C ILE A 69 -10.48 -3.98 -1.32
N ASN A 70 -10.13 -4.99 -2.13
CA ASN A 70 -11.07 -5.67 -3.01
C ASN A 70 -11.81 -4.68 -3.92
N GLY A 71 -11.36 -3.42 -3.96
CA GLY A 71 -11.99 -2.36 -4.76
C GLY A 71 -12.80 -1.38 -3.90
N ASN A 72 -12.87 -1.63 -2.59
CA ASN A 72 -13.73 -0.88 -1.67
C ASN A 72 -13.15 0.47 -1.24
N ASN A 73 -11.96 0.85 -1.71
CA ASN A 73 -11.30 2.12 -1.40
C ASN A 73 -11.18 2.40 0.10
N ILE A 74 -10.00 2.14 0.70
CA ILE A 74 -9.78 2.41 2.13
C ILE A 74 -10.16 3.84 2.50
N ARG A 75 -10.22 4.75 1.53
CA ARG A 75 -10.59 6.15 1.74
C ARG A 75 -12.06 6.29 2.15
N HIS A 76 -12.84 5.20 2.06
CA HIS A 76 -14.24 5.17 2.50
C HIS A 76 -14.41 4.11 3.59
N LEU A 77 -13.29 3.58 4.08
CA LEU A 77 -13.27 2.55 5.12
C LEU A 77 -12.41 3.03 6.28
N GLU A 78 -11.87 2.09 7.07
CA GLU A 78 -11.09 2.44 8.26
C GLU A 78 -9.73 3.04 7.90
N GLY A 79 -9.41 3.15 6.60
CA GLY A 79 -8.13 3.67 6.17
C GLY A 79 -7.04 2.63 6.36
N LEU A 80 -5.89 3.05 6.88
CA LEU A 80 -4.74 2.18 7.15
C LEU A 80 -5.06 1.06 8.15
N GLU A 81 -6.31 0.96 8.62
CA GLU A 81 -6.69 0.00 9.66
C GLU A 81 -7.93 -0.81 9.26
N THR A 82 -8.18 -0.93 7.95
CA THR A 82 -9.34 -1.66 7.41
C THR A 82 -9.31 -3.16 7.73
N LEU A 83 -8.29 -3.63 8.45
CA LEU A 83 -8.19 -5.03 8.91
C LEU A 83 -8.37 -6.04 7.78
N LEU A 84 -7.26 -6.34 7.10
CA LEU A 84 -7.19 -7.32 6.02
C LEU A 84 -7.58 -8.72 6.51
N LYS A 85 -7.72 -9.66 5.57
CA LYS A 85 -8.10 -11.05 5.82
C LYS A 85 -7.30 -11.98 4.91
N ASP A 86 -7.30 -13.27 5.25
CA ASP A 86 -6.51 -14.30 4.59
C ASP A 86 -6.77 -14.51 3.11
N SER A 87 -7.63 -13.69 2.49
CA SER A 87 -7.86 -13.78 1.06
C SER A 87 -8.29 -12.41 0.53
N ASP A 88 -8.03 -11.37 1.30
CA ASP A 88 -8.28 -10.01 0.87
C ASP A 88 -7.28 -9.61 -0.23
N GLU A 89 -7.45 -8.40 -0.75
CA GLU A 89 -6.67 -7.89 -1.86
C GLU A 89 -6.55 -6.38 -1.71
N ILE A 90 -5.48 -5.80 -2.26
CA ILE A 90 -5.24 -4.38 -2.20
C ILE A 90 -4.81 -3.92 -3.58
N GLY A 91 -4.99 -2.62 -3.86
CA GLY A 91 -4.53 -2.03 -5.10
C GLY A 91 -4.11 -0.61 -4.82
N ILE A 92 -2.95 -0.22 -5.35
CA ILE A 92 -2.40 1.11 -5.14
C ILE A 92 -2.28 1.83 -6.47
N LEU A 93 -2.71 3.09 -6.51
CA LEU A 93 -2.73 3.90 -7.73
C LEU A 93 -2.11 5.27 -7.45
N PRO A 94 -1.39 5.82 -8.44
CA PRO A 94 -0.75 7.13 -8.37
C PRO A 94 -1.78 8.23 -8.64
N PRO A 95 -1.39 9.51 -8.51
CA PRO A 95 -2.24 10.65 -8.85
C PRO A 95 -2.43 10.80 -10.35
N VAL A 96 -1.92 9.85 -11.16
CA VAL A 96 -1.98 9.89 -12.62
C VAL A 96 -1.65 11.28 -13.17
N SER A 97 -0.67 11.92 -12.52
CA SER A 97 -0.14 13.21 -12.88
C SER A 97 -1.20 14.31 -13.09
N GLY A 98 -2.44 14.12 -12.62
CA GLY A 98 -3.47 15.13 -12.83
C GLY A 98 -4.81 14.83 -12.14
N GLY A 99 -4.87 13.84 -11.24
CA GLY A 99 -6.10 13.48 -10.55
C GLY A 99 -5.86 12.38 -9.53
N GLY A 1 -1.50 -12.53 18.20
CA GLY A 1 -0.87 -11.79 17.10
C GLY A 1 -0.90 -12.59 15.80
N HIS A 2 -1.15 -11.91 14.69
CA HIS A 2 -1.21 -12.53 13.37
C HIS A 2 -0.91 -11.51 12.28
N MET A 3 -0.73 -12.00 11.05
CA MET A 3 -0.53 -11.19 9.87
C MET A 3 -1.31 -11.84 8.74
N ALA A 4 -2.49 -11.27 8.44
CA ALA A 4 -3.41 -11.84 7.49
C ALA A 4 -2.82 -11.81 6.09
N GLU A 5 -2.82 -12.97 5.43
CA GLU A 5 -2.25 -13.11 4.11
C GLU A 5 -3.18 -12.50 3.06
N VAL A 6 -2.62 -11.63 2.22
CA VAL A 6 -3.38 -10.94 1.18
C VAL A 6 -2.58 -10.84 -0.11
N LYS A 7 -3.14 -10.13 -1.08
CA LYS A 7 -2.44 -9.79 -2.32
C LYS A 7 -2.42 -8.27 -2.49
N VAL A 8 -1.42 -7.75 -3.22
CA VAL A 8 -1.33 -6.33 -3.52
C VAL A 8 -1.22 -6.20 -5.03
N LYS A 9 -2.02 -5.29 -5.58
CA LYS A 9 -1.99 -4.97 -6.99
C LYS A 9 -1.41 -3.57 -7.18
N LEU A 10 -0.70 -3.37 -8.30
CA LEU A 10 -0.10 -2.09 -8.64
C LEU A 10 -0.57 -1.70 -10.03
N PHE A 11 -0.55 -0.39 -10.31
CA PHE A 11 -1.10 0.14 -11.56
C PHE A 11 -0.23 1.30 -12.03
N ALA A 12 -0.31 1.63 -13.32
CA ALA A 12 0.54 2.64 -13.92
C ALA A 12 2.00 2.43 -13.53
N ASN A 13 2.77 3.52 -13.40
CA ASN A 13 4.19 3.48 -13.08
C ASN A 13 4.52 2.72 -11.79
N LEU A 14 3.54 2.42 -10.94
CA LEU A 14 3.80 1.68 -9.71
C LEU A 14 4.14 0.22 -10.03
N ARG A 15 3.55 -0.30 -11.11
CA ARG A 15 3.83 -1.66 -11.59
C ARG A 15 5.24 -1.72 -12.14
N GLU A 16 5.73 -0.61 -12.68
CA GLU A 16 7.05 -0.51 -13.29
C GLU A 16 8.14 -0.37 -12.23
N ALA A 17 7.76 0.02 -11.02
CA ALA A 17 8.73 0.23 -9.95
C ALA A 17 8.84 -1.02 -9.08
N ALA A 18 8.13 -2.09 -9.45
CA ALA A 18 8.19 -3.38 -8.78
C ALA A 18 8.39 -4.50 -9.81
N GLY A 19 8.28 -4.17 -11.10
CA GLY A 19 8.45 -5.14 -12.17
C GLY A 19 7.33 -6.18 -12.19
N THR A 20 6.28 -5.99 -11.39
CA THR A 20 5.17 -6.92 -11.29
C THR A 20 3.85 -6.16 -11.14
N PRO A 21 2.76 -6.68 -11.74
CA PRO A 21 1.45 -6.09 -11.65
C PRO A 21 0.80 -6.37 -10.30
N GLU A 22 1.26 -7.42 -9.60
CA GLU A 22 0.72 -7.79 -8.30
C GLU A 22 1.66 -8.77 -7.59
N LEU A 23 1.52 -8.86 -6.25
CA LEU A 23 2.35 -9.73 -5.43
C LEU A 23 1.65 -10.09 -4.11
N PRO A 24 2.01 -11.22 -3.48
CA PRO A 24 1.49 -11.63 -2.19
C PRO A 24 2.21 -10.92 -1.04
N LEU A 25 1.49 -10.71 0.07
CA LEU A 25 2.01 -10.11 1.28
C LEU A 25 1.11 -10.45 2.47
N SER A 26 1.42 -9.91 3.65
CA SER A 26 0.62 -10.17 4.84
C SER A 26 0.64 -8.98 5.79
N GLY A 27 -0.38 -8.91 6.67
CA GLY A 27 -0.47 -7.90 7.71
C GLY A 27 -1.83 -7.97 8.41
N GLU A 28 -1.92 -7.45 9.63
CA GLU A 28 -3.16 -7.48 10.39
C GLU A 28 -4.09 -6.37 9.91
N LYS A 29 -3.49 -5.30 9.38
CA LYS A 29 -4.21 -4.13 8.88
C LYS A 29 -3.58 -3.68 7.57
N VAL A 30 -4.29 -2.82 6.84
CA VAL A 30 -3.83 -2.28 5.58
C VAL A 30 -2.37 -1.80 5.65
N ILE A 31 -2.03 -1.03 6.69
CA ILE A 31 -0.69 -0.48 6.82
C ILE A 31 0.38 -1.57 6.98
N ASP A 32 0.04 -2.69 7.61
CA ASP A 32 1.02 -3.75 7.85
C ASP A 32 1.45 -4.43 6.55
N VAL A 33 0.63 -4.32 5.50
CA VAL A 33 0.96 -4.85 4.18
C VAL A 33 1.63 -3.76 3.34
N LEU A 34 1.15 -2.51 3.43
CA LEU A 34 1.75 -1.43 2.66
C LEU A 34 3.19 -1.16 3.14
N LEU A 35 3.48 -1.42 4.41
CA LEU A 35 4.83 -1.29 4.94
C LEU A 35 5.71 -2.47 4.52
N SER A 36 5.08 -3.54 4.05
CA SER A 36 5.76 -4.72 3.53
C SER A 36 5.90 -4.62 2.01
N LEU A 37 5.06 -3.81 1.37
CA LEU A 37 5.17 -3.50 -0.06
C LEU A 37 6.43 -2.68 -0.30
N THR A 38 6.62 -1.62 0.48
CA THR A 38 7.81 -0.78 0.40
C THR A 38 9.06 -1.53 0.85
N ASP A 39 8.89 -2.65 1.55
CA ASP A 39 10.01 -3.40 2.09
C ASP A 39 10.85 -4.03 1.00
N LYS A 40 10.19 -4.65 0.01
CA LYS A 40 10.91 -5.27 -1.08
C LYS A 40 10.99 -4.36 -2.30
N TYR A 41 10.12 -3.35 -2.33
CA TYR A 41 10.10 -2.35 -3.39
C TYR A 41 10.36 -0.97 -2.80
N PRO A 42 11.62 -0.67 -2.46
CA PRO A 42 12.00 0.61 -1.88
C PRO A 42 11.75 1.74 -2.87
N ALA A 43 11.59 1.40 -4.15
CA ALA A 43 11.27 2.34 -5.21
C ALA A 43 9.81 2.81 -5.11
N LEU A 44 9.07 2.35 -4.10
CA LEU A 44 7.69 2.76 -3.86
C LEU A 44 7.53 3.33 -2.45
N LYS A 45 8.58 3.25 -1.63
CA LYS A 45 8.52 3.71 -0.24
C LYS A 45 8.27 5.20 -0.14
N TYR A 46 8.67 5.95 -1.18
CA TYR A 46 8.45 7.39 -1.23
C TYR A 46 7.55 7.73 -2.42
N VAL A 47 6.71 6.76 -2.80
CA VAL A 47 5.71 6.91 -3.86
C VAL A 47 4.34 6.50 -3.31
N ILE A 48 4.33 5.91 -2.11
CA ILE A 48 3.12 5.51 -1.42
C ILE A 48 3.09 6.17 -0.04
N PHE A 49 4.25 6.60 0.46
CA PHE A 49 4.34 7.30 1.74
C PHE A 49 5.17 8.55 1.61
N GLU A 50 5.04 9.46 2.59
CA GLU A 50 5.79 10.70 2.64
C GLU A 50 7.16 10.46 3.26
N LYS A 51 8.21 10.98 2.62
CA LYS A 51 9.59 10.96 3.10
C LYS A 51 9.78 11.90 4.30
N GLY A 52 8.82 11.92 5.23
CA GLY A 52 8.85 12.80 6.38
C GLY A 52 9.58 12.16 7.57
N ASP A 53 10.03 10.91 7.41
CA ASP A 53 10.73 10.16 8.44
C ASP A 53 12.19 10.56 8.56
N GLU A 54 12.54 11.77 8.10
CA GLU A 54 13.90 12.25 8.22
C GLU A 54 14.32 12.49 9.67
N LYS A 55 13.37 12.35 10.61
CA LYS A 55 13.60 12.56 12.03
C LYS A 55 12.91 11.48 12.87
N SER A 56 12.29 10.51 12.21
CA SER A 56 11.52 9.45 12.85
C SER A 56 11.75 8.13 12.13
N GLU A 57 10.93 7.14 12.48
CA GLU A 57 10.96 5.83 11.90
C GLU A 57 9.54 5.41 11.52
N ILE A 58 8.70 6.43 11.31
CA ILE A 58 7.28 6.26 11.05
C ILE A 58 6.91 6.96 9.74
N LEU A 59 6.47 6.17 8.77
CA LEU A 59 6.01 6.67 7.48
C LEU A 59 4.61 7.27 7.59
N ILE A 60 4.16 7.91 6.51
CA ILE A 60 2.85 8.54 6.42
C ILE A 60 2.30 8.30 5.03
N LEU A 61 1.09 7.73 4.90
CA LEU A 61 0.51 7.45 3.60
C LEU A 61 0.42 8.76 2.82
N CYS A 62 0.89 8.77 1.56
CA CYS A 62 0.92 9.96 0.73
C CYS A 62 -0.47 10.59 0.59
N GLY A 63 -0.51 11.87 0.21
CA GLY A 63 -1.75 12.62 0.09
C GLY A 63 -2.18 12.72 -1.38
N SER A 64 -1.64 11.84 -2.22
CA SER A 64 -1.88 11.84 -3.65
C SER A 64 -2.13 10.43 -4.19
N ILE A 65 -2.06 9.41 -3.32
CA ILE A 65 -2.24 8.03 -3.71
C ILE A 65 -3.66 7.57 -3.40
N ASN A 66 -4.10 6.53 -4.10
CA ASN A 66 -5.38 5.90 -3.84
C ASN A 66 -5.13 4.42 -3.54
N ILE A 67 -5.60 3.99 -2.38
CA ILE A 67 -5.45 2.61 -1.91
C ILE A 67 -6.83 1.95 -1.91
N LEU A 68 -6.86 0.65 -2.20
CA LEU A 68 -8.11 -0.10 -2.29
C LEU A 68 -8.02 -1.37 -1.46
N ILE A 69 -9.19 -1.96 -1.18
CA ILE A 69 -9.29 -3.28 -0.57
C ILE A 69 -10.34 -4.04 -1.36
N ASN A 70 -9.93 -4.99 -2.19
CA ASN A 70 -10.79 -5.65 -3.16
C ASN A 70 -11.49 -4.63 -4.09
N GLY A 71 -11.11 -3.35 -4.01
CA GLY A 71 -11.70 -2.28 -4.80
C GLY A 71 -12.56 -1.34 -3.94
N ASN A 72 -12.74 -1.66 -2.65
CA ASN A 72 -13.61 -0.92 -1.74
C ASN A 72 -13.07 0.45 -1.32
N ASN A 73 -11.86 0.82 -1.76
CA ASN A 73 -11.23 2.11 -1.47
C ASN A 73 -11.20 2.45 0.03
N ILE A 74 -10.09 2.17 0.72
CA ILE A 74 -9.95 2.52 2.14
C ILE A 74 -10.30 3.99 2.41
N ARG A 75 -10.27 4.84 1.39
CA ARG A 75 -10.62 6.25 1.52
C ARG A 75 -12.11 6.44 1.87
N HIS A 76 -12.90 5.36 1.81
CA HIS A 76 -14.29 5.36 2.24
C HIS A 76 -14.50 4.39 3.39
N LEU A 77 -13.40 3.85 3.92
CA LEU A 77 -13.42 2.87 5.01
C LEU A 77 -12.55 3.40 6.17
N GLU A 78 -12.05 2.50 7.02
CA GLU A 78 -11.30 2.88 8.20
C GLU A 78 -9.92 3.44 7.85
N GLY A 79 -9.54 3.45 6.57
CA GLY A 79 -8.22 3.91 6.17
C GLY A 79 -7.17 2.84 6.44
N LEU A 80 -6.02 3.26 6.96
CA LEU A 80 -4.90 2.37 7.28
C LEU A 80 -5.26 1.29 8.30
N GLU A 81 -6.50 1.27 8.80
CA GLU A 81 -6.93 0.32 9.83
C GLU A 81 -8.20 -0.41 9.40
N THR A 82 -8.45 -0.52 8.09
CA THR A 82 -9.60 -1.22 7.55
C THR A 82 -9.52 -2.71 7.83
N LEU A 83 -8.44 -3.15 8.48
CA LEU A 83 -8.15 -4.55 8.75
C LEU A 83 -8.04 -5.35 7.46
N LEU A 84 -7.50 -6.57 7.57
CA LEU A 84 -7.32 -7.48 6.44
C LEU A 84 -7.68 -8.91 6.85
N LYS A 85 -7.72 -9.80 5.86
CA LYS A 85 -8.04 -11.21 6.05
C LYS A 85 -7.14 -12.07 5.18
N ASP A 86 -7.13 -13.38 5.44
CA ASP A 86 -6.26 -14.34 4.79
C ASP A 86 -6.53 -14.54 3.30
N SER A 87 -7.40 -13.72 2.70
CA SER A 87 -7.70 -13.80 1.28
C SER A 87 -8.12 -12.42 0.78
N ASP A 88 -7.81 -11.38 1.55
CA ASP A 88 -8.07 -10.02 1.12
C ASP A 88 -7.10 -9.62 0.01
N GLU A 89 -7.24 -8.38 -0.47
CA GLU A 89 -6.48 -7.88 -1.61
C GLU A 89 -6.37 -6.36 -1.47
N ILE A 90 -5.31 -5.80 -2.04
CA ILE A 90 -5.02 -4.38 -1.97
C ILE A 90 -4.78 -3.90 -3.40
N GLY A 91 -4.96 -2.61 -3.64
CA GLY A 91 -4.61 -2.01 -4.91
C GLY A 91 -4.04 -0.63 -4.64
N ILE A 92 -2.97 -0.26 -5.34
CA ILE A 92 -2.33 1.02 -5.14
C ILE A 92 -2.26 1.77 -6.46
N LEU A 93 -2.75 3.02 -6.47
CA LEU A 93 -2.80 3.83 -7.68
C LEU A 93 -2.24 5.24 -7.42
N PRO A 94 -1.57 5.82 -8.41
CA PRO A 94 -0.99 7.14 -8.35
C PRO A 94 -2.05 8.21 -8.61
N PRO A 95 -1.71 9.50 -8.45
CA PRO A 95 -2.62 10.60 -8.75
C PRO A 95 -2.84 10.74 -10.26
N VAL A 96 -2.07 10.00 -11.06
CA VAL A 96 -2.13 9.94 -12.52
C VAL A 96 -2.24 11.31 -13.22
N SER A 97 -1.87 12.39 -12.51
CA SER A 97 -1.92 13.73 -13.08
C SER A 97 -1.05 14.72 -12.30
N GLY A 98 -0.93 14.53 -10.99
CA GLY A 98 -0.07 15.36 -10.14
C GLY A 98 -0.65 15.54 -8.75
N GLY A 99 -1.95 15.35 -8.58
CA GLY A 99 -2.61 15.48 -7.29
C GLY A 99 -4.13 15.36 -7.44
N GLY A 1 -1.38 -12.37 18.51
CA GLY A 1 -1.21 -11.53 17.31
C GLY A 1 -1.23 -12.37 16.04
N HIS A 2 -1.46 -11.71 14.90
CA HIS A 2 -1.50 -12.37 13.60
C HIS A 2 -1.14 -11.38 12.50
N MET A 3 -0.93 -11.89 11.29
CA MET A 3 -0.67 -11.11 10.09
C MET A 3 -1.43 -11.76 8.96
N ALA A 4 -2.59 -11.19 8.61
CA ALA A 4 -3.50 -11.77 7.65
C ALA A 4 -2.86 -11.80 6.27
N GLU A 5 -2.84 -12.97 5.64
CA GLU A 5 -2.23 -13.14 4.33
C GLU A 5 -3.14 -12.56 3.25
N VAL A 6 -2.58 -11.71 2.40
CA VAL A 6 -3.31 -11.02 1.34
C VAL A 6 -2.49 -10.97 0.06
N LYS A 7 -3.02 -10.23 -0.92
CA LYS A 7 -2.31 -9.93 -2.14
C LYS A 7 -2.27 -8.42 -2.35
N VAL A 8 -1.27 -7.93 -3.10
CA VAL A 8 -1.16 -6.52 -3.44
C VAL A 8 -1.04 -6.42 -4.95
N LYS A 9 -1.79 -5.50 -5.54
CA LYS A 9 -1.72 -5.22 -6.96
C LYS A 9 -1.21 -3.80 -7.19
N LEU A 10 -0.32 -3.63 -8.17
CA LEU A 10 0.22 -2.34 -8.54
C LEU A 10 -0.34 -1.98 -9.92
N PHE A 11 -0.28 -0.69 -10.25
CA PHE A 11 -0.82 -0.19 -11.50
C PHE A 11 0.05 0.97 -11.98
N ALA A 12 -0.01 1.27 -13.29
CA ALA A 12 0.84 2.27 -13.90
C ALA A 12 2.31 2.08 -13.47
N ASN A 13 3.05 3.19 -13.33
CA ASN A 13 4.46 3.18 -12.97
C ASN A 13 4.77 2.45 -11.66
N LEU A 14 3.76 2.14 -10.84
CA LEU A 14 3.99 1.40 -9.60
C LEU A 14 4.32 -0.05 -9.90
N ARG A 15 3.76 -0.59 -10.99
CA ARG A 15 4.05 -1.94 -11.46
C ARG A 15 5.47 -2.01 -12.02
N GLU A 16 5.94 -0.90 -12.59
CA GLU A 16 7.27 -0.82 -13.16
C GLU A 16 8.34 -0.80 -12.07
N ALA A 17 8.03 -0.22 -10.92
CA ALA A 17 9.00 -0.11 -9.86
C ALA A 17 9.00 -1.35 -8.97
N ALA A 18 7.88 -2.09 -8.95
CA ALA A 18 7.80 -3.36 -8.24
C ALA A 18 8.34 -4.49 -9.11
N GLY A 19 8.38 -4.26 -10.43
CA GLY A 19 8.83 -5.25 -11.38
C GLY A 19 7.77 -6.34 -11.58
N THR A 20 6.62 -6.21 -10.91
CA THR A 20 5.54 -7.18 -10.97
C THR A 20 4.19 -6.46 -10.90
N PRO A 21 3.15 -7.02 -11.52
CA PRO A 21 1.81 -6.45 -11.48
C PRO A 21 1.16 -6.72 -10.12
N GLU A 22 1.58 -7.77 -9.41
CA GLU A 22 1.03 -8.11 -8.12
C GLU A 22 1.94 -9.07 -7.36
N LEU A 23 1.74 -9.16 -6.04
CA LEU A 23 2.54 -10.02 -5.17
C LEU A 23 1.80 -10.34 -3.86
N PRO A 24 2.15 -11.45 -3.20
CA PRO A 24 1.60 -11.83 -1.91
C PRO A 24 2.30 -11.10 -0.77
N LEU A 25 1.57 -10.85 0.33
CA LEU A 25 2.07 -10.21 1.53
C LEU A 25 1.15 -10.52 2.71
N SER A 26 1.44 -9.96 3.87
CA SER A 26 0.63 -10.17 5.06
C SER A 26 0.63 -8.96 5.98
N GLY A 27 -0.39 -8.87 6.82
CA GLY A 27 -0.49 -7.84 7.84
C GLY A 27 -1.86 -7.88 8.51
N GLU A 28 -1.97 -7.34 9.72
CA GLU A 28 -3.22 -7.35 10.45
C GLU A 28 -4.16 -6.28 9.91
N LYS A 29 -3.56 -5.21 9.35
CA LYS A 29 -4.27 -4.07 8.79
C LYS A 29 -3.62 -3.64 7.50
N VAL A 30 -4.32 -2.80 6.74
CA VAL A 30 -3.83 -2.29 5.46
C VAL A 30 -2.38 -1.80 5.57
N ILE A 31 -2.08 -0.99 6.59
CA ILE A 31 -0.73 -0.43 6.75
C ILE A 31 0.34 -1.51 6.95
N ASP A 32 0.00 -2.62 7.59
CA ASP A 32 0.98 -3.65 7.88
C ASP A 32 1.44 -4.37 6.61
N VAL A 33 0.63 -4.30 5.54
CA VAL A 33 0.99 -4.86 4.25
C VAL A 33 1.66 -3.80 3.38
N LEU A 34 1.19 -2.55 3.45
CA LEU A 34 1.80 -1.47 2.67
C LEU A 34 3.24 -1.21 3.14
N LEU A 35 3.51 -1.42 4.43
CA LEU A 35 4.84 -1.29 4.99
C LEU A 35 5.72 -2.48 4.62
N SER A 36 5.09 -3.57 4.19
CA SER A 36 5.78 -4.76 3.73
C SER A 36 5.97 -4.71 2.21
N LEU A 37 5.15 -3.93 1.51
CA LEU A 37 5.30 -3.67 0.09
C LEU A 37 6.57 -2.86 -0.13
N THR A 38 6.73 -1.76 0.61
CA THR A 38 7.92 -0.91 0.52
C THR A 38 9.16 -1.63 1.05
N ASP A 39 8.97 -2.75 1.77
CA ASP A 39 10.07 -3.48 2.36
C ASP A 39 10.95 -4.15 1.30
N LYS A 40 10.32 -4.78 0.31
CA LYS A 40 11.06 -5.44 -0.74
C LYS A 40 11.17 -4.57 -1.98
N TYR A 41 10.30 -3.56 -2.05
CA TYR A 41 10.29 -2.59 -3.15
C TYR A 41 10.58 -1.19 -2.60
N PRO A 42 11.83 -0.90 -2.26
CA PRO A 42 12.23 0.38 -1.72
C PRO A 42 12.00 1.49 -2.76
N ALA A 43 11.85 1.09 -4.03
CA ALA A 43 11.56 2.00 -5.12
C ALA A 43 10.11 2.50 -5.05
N LEU A 44 9.36 2.08 -4.02
CA LEU A 44 7.99 2.51 -3.79
C LEU A 44 7.83 3.08 -2.39
N LYS A 45 8.90 3.04 -1.57
CA LYS A 45 8.85 3.50 -0.20
C LYS A 45 8.58 5.00 -0.09
N TYR A 46 8.90 5.74 -1.15
CA TYR A 46 8.68 7.18 -1.21
C TYR A 46 7.81 7.52 -2.41
N VAL A 47 6.97 6.55 -2.80
CA VAL A 47 5.99 6.70 -3.87
C VAL A 47 4.61 6.31 -3.33
N ILE A 48 4.58 5.65 -2.17
CA ILE A 48 3.36 5.26 -1.49
C ILE A 48 3.29 5.97 -0.13
N PHE A 49 4.45 6.41 0.39
CA PHE A 49 4.51 7.16 1.63
C PHE A 49 5.35 8.42 1.44
N GLU A 50 5.19 9.38 2.34
CA GLU A 50 5.91 10.63 2.30
C GLU A 50 7.28 10.47 2.96
N LYS A 51 8.34 11.01 2.34
CA LYS A 51 9.68 11.03 2.87
C LYS A 51 9.82 12.07 3.98
N GLY A 52 8.78 12.18 4.83
CA GLY A 52 8.70 13.19 5.88
C GLY A 52 9.44 12.77 7.14
N ASP A 53 10.39 11.84 7.02
CA ASP A 53 11.20 11.38 8.14
C ASP A 53 12.65 11.23 7.70
N GLU A 54 13.55 11.78 8.50
CA GLU A 54 14.99 11.70 8.27
C GLU A 54 15.74 11.42 9.58
N LYS A 55 15.01 11.22 10.68
CA LYS A 55 15.59 10.97 12.00
C LYS A 55 14.77 9.95 12.79
N SER A 56 13.72 9.38 12.17
CA SER A 56 12.83 8.44 12.82
C SER A 56 12.37 7.40 11.81
N GLU A 57 11.35 6.63 12.17
CA GLU A 57 10.85 5.55 11.34
C GLU A 57 9.35 5.66 11.12
N ILE A 58 8.83 6.88 11.33
CA ILE A 58 7.42 7.14 11.09
C ILE A 58 7.23 7.51 9.63
N LEU A 59 6.27 6.84 8.98
CA LEU A 59 5.91 7.07 7.59
C LEU A 59 4.49 7.61 7.51
N ILE A 60 4.11 8.13 6.34
CA ILE A 60 2.82 8.77 6.13
C ILE A 60 2.33 8.40 4.73
N LEU A 61 1.16 7.77 4.62
CA LEU A 61 0.60 7.38 3.34
C LEU A 61 0.48 8.63 2.47
N CYS A 62 1.02 8.59 1.25
CA CYS A 62 1.06 9.75 0.36
C CYS A 62 -0.33 10.33 0.15
N GLY A 63 -0.40 11.65 -0.06
CA GLY A 63 -1.64 12.38 -0.22
C GLY A 63 -2.08 12.43 -1.69
N SER A 64 -1.51 11.56 -2.52
CA SER A 64 -1.76 11.52 -3.95
C SER A 64 -2.01 10.09 -4.44
N ILE A 65 -1.83 9.10 -3.56
CA ILE A 65 -2.03 7.70 -3.89
C ILE A 65 -3.47 7.29 -3.61
N ASN A 66 -3.92 6.22 -4.28
CA ASN A 66 -5.21 5.63 -4.02
C ASN A 66 -5.01 4.16 -3.70
N ILE A 67 -5.49 3.76 -2.52
CA ILE A 67 -5.37 2.39 -2.06
C ILE A 67 -6.77 1.75 -2.09
N LEU A 68 -6.84 0.46 -2.41
CA LEU A 68 -8.09 -0.27 -2.54
C LEU A 68 -8.04 -1.54 -1.70
N ILE A 69 -9.20 -2.11 -1.39
CA ILE A 69 -9.29 -3.43 -0.77
C ILE A 69 -10.34 -4.21 -1.55
N ASN A 70 -9.91 -5.20 -2.34
CA ASN A 70 -10.76 -5.89 -3.29
C ASN A 70 -11.45 -4.90 -4.25
N GLY A 71 -11.04 -3.63 -4.23
CA GLY A 71 -11.62 -2.57 -5.05
C GLY A 71 -12.48 -1.60 -4.24
N ASN A 72 -12.68 -1.88 -2.95
CA ASN A 72 -13.57 -1.11 -2.08
C ASN A 72 -13.02 0.25 -1.66
N ASN A 73 -11.80 0.63 -2.09
CA ASN A 73 -11.17 1.91 -1.78
C ASN A 73 -11.16 2.25 -0.30
N ILE A 74 -10.04 2.01 0.41
CA ILE A 74 -9.93 2.35 1.83
C ILE A 74 -10.35 3.80 2.12
N ARG A 75 -10.32 4.68 1.10
CA ARG A 75 -10.74 6.06 1.24
C ARG A 75 -12.23 6.18 1.62
N HIS A 76 -13.00 5.10 1.46
CA HIS A 76 -14.41 5.06 1.83
C HIS A 76 -14.62 4.08 2.99
N LEU A 77 -13.52 3.58 3.56
CA LEU A 77 -13.52 2.62 4.65
C LEU A 77 -12.72 3.21 5.81
N GLU A 78 -12.18 2.35 6.68
CA GLU A 78 -11.45 2.79 7.87
C GLU A 78 -10.09 3.39 7.53
N GLY A 79 -9.71 3.39 6.25
CA GLY A 79 -8.41 3.89 5.83
C GLY A 79 -7.34 2.82 6.07
N LEU A 80 -6.17 3.24 6.54
CA LEU A 80 -5.04 2.35 6.81
C LEU A 80 -5.38 1.30 7.88
N GLU A 81 -6.56 1.38 8.48
CA GLU A 81 -6.99 0.50 9.55
C GLU A 81 -8.23 -0.31 9.16
N THR A 82 -8.47 -0.47 7.85
CA THR A 82 -9.61 -1.23 7.32
C THR A 82 -9.51 -2.72 7.64
N LEU A 83 -8.45 -3.12 8.35
CA LEU A 83 -8.16 -4.52 8.62
C LEU A 83 -7.98 -5.30 7.32
N LEU A 84 -7.50 -6.54 7.45
CA LEU A 84 -7.27 -7.46 6.33
C LEU A 84 -7.68 -8.87 6.76
N LYS A 85 -7.72 -9.79 5.80
CA LYS A 85 -8.07 -11.19 6.03
C LYS A 85 -7.16 -12.09 5.21
N ASP A 86 -7.18 -13.39 5.51
CA ASP A 86 -6.29 -14.37 4.92
C ASP A 86 -6.50 -14.61 3.42
N SER A 87 -7.35 -13.82 2.77
CA SER A 87 -7.57 -13.91 1.34
C SER A 87 -7.99 -12.55 0.78
N ASP A 88 -7.74 -11.48 1.54
CA ASP A 88 -8.01 -10.14 1.07
C ASP A 88 -7.01 -9.76 -0.03
N GLU A 89 -7.18 -8.56 -0.56
CA GLU A 89 -6.43 -8.05 -1.71
C GLU A 89 -6.39 -6.55 -1.61
N ILE A 90 -5.32 -5.95 -2.11
CA ILE A 90 -5.12 -4.51 -2.07
C ILE A 90 -4.67 -4.04 -3.44
N GLY A 91 -4.94 -2.79 -3.78
CA GLY A 91 -4.48 -2.21 -5.02
C GLY A 91 -3.94 -0.83 -4.74
N ILE A 92 -2.80 -0.51 -5.34
CA ILE A 92 -2.16 0.79 -5.15
C ILE A 92 -2.07 1.51 -6.49
N LEU A 93 -2.54 2.76 -6.54
CA LEU A 93 -2.58 3.54 -7.77
C LEU A 93 -2.05 4.95 -7.53
N PRO A 94 -1.37 5.53 -8.54
CA PRO A 94 -0.84 6.88 -8.49
C PRO A 94 -1.94 7.92 -8.71
N PRO A 95 -1.63 9.21 -8.57
CA PRO A 95 -2.57 10.28 -8.85
C PRO A 95 -2.89 10.37 -10.34
N VAL A 96 -3.93 11.13 -10.68
CA VAL A 96 -4.35 11.31 -12.08
C VAL A 96 -4.90 12.72 -12.31
N SER A 97 -4.80 13.59 -11.30
CA SER A 97 -5.31 14.95 -11.40
C SER A 97 -4.64 15.84 -10.36
N GLY A 98 -4.98 17.13 -10.37
CA GLY A 98 -4.41 18.11 -9.44
C GLY A 98 -4.79 19.55 -9.78
N GLY A 99 -5.28 19.80 -11.01
CA GLY A 99 -5.70 21.14 -11.41
C GLY A 99 -6.26 21.11 -12.83
N GLY A 1 0.03 -13.10 18.09
CA GLY A 1 -0.13 -12.14 16.99
C GLY A 1 -0.29 -12.86 15.65
N HIS A 2 -0.66 -12.12 14.60
CA HIS A 2 -0.86 -12.68 13.27
C HIS A 2 -0.62 -11.59 12.22
N MET A 3 -0.54 -12.03 10.95
CA MET A 3 -0.43 -11.17 9.79
C MET A 3 -1.28 -11.82 8.70
N ALA A 4 -2.45 -11.25 8.43
CA ALA A 4 -3.39 -11.81 7.49
C ALA A 4 -2.75 -11.84 6.11
N GLU A 5 -2.82 -13.00 5.45
CA GLU A 5 -2.22 -13.15 4.13
C GLU A 5 -3.11 -12.48 3.09
N VAL A 6 -2.49 -11.68 2.22
CA VAL A 6 -3.22 -10.87 1.25
C VAL A 6 -2.46 -10.82 -0.07
N LYS A 7 -2.94 -9.97 -0.98
CA LYS A 7 -2.27 -9.67 -2.23
C LYS A 7 -2.18 -8.16 -2.40
N VAL A 8 -1.21 -7.67 -3.15
CA VAL A 8 -1.08 -6.26 -3.46
C VAL A 8 -0.91 -6.11 -4.96
N LYS A 9 -1.60 -5.13 -5.53
CA LYS A 9 -1.49 -4.78 -6.93
C LYS A 9 -0.98 -3.35 -7.06
N LEU A 10 -0.26 -3.09 -8.15
CA LEU A 10 0.31 -1.77 -8.44
C LEU A 10 -0.13 -1.37 -9.84
N PHE A 11 -0.13 -0.07 -10.11
CA PHE A 11 -0.63 0.47 -11.37
C PHE A 11 0.21 1.67 -11.77
N ALA A 12 0.16 2.03 -13.06
CA ALA A 12 0.99 3.10 -13.60
C ALA A 12 2.44 2.96 -13.15
N ASN A 13 3.15 4.08 -12.98
CA ASN A 13 4.55 4.10 -12.61
C ASN A 13 4.87 3.36 -11.30
N LEU A 14 3.85 2.96 -10.52
CA LEU A 14 4.09 2.19 -9.31
C LEU A 14 4.48 0.75 -9.65
N ARG A 15 3.95 0.23 -10.77
CA ARG A 15 4.28 -1.10 -11.26
C ARG A 15 5.72 -1.11 -11.77
N GLU A 16 6.15 0.02 -12.31
CA GLU A 16 7.50 0.21 -12.83
C GLU A 16 8.53 0.31 -11.72
N ALA A 17 8.06 0.67 -10.52
CA ALA A 17 8.95 0.88 -9.39
C ALA A 17 9.13 -0.41 -8.59
N ALA A 18 8.51 -1.50 -9.04
CA ALA A 18 8.63 -2.81 -8.43
C ALA A 18 8.88 -3.88 -9.49
N GLY A 19 8.81 -3.50 -10.77
CA GLY A 19 9.00 -4.41 -11.88
C GLY A 19 7.92 -5.48 -11.97
N THR A 20 6.85 -5.36 -11.16
CA THR A 20 5.77 -6.33 -11.13
C THR A 20 4.43 -5.62 -10.95
N PRO A 21 3.36 -6.12 -11.58
CA PRO A 21 2.03 -5.57 -11.47
C PRO A 21 1.35 -5.98 -10.16
N GLU A 22 1.86 -7.02 -9.50
CA GLU A 22 1.26 -7.52 -8.27
C GLU A 22 2.22 -8.45 -7.52
N LEU A 23 1.96 -8.64 -6.22
CA LEU A 23 2.74 -9.52 -5.37
C LEU A 23 1.94 -9.97 -4.14
N PRO A 24 2.27 -11.13 -3.56
CA PRO A 24 1.68 -11.60 -2.32
C PRO A 24 2.34 -10.93 -1.11
N LEU A 25 1.60 -10.81 -0.01
CA LEU A 25 2.10 -10.20 1.22
C LEU A 25 1.22 -10.59 2.40
N SER A 26 1.50 -10.01 3.58
CA SER A 26 0.68 -10.22 4.76
C SER A 26 0.65 -8.96 5.63
N GLY A 27 -0.35 -8.89 6.51
CA GLY A 27 -0.49 -7.82 7.49
C GLY A 27 -1.89 -7.86 8.10
N GLU A 28 -2.01 -7.51 9.38
CA GLU A 28 -3.29 -7.58 10.07
C GLU A 28 -4.19 -6.39 9.68
N LYS A 29 -3.56 -5.29 9.26
CA LYS A 29 -4.24 -4.09 8.81
C LYS A 29 -3.59 -3.59 7.51
N VAL A 30 -4.23 -2.60 6.89
CA VAL A 30 -3.76 -2.09 5.60
C VAL A 30 -2.32 -1.61 5.73
N ILE A 31 -2.02 -0.89 6.80
CA ILE A 31 -0.67 -0.36 7.02
C ILE A 31 0.36 -1.49 7.16
N ASP A 32 0.00 -2.61 7.77
CA ASP A 32 0.96 -3.70 7.98
C ASP A 32 1.33 -4.35 6.66
N VAL A 33 0.48 -4.24 5.65
CA VAL A 33 0.77 -4.79 4.33
C VAL A 33 1.57 -3.76 3.53
N LEU A 34 1.16 -2.49 3.57
CA LEU A 34 1.82 -1.43 2.84
C LEU A 34 3.26 -1.20 3.35
N LEU A 35 3.52 -1.46 4.63
CA LEU A 35 4.86 -1.33 5.18
C LEU A 35 5.76 -2.49 4.75
N SER A 36 5.15 -3.58 4.27
CA SER A 36 5.91 -4.71 3.74
C SER A 36 6.12 -4.54 2.24
N LEU A 37 5.22 -3.79 1.59
CA LEU A 37 5.34 -3.46 0.19
C LEU A 37 6.60 -2.61 0.00
N THR A 38 6.74 -1.55 0.81
CA THR A 38 7.89 -0.67 0.77
C THR A 38 9.16 -1.38 1.24
N ASP A 39 9.03 -2.54 1.89
CA ASP A 39 10.19 -3.26 2.41
C ASP A 39 11.03 -3.85 1.29
N LYS A 40 10.38 -4.47 0.30
CA LYS A 40 11.10 -5.05 -0.81
C LYS A 40 11.17 -4.10 -1.99
N TYR A 41 10.30 -3.09 -2.01
CA TYR A 41 10.26 -2.07 -3.04
C TYR A 41 10.52 -0.69 -2.40
N PRO A 42 11.78 -0.39 -2.07
CA PRO A 42 12.15 0.87 -1.43
C PRO A 42 11.88 2.05 -2.36
N ALA A 43 11.72 1.77 -3.66
CA ALA A 43 11.40 2.78 -4.65
C ALA A 43 9.92 3.20 -4.54
N LEU A 44 9.20 2.65 -3.56
CA LEU A 44 7.81 3.02 -3.29
C LEU A 44 7.65 3.51 -1.86
N LYS A 45 8.71 3.42 -1.05
CA LYS A 45 8.67 3.82 0.35
C LYS A 45 8.39 5.30 0.54
N TYR A 46 8.71 6.10 -0.48
CA TYR A 46 8.50 7.54 -0.44
C TYR A 46 7.60 7.97 -1.60
N VAL A 47 6.74 7.05 -2.03
CA VAL A 47 5.74 7.28 -3.07
C VAL A 47 4.37 6.91 -2.52
N ILE A 48 4.31 5.84 -1.73
CA ILE A 48 3.10 5.42 -1.03
C ILE A 48 2.99 6.19 0.28
N PHE A 49 4.12 6.66 0.81
CA PHE A 49 4.16 7.38 2.06
C PHE A 49 4.97 8.68 1.91
N GLU A 50 4.76 9.60 2.85
CA GLU A 50 5.49 10.85 2.91
C GLU A 50 6.79 10.62 3.66
N LYS A 51 7.89 11.20 3.17
CA LYS A 51 9.20 11.09 3.80
C LYS A 51 9.31 12.05 4.97
N GLY A 52 8.42 11.88 5.96
CA GLY A 52 8.35 12.77 7.11
C GLY A 52 9.22 12.31 8.28
N ASP A 53 9.88 11.16 8.15
CA ASP A 53 10.87 10.74 9.11
C ASP A 53 11.96 9.97 8.38
N GLU A 54 13.21 10.33 8.66
CA GLU A 54 14.39 9.75 8.03
C GLU A 54 15.30 9.06 9.04
N LYS A 55 14.81 8.84 10.26
CA LYS A 55 15.55 8.16 11.33
C LYS A 55 14.67 7.16 12.07
N SER A 56 13.42 6.98 11.62
CA SER A 56 12.46 6.09 12.23
C SER A 56 11.51 5.55 11.18
N GLU A 57 10.79 4.48 11.55
CA GLU A 57 9.83 3.81 10.68
C GLU A 57 8.49 4.54 10.66
N ILE A 58 8.40 5.69 11.34
CA ILE A 58 7.21 6.51 11.27
C ILE A 58 7.05 7.02 9.84
N LEU A 59 5.86 6.80 9.28
CA LEU A 59 5.50 7.23 7.94
C LEU A 59 4.06 7.73 7.91
N ILE A 60 3.65 8.29 6.77
CA ILE A 60 2.33 8.87 6.57
C ILE A 60 1.86 8.51 5.17
N LEU A 61 0.69 7.90 5.03
CA LEU A 61 0.17 7.53 3.72
C LEU A 61 0.03 8.78 2.87
N CYS A 62 0.68 8.82 1.70
CA CYS A 62 0.69 9.98 0.84
C CYS A 62 -0.73 10.40 0.47
N GLY A 63 -1.03 11.70 0.59
CA GLY A 63 -2.36 12.21 0.31
C GLY A 63 -2.69 12.18 -1.18
N SER A 64 -1.68 11.96 -2.02
CA SER A 64 -1.83 11.91 -3.47
C SER A 64 -2.14 10.50 -3.96
N ILE A 65 -1.84 9.49 -3.14
CA ILE A 65 -2.04 8.09 -3.50
C ILE A 65 -3.48 7.69 -3.25
N ASN A 66 -3.90 6.61 -3.93
CA ASN A 66 -5.19 6.01 -3.68
C ASN A 66 -4.97 4.53 -3.41
N ILE A 67 -5.49 4.06 -2.28
CA ILE A 67 -5.37 2.67 -1.88
C ILE A 67 -6.75 2.04 -1.92
N LEU A 68 -6.83 0.76 -2.29
CA LEU A 68 -8.08 0.03 -2.40
C LEU A 68 -8.00 -1.26 -1.61
N ILE A 69 -9.16 -1.83 -1.28
CA ILE A 69 -9.24 -3.16 -0.69
C ILE A 69 -10.28 -3.94 -1.48
N ASN A 70 -9.83 -4.91 -2.29
CA ASN A 70 -10.69 -5.60 -3.25
C ASN A 70 -11.40 -4.61 -4.18
N GLY A 71 -11.01 -3.33 -4.14
CA GLY A 71 -11.62 -2.27 -4.95
C GLY A 71 -12.48 -1.32 -4.10
N ASN A 72 -12.63 -1.62 -2.81
CA ASN A 72 -13.53 -0.89 -1.91
C ASN A 72 -12.99 0.47 -1.44
N ASN A 73 -11.79 0.89 -1.86
CA ASN A 73 -11.16 2.16 -1.51
C ASN A 73 -11.16 2.46 -0.01
N ILE A 74 -10.03 2.22 0.68
CA ILE A 74 -9.92 2.53 2.11
C ILE A 74 -10.34 3.96 2.43
N ARG A 75 -10.32 4.86 1.44
CA ARG A 75 -10.79 6.24 1.64
C ARG A 75 -12.26 6.31 2.02
N HIS A 76 -13.00 5.20 1.88
CA HIS A 76 -14.40 5.11 2.27
C HIS A 76 -14.59 4.06 3.36
N LEU A 77 -13.49 3.57 3.91
CA LEU A 77 -13.47 2.55 4.94
C LEU A 77 -12.68 3.05 6.14
N GLU A 78 -12.14 2.14 6.95
CA GLU A 78 -11.44 2.48 8.17
C GLU A 78 -10.07 3.13 7.88
N GLY A 79 -9.69 3.24 6.60
CA GLY A 79 -8.40 3.79 6.24
C GLY A 79 -7.30 2.75 6.46
N LEU A 80 -6.17 3.18 7.01
CA LEU A 80 -5.02 2.32 7.27
C LEU A 80 -5.34 1.17 8.24
N GLU A 81 -6.59 1.07 8.71
CA GLU A 81 -6.99 0.10 9.73
C GLU A 81 -8.21 -0.71 9.27
N THR A 82 -8.43 -0.81 7.96
CA THR A 82 -9.54 -1.55 7.37
C THR A 82 -9.49 -3.06 7.68
N LEU A 83 -8.47 -3.52 8.43
CA LEU A 83 -8.36 -4.91 8.86
C LEU A 83 -8.47 -5.91 7.72
N LEU A 84 -7.34 -6.14 7.06
CA LEU A 84 -7.18 -7.13 5.99
C LEU A 84 -7.53 -8.53 6.48
N LYS A 85 -7.62 -9.49 5.55
CA LYS A 85 -7.98 -10.88 5.83
C LYS A 85 -7.13 -11.81 4.97
N ASP A 86 -7.17 -13.10 5.30
CA ASP A 86 -6.31 -14.12 4.74
C ASP A 86 -6.48 -14.38 3.23
N SER A 87 -7.29 -13.58 2.55
CA SER A 87 -7.42 -13.68 1.10
C SER A 87 -7.84 -12.32 0.52
N ASP A 88 -7.67 -11.26 1.31
CA ASP A 88 -7.93 -9.91 0.83
C ASP A 88 -6.91 -9.49 -0.22
N GLU A 89 -7.11 -8.29 -0.76
CA GLU A 89 -6.31 -7.75 -1.84
C GLU A 89 -6.27 -6.23 -1.71
N ILE A 90 -5.19 -5.63 -2.20
CA ILE A 90 -4.99 -4.19 -2.13
C ILE A 90 -4.55 -3.72 -3.51
N GLY A 91 -4.85 -2.46 -3.84
CA GLY A 91 -4.40 -1.86 -5.08
C GLY A 91 -3.92 -0.45 -4.77
N ILE A 92 -2.72 -0.13 -5.24
CA ILE A 92 -2.12 1.18 -5.00
C ILE A 92 -2.05 1.95 -6.32
N LEU A 93 -2.51 3.21 -6.30
CA LEU A 93 -2.56 4.04 -7.50
C LEU A 93 -2.04 5.44 -7.20
N PRO A 94 -1.40 6.10 -8.18
CA PRO A 94 -0.88 7.45 -8.08
C PRO A 94 -2.01 8.48 -8.24
N PRO A 95 -1.71 9.77 -8.05
CA PRO A 95 -2.66 10.85 -8.30
C PRO A 95 -2.95 10.97 -9.80
N VAL A 96 -3.98 11.76 -10.14
CA VAL A 96 -4.38 11.98 -11.52
C VAL A 96 -5.07 13.34 -11.65
N SER A 97 -5.02 13.92 -12.86
CA SER A 97 -5.65 15.21 -13.11
C SER A 97 -6.17 15.32 -14.55
N GLY A 98 -6.03 14.25 -15.35
CA GLY A 98 -6.51 14.25 -16.72
C GLY A 98 -5.88 13.13 -17.55
N GLY A 99 -4.78 12.55 -17.07
CA GLY A 99 -4.08 11.46 -17.74
C GLY A 99 -2.82 11.08 -16.99
N GLY A 1 -3.77 -9.91 16.62
CA GLY A 1 -4.00 -10.42 15.24
C GLY A 1 -3.06 -11.57 14.91
N HIS A 2 -2.77 -11.77 13.62
CA HIS A 2 -1.93 -12.88 13.19
C HIS A 2 -1.22 -12.60 11.88
N MET A 3 -1.07 -11.32 11.54
CA MET A 3 -0.59 -10.87 10.24
C MET A 3 -1.34 -11.59 9.11
N ALA A 4 -2.50 -11.06 8.77
CA ALA A 4 -3.42 -11.67 7.83
C ALA A 4 -2.79 -11.69 6.45
N GLU A 5 -2.82 -12.86 5.80
CA GLU A 5 -2.26 -13.01 4.46
C GLU A 5 -3.20 -12.42 3.44
N VAL A 6 -2.65 -11.64 2.51
CA VAL A 6 -3.45 -10.97 1.47
C VAL A 6 -2.69 -10.97 0.15
N LYS A 7 -3.26 -10.31 -0.85
CA LYS A 7 -2.61 -10.07 -2.11
C LYS A 7 -2.47 -8.56 -2.32
N VAL A 8 -1.48 -8.15 -3.12
CA VAL A 8 -1.21 -6.75 -3.40
C VAL A 8 -0.93 -6.60 -4.89
N LYS A 9 -1.69 -5.72 -5.52
CA LYS A 9 -1.50 -5.41 -6.93
C LYS A 9 -0.97 -3.99 -7.09
N LEU A 10 -0.25 -3.75 -8.19
CA LEU A 10 0.33 -2.45 -8.52
C LEU A 10 -0.11 -2.09 -9.93
N PHE A 11 -0.10 -0.80 -10.25
CA PHE A 11 -0.61 -0.32 -11.54
C PHE A 11 0.24 0.84 -12.02
N ALA A 12 0.19 1.13 -13.32
CA ALA A 12 1.03 2.14 -13.93
C ALA A 12 2.48 2.01 -13.49
N ASN A 13 3.20 3.14 -13.36
CA ASN A 13 4.61 3.16 -13.01
C ASN A 13 4.92 2.48 -11.67
N LEU A 14 3.92 2.12 -10.86
CA LEU A 14 4.16 1.42 -9.60
C LEU A 14 4.53 -0.04 -9.88
N ARG A 15 4.01 -0.61 -10.96
CA ARG A 15 4.33 -1.96 -11.40
C ARG A 15 5.75 -2.02 -11.93
N GLU A 16 6.17 -0.92 -12.55
CA GLU A 16 7.50 -0.78 -13.14
C GLU A 16 8.59 -0.64 -12.10
N ALA A 17 8.20 -0.17 -10.91
CA ALA A 17 9.17 0.10 -9.86
C ALA A 17 9.35 -1.13 -8.96
N ALA A 18 8.67 -2.22 -9.28
CA ALA A 18 8.78 -3.48 -8.56
C ALA A 18 9.00 -4.64 -9.54
N GLY A 19 8.90 -4.34 -10.85
CA GLY A 19 9.07 -5.33 -11.90
C GLY A 19 7.98 -6.41 -11.88
N THR A 20 6.92 -6.20 -11.08
CA THR A 20 5.84 -7.16 -10.96
C THR A 20 4.50 -6.44 -10.87
N PRO A 21 3.44 -7.00 -11.47
CA PRO A 21 2.10 -6.43 -11.42
C PRO A 21 1.41 -6.72 -10.10
N GLU A 22 1.86 -7.74 -9.36
CA GLU A 22 1.23 -8.14 -8.13
C GLU A 22 2.11 -9.10 -7.33
N LEU A 23 1.81 -9.27 -6.04
CA LEU A 23 2.51 -10.20 -5.16
C LEU A 23 1.69 -10.45 -3.90
N PRO A 24 1.90 -11.60 -3.23
CA PRO A 24 1.31 -11.88 -1.93
C PRO A 24 2.07 -11.12 -0.84
N LEU A 25 1.40 -10.87 0.29
CA LEU A 25 1.98 -10.21 1.45
C LEU A 25 1.11 -10.50 2.67
N SER A 26 1.44 -9.91 3.82
CA SER A 26 0.66 -10.10 5.04
C SER A 26 0.70 -8.88 5.94
N GLY A 27 -0.28 -8.75 6.82
CA GLY A 27 -0.34 -7.71 7.83
C GLY A 27 -1.68 -7.75 8.56
N GLU A 28 -1.72 -7.23 9.79
CA GLU A 28 -2.94 -7.25 10.58
C GLU A 28 -3.89 -6.16 10.09
N LYS A 29 -3.33 -5.10 9.50
CA LYS A 29 -4.06 -3.96 8.96
C LYS A 29 -3.43 -3.54 7.64
N VAL A 30 -4.16 -2.70 6.90
CA VAL A 30 -3.69 -2.20 5.61
C VAL A 30 -2.24 -1.73 5.67
N ILE A 31 -1.89 -0.92 6.66
CA ILE A 31 -0.54 -0.38 6.78
C ILE A 31 0.52 -1.47 6.96
N ASP A 32 0.18 -2.56 7.65
CA ASP A 32 1.16 -3.61 7.91
C ASP A 32 1.56 -4.33 6.62
N VAL A 33 0.73 -4.24 5.58
CA VAL A 33 1.06 -4.80 4.28
C VAL A 33 1.80 -3.77 3.44
N LEU A 34 1.33 -2.51 3.46
CA LEU A 34 1.95 -1.46 2.68
C LEU A 34 3.38 -1.20 3.14
N LEU A 35 3.69 -1.48 4.41
CA LEU A 35 5.03 -1.29 4.95
C LEU A 35 5.98 -2.40 4.53
N SER A 36 5.45 -3.54 4.08
CA SER A 36 6.29 -4.62 3.56
C SER A 36 6.57 -4.41 2.08
N LEU A 37 5.61 -3.80 1.38
CA LEU A 37 5.75 -3.47 -0.03
C LEU A 37 6.96 -2.58 -0.23
N THR A 38 7.09 -1.52 0.57
CA THR A 38 8.21 -0.59 0.50
C THR A 38 9.49 -1.23 1.03
N ASP A 39 9.38 -2.36 1.76
CA ASP A 39 10.54 -3.00 2.36
C ASP A 39 11.38 -3.70 1.30
N LYS A 40 10.73 -4.31 0.33
CA LYS A 40 11.40 -5.03 -0.75
C LYS A 40 11.58 -4.13 -1.97
N TYR A 41 10.73 -3.11 -2.08
CA TYR A 41 10.72 -2.18 -3.20
C TYR A 41 10.93 -0.76 -2.67
N PRO A 42 12.18 -0.40 -2.35
CA PRO A 42 12.50 0.92 -1.83
C PRO A 42 12.21 1.99 -2.87
N ALA A 43 12.07 1.57 -4.13
CA ALA A 43 11.70 2.43 -5.24
C ALA A 43 10.23 2.85 -5.15
N LEU A 44 9.53 2.41 -4.10
CA LEU A 44 8.13 2.77 -3.85
C LEU A 44 7.97 3.34 -2.44
N LYS A 45 9.03 3.31 -1.62
CA LYS A 45 8.97 3.79 -0.25
C LYS A 45 8.64 5.28 -0.17
N TYR A 46 8.95 6.02 -1.23
CA TYR A 46 8.67 7.45 -1.31
C TYR A 46 7.78 7.73 -2.52
N VAL A 47 7.01 6.72 -2.93
CA VAL A 47 6.04 6.81 -4.01
C VAL A 47 4.67 6.36 -3.48
N ILE A 48 4.65 5.79 -2.27
CA ILE A 48 3.43 5.38 -1.60
C ILE A 48 3.34 6.06 -0.24
N PHE A 49 4.47 6.55 0.28
CA PHE A 49 4.50 7.26 1.55
C PHE A 49 5.26 8.57 1.43
N GLU A 50 5.03 9.48 2.38
CA GLU A 50 5.72 10.76 2.45
C GLU A 50 7.17 10.53 2.88
N LYS A 51 8.06 11.44 2.47
CA LYS A 51 9.49 11.35 2.76
C LYS A 51 9.83 12.00 4.10
N GLY A 52 8.85 12.06 5.00
CA GLY A 52 9.02 12.68 6.31
C GLY A 52 9.50 11.66 7.33
N ASP A 53 9.80 12.13 8.55
CA ASP A 53 10.29 11.29 9.64
C ASP A 53 11.38 10.33 9.17
N GLU A 54 12.29 10.83 8.32
CA GLU A 54 13.35 10.05 7.72
C GLU A 54 14.39 9.54 8.72
N LYS A 55 14.09 9.57 10.02
CA LYS A 55 14.98 9.12 11.08
C LYS A 55 14.26 8.19 12.05
N SER A 56 13.02 7.80 11.71
CA SER A 56 12.18 6.94 12.53
C SER A 56 11.33 6.04 11.66
N GLU A 57 10.70 5.05 12.29
CA GLU A 57 9.86 4.08 11.61
C GLU A 57 8.46 4.64 11.38
N ILE A 58 8.22 5.88 11.80
CA ILE A 58 6.98 6.57 11.51
C ILE A 58 6.96 6.92 10.03
N LEU A 59 5.85 6.60 9.36
CA LEU A 59 5.62 6.94 7.97
C LEU A 59 4.17 7.41 7.79
N ILE A 60 3.88 7.97 6.62
CA ILE A 60 2.58 8.54 6.30
C ILE A 60 2.26 8.22 4.84
N LEU A 61 1.05 7.74 4.56
CA LEU A 61 0.65 7.46 3.18
C LEU A 61 0.71 8.75 2.38
N CYS A 62 1.16 8.67 1.12
CA CYS A 62 1.27 9.85 0.28
C CYS A 62 -0.10 10.51 0.09
N GLY A 63 -0.10 11.79 -0.29
CA GLY A 63 -1.32 12.59 -0.42
C GLY A 63 -1.83 12.62 -1.85
N SER A 64 -1.40 11.65 -2.67
CA SER A 64 -1.74 11.59 -4.08
C SER A 64 -2.02 10.16 -4.55
N ILE A 65 -1.81 9.17 -3.68
CA ILE A 65 -1.98 7.77 -4.02
C ILE A 65 -3.40 7.32 -3.72
N ASN A 66 -3.82 6.23 -4.35
CA ASN A 66 -5.10 5.61 -4.07
C ASN A 66 -4.85 4.15 -3.72
N ILE A 67 -5.33 3.77 -2.53
CA ILE A 67 -5.19 2.41 -2.02
C ILE A 67 -6.58 1.78 -2.00
N LEU A 68 -6.65 0.48 -2.28
CA LEU A 68 -7.91 -0.22 -2.36
C LEU A 68 -7.88 -1.47 -1.48
N ILE A 69 -9.06 -2.00 -1.16
CA ILE A 69 -9.22 -3.28 -0.50
C ILE A 69 -10.28 -4.05 -1.27
N ASN A 70 -9.87 -5.06 -2.06
CA ASN A 70 -10.75 -5.72 -3.00
C ASN A 70 -11.41 -4.74 -3.98
N GLY A 71 -10.99 -3.48 -3.97
CA GLY A 71 -11.55 -2.42 -4.81
C GLY A 71 -12.38 -1.42 -4.01
N ASN A 72 -12.58 -1.68 -2.71
CA ASN A 72 -13.45 -0.88 -1.86
C ASN A 72 -12.87 0.49 -1.47
N ASN A 73 -11.65 0.82 -1.91
CA ASN A 73 -10.98 2.09 -1.64
C ASN A 73 -10.98 2.48 -0.15
N ILE A 74 -9.88 2.21 0.56
CA ILE A 74 -9.77 2.61 1.97
C ILE A 74 -10.15 4.07 2.22
N ARG A 75 -10.09 4.92 1.18
CA ARG A 75 -10.49 6.32 1.28
C ARG A 75 -11.96 6.47 1.62
N HIS A 76 -12.75 5.40 1.51
CA HIS A 76 -14.16 5.39 1.90
C HIS A 76 -14.40 4.45 3.07
N LEU A 77 -13.31 3.95 3.65
CA LEU A 77 -13.33 3.03 4.78
C LEU A 77 -12.51 3.62 5.93
N GLU A 78 -12.00 2.74 6.80
CA GLU A 78 -11.25 3.13 7.99
C GLU A 78 -9.90 3.78 7.65
N GLY A 79 -9.46 3.65 6.39
CA GLY A 79 -8.15 4.12 5.98
C GLY A 79 -7.11 3.04 6.25
N LEU A 80 -5.92 3.44 6.69
CA LEU A 80 -4.82 2.53 7.00
C LEU A 80 -5.15 1.53 8.10
N GLU A 81 -6.38 1.50 8.61
CA GLU A 81 -6.78 0.65 9.72
C GLU A 81 -8.05 -0.14 9.39
N THR A 82 -8.32 -0.32 8.08
CA THR A 82 -9.48 -1.07 7.60
C THR A 82 -9.39 -2.55 7.96
N LEU A 83 -8.29 -2.95 8.61
CA LEU A 83 -8.01 -4.35 8.91
C LEU A 83 -7.90 -5.18 7.61
N LEU A 84 -7.40 -6.41 7.75
CA LEU A 84 -7.23 -7.33 6.64
C LEU A 84 -7.63 -8.74 7.07
N LYS A 85 -7.71 -9.65 6.09
CA LYS A 85 -8.06 -11.06 6.30
C LYS A 85 -7.22 -11.94 5.39
N ASP A 86 -7.23 -13.24 5.66
CA ASP A 86 -6.43 -14.25 4.97
C ASP A 86 -6.63 -14.37 3.48
N SER A 87 -7.59 -13.61 2.97
CA SER A 87 -7.94 -13.70 1.58
C SER A 87 -8.29 -12.32 1.05
N ASP A 88 -7.94 -11.29 1.82
CA ASP A 88 -8.14 -9.91 1.38
C ASP A 88 -7.15 -9.57 0.25
N GLU A 89 -7.25 -8.35 -0.26
CA GLU A 89 -6.50 -7.92 -1.42
C GLU A 89 -6.31 -6.41 -1.36
N ILE A 90 -5.23 -5.93 -1.98
CA ILE A 90 -4.85 -4.53 -1.97
C ILE A 90 -4.55 -4.13 -3.40
N GLY A 91 -4.68 -2.83 -3.70
CA GLY A 91 -4.28 -2.29 -4.98
C GLY A 91 -3.76 -0.89 -4.75
N ILE A 92 -2.63 -0.56 -5.36
CA ILE A 92 -2.02 0.75 -5.20
C ILE A 92 -1.96 1.45 -6.55
N LEU A 93 -2.45 2.69 -6.60
CA LEU A 93 -2.53 3.46 -7.83
C LEU A 93 -1.98 4.87 -7.61
N PRO A 94 -1.34 5.44 -8.63
CA PRO A 94 -0.82 6.81 -8.62
C PRO A 94 -1.95 7.81 -8.84
N PRO A 95 -1.67 9.12 -8.72
CA PRO A 95 -2.65 10.16 -9.00
C PRO A 95 -2.98 10.19 -10.48
N VAL A 96 -4.14 10.78 -10.81
CA VAL A 96 -4.63 10.89 -12.17
C VAL A 96 -5.34 12.22 -12.37
N SER A 97 -5.50 12.63 -13.63
CA SER A 97 -6.15 13.87 -14.02
C SER A 97 -5.54 15.09 -13.34
N GLY A 98 -6.18 16.25 -13.50
CA GLY A 98 -5.73 17.50 -12.91
C GLY A 98 -6.71 18.63 -13.19
N GLY A 99 -6.40 19.84 -12.69
CA GLY A 99 -7.24 21.01 -12.88
C GLY A 99 -6.65 22.22 -12.17
#